data_8J9D
#
_entry.id   8J9D
#
_cell.length_a   105.008
_cell.length_b   95.196
_cell.length_c   144.489
_cell.angle_alpha   90.000
_cell.angle_beta   104.472
_cell.angle_gamma   90.000
#
_symmetry.space_group_name_H-M   'P 1 21 1'
#
loop_
_entity.id
_entity.type
_entity.pdbx_description
1 polymer 'Putative glycyl aminopeptidase'
2 non-polymer 'ZINC ION'
3 non-polymer '2-(3-AMINO-2-HYDROXY-4-PHENYL-BUTYRYLAMINO)-4-METHYL-PENTANOIC ACID'
4 non-polymer GLYCEROL
5 non-polymer 2-AMINO-2-HYDROXYMETHYL-PROPANE-1,3-DIOL
6 water water
#
_entity_poly.entity_id   1
_entity_poly.type   'polypeptide(L)'
_entity_poly.pdbx_seq_one_letter_code
;MGSSHHHHHHSSGLVPRGSHMMNVPTVLSLSLLAALSLPAAAATAAPQDVPFEGTLKIDVDATDLQHRIFKVKTTMPATP
GPMTLLYPQWIPGNHSPTGPIDKLAGLVIKVDGKVVPWTRDQFDVYAFKVDVPQGASELVAEFKFLSPQASSQGRVMMTP
EMLNLQWNTTALYPAGYFARNIKAQASVTLPAGWSYATAMETERRVGDTVTFKPIDFDDLVDSPMFAGKYYKRVELSAGK
QPVYLNVFADEAKSLDAKPEQIKAHAALVQQMDKLYGARHFDHYEFLLALTKKLGGIGLEHHRSSENSGAPNYFTEWDKS
WTGRDLLAHEFNHSWNGKYRRGADLATPNFNVPMGDSLLWLYEGQTQFWGEVMSARSGLWTQEQARDMLAGVAAQYERGR
PGMAWRTVQDTTNDPTMSMRRPKAYRNYQMSEDYYSGGQMMWLEVDSKLRALTNNKRSIDDFGKAFFGMKNGDWDVNPYT
FDDIVSTLNGVAAFDWASFLRSRMDGHGSLIGGIEANGWKLVYNDEPNLATKTDESDDKDASLTYSLGMSLKASGDISDV
LWDGPAFNAGLITGNTIVAVNGRAFSSDVIKDAITAAKGTTVPIELLVKRLDRYDTVRIDYHGGLLYPHLERIAGKPDRL
SELYKAR
;
_entity_poly.pdbx_strand_id   A,B,C,D
#
# COMPACT_ATOMS: atom_id res chain seq x y z
N ALA A 43 6.96 26.61 -46.68
CA ALA A 43 7.84 25.55 -46.20
C ALA A 43 7.86 24.37 -47.18
N THR A 44 6.90 23.44 -47.04
CA THR A 44 6.81 22.30 -47.93
C THR A 44 5.88 22.60 -49.09
N ALA A 45 6.34 22.30 -50.31
CA ALA A 45 5.53 22.52 -51.50
C ALA A 45 4.20 21.77 -51.39
N ALA A 46 3.16 22.36 -51.97
CA ALA A 46 1.83 21.77 -51.88
C ALA A 46 1.79 20.47 -52.67
N PRO A 47 1.04 19.46 -52.20
CA PRO A 47 0.92 18.23 -52.99
C PRO A 47 0.09 18.48 -54.24
N GLN A 48 0.54 17.90 -55.35
CA GLN A 48 -0.12 18.06 -56.64
C GLN A 48 -0.67 16.72 -57.12
N ASP A 49 -1.78 16.77 -57.85
CA ASP A 49 -2.36 15.58 -58.45
C ASP A 49 -1.63 15.28 -59.77
N VAL A 50 -0.41 14.77 -59.63
CA VAL A 50 0.44 14.45 -60.77
C VAL A 50 0.94 13.03 -60.60
N PRO A 51 1.33 12.36 -61.69
CA PRO A 51 1.79 10.97 -61.57
C PRO A 51 3.05 10.88 -60.74
N PHE A 52 3.14 9.79 -59.97
CA PHE A 52 4.35 9.45 -59.25
C PHE A 52 5.01 8.29 -59.99
N GLU A 53 6.27 8.49 -60.40
CA GLU A 53 6.97 7.46 -61.17
C GLU A 53 7.60 6.45 -60.23
N GLY A 54 7.25 5.18 -60.39
CA GLY A 54 7.84 4.12 -59.62
C GLY A 54 7.01 3.72 -58.40
N THR A 55 7.69 3.05 -57.47
CA THR A 55 7.05 2.46 -56.31
C THR A 55 7.81 2.81 -55.03
N LEU A 56 7.06 3.19 -54.00
CA LEU A 56 7.61 3.40 -52.66
C LEU A 56 7.63 2.06 -51.93
N LYS A 57 8.83 1.50 -51.73
CA LYS A 57 8.96 0.22 -51.03
C LYS A 57 9.16 0.46 -49.55
N ILE A 58 8.36 -0.19 -48.72
CA ILE A 58 8.41 0.00 -47.26
C ILE A 58 8.57 -1.38 -46.62
N ASP A 59 9.73 -1.63 -46.03
CA ASP A 59 10.04 -2.90 -45.38
C ASP A 59 10.17 -2.67 -43.88
N VAL A 60 9.38 -3.41 -43.09
CA VAL A 60 9.32 -3.23 -41.65
C VAL A 60 9.75 -4.52 -40.98
N ASP A 61 10.68 -4.41 -40.03
CA ASP A 61 11.02 -5.52 -39.15
C ASP A 61 10.33 -5.27 -37.82
N ALA A 62 9.38 -6.12 -37.46
CA ALA A 62 8.58 -5.98 -36.25
C ALA A 62 8.91 -7.04 -35.21
N THR A 63 10.20 -7.38 -35.08
CA THR A 63 10.59 -8.48 -34.20
C THR A 63 11.09 -8.03 -32.83
N ASP A 64 11.49 -6.77 -32.65
CA ASP A 64 12.05 -6.34 -31.37
C ASP A 64 10.91 -5.98 -30.41
N LEU A 65 10.25 -7.02 -29.90
CA LEU A 65 9.15 -6.83 -28.96
C LEU A 65 9.64 -6.29 -27.62
N GLN A 66 10.85 -6.64 -27.20
CA GLN A 66 11.33 -6.21 -25.89
C GLN A 66 11.49 -4.70 -25.82
N HIS A 67 12.18 -4.11 -26.80
CA HIS A 67 12.29 -2.66 -26.84
C HIS A 67 11.08 -2.00 -27.48
N ARG A 68 10.21 -2.79 -28.13
CA ARG A 68 9.02 -2.30 -28.80
C ARG A 68 9.38 -1.39 -29.97
N ILE A 69 10.34 -1.85 -30.78
CA ILE A 69 10.90 -1.08 -31.88
C ILE A 69 10.49 -1.71 -33.19
N PHE A 70 9.98 -0.89 -34.11
CA PHE A 70 9.78 -1.26 -35.50
C PHE A 70 10.94 -0.68 -36.30
N LYS A 71 11.70 -1.55 -36.97
CA LYS A 71 12.80 -1.10 -37.81
C LYS A 71 12.31 -1.00 -39.24
N VAL A 72 12.69 0.08 -39.93
CA VAL A 72 12.06 0.46 -41.19
C VAL A 72 13.14 0.73 -42.24
N LYS A 73 12.89 0.26 -43.45
CA LYS A 73 13.67 0.64 -44.62
C LYS A 73 12.69 1.07 -45.69
N THR A 74 12.83 2.31 -46.16
CA THR A 74 12.00 2.84 -47.24
C THR A 74 12.90 3.11 -48.45
N THR A 75 12.48 2.60 -49.60
CA THR A 75 13.22 2.73 -50.85
C THR A 75 12.32 3.40 -51.88
N MET A 76 12.85 4.36 -52.63
CA MET A 76 12.00 5.10 -53.54
C MET A 76 12.83 5.69 -54.66
N PRO A 77 12.23 5.96 -55.83
CA PRO A 77 12.96 6.65 -56.90
C PRO A 77 13.38 8.05 -56.48
N ALA A 78 14.47 8.52 -57.06
CA ALA A 78 15.05 9.82 -56.73
C ALA A 78 15.80 10.37 -57.92
N THR A 79 15.54 11.61 -58.28
CA THR A 79 16.33 12.33 -59.27
C THR A 79 17.27 13.31 -58.58
N PRO A 80 18.37 13.67 -59.24
CA PRO A 80 19.32 14.63 -58.63
C PRO A 80 18.65 15.95 -58.25
N GLY A 81 19.22 16.62 -57.25
CA GLY A 81 18.70 17.88 -56.76
C GLY A 81 18.01 17.76 -55.41
N PRO A 82 17.36 18.85 -54.98
CA PRO A 82 16.68 18.85 -53.67
C PRO A 82 15.48 17.93 -53.64
N MET A 83 15.32 17.24 -52.51
CA MET A 83 14.21 16.32 -52.30
C MET A 83 13.71 16.43 -50.87
N THR A 84 12.39 16.47 -50.69
CA THR A 84 11.78 16.52 -49.36
C THR A 84 10.98 15.25 -49.11
N LEU A 85 11.23 14.60 -47.98
CA LEU A 85 10.50 13.42 -47.55
C LEU A 85 9.60 13.78 -46.36
N LEU A 86 8.41 13.18 -46.31
CA LEU A 86 7.42 13.51 -45.29
C LEU A 86 7.13 12.29 -44.41
N TYR A 87 7.09 12.52 -43.10
CA TYR A 87 6.51 11.58 -42.15
C TYR A 87 5.04 11.92 -41.96
N PRO A 88 4.12 10.96 -42.12
CA PRO A 88 2.69 11.28 -42.04
C PRO A 88 2.34 11.99 -40.74
N GLN A 89 1.58 13.08 -40.87
CA GLN A 89 1.27 13.98 -39.77
C GLN A 89 -0.20 13.91 -39.37
N TRP A 90 -1.11 14.24 -40.29
CA TRP A 90 -2.55 14.14 -40.08
C TRP A 90 -3.01 12.76 -40.53
N ILE A 91 -3.57 11.98 -39.61
CA ILE A 91 -3.83 10.56 -39.84
C ILE A 91 -5.34 10.36 -39.99
N PRO A 92 -5.82 9.85 -41.13
CA PRO A 92 -7.27 9.67 -41.33
C PRO A 92 -7.88 8.84 -40.22
N GLY A 93 -9.02 9.31 -39.72
CA GLY A 93 -9.68 8.71 -38.59
C GLY A 93 -9.29 9.30 -37.24
N ASN A 94 -8.17 10.03 -37.17
CA ASN A 94 -7.80 10.75 -35.96
C ASN A 94 -8.18 12.21 -36.03
N HIS A 95 -8.40 12.76 -37.22
CA HIS A 95 -8.91 14.12 -37.38
C HIS A 95 -8.01 15.16 -36.72
N SER A 96 -6.72 14.84 -36.58
CA SER A 96 -5.80 15.69 -35.85
C SER A 96 -4.38 15.25 -36.21
N PRO A 97 -3.37 16.09 -35.95
CA PRO A 97 -1.99 15.72 -36.35
C PRO A 97 -1.32 14.80 -35.33
N THR A 98 -1.72 13.53 -35.36
CA THR A 98 -1.26 12.53 -34.40
C THR A 98 0.01 11.81 -34.81
N GLY A 99 0.53 12.03 -36.02
CA GLY A 99 1.77 11.40 -36.43
C GLY A 99 2.86 11.58 -35.39
N PRO A 100 3.45 10.47 -34.91
CA PRO A 100 4.39 10.54 -33.76
C PRO A 100 5.82 10.87 -34.19
N ILE A 101 6.02 12.12 -34.61
CA ILE A 101 7.27 12.52 -35.25
C ILE A 101 8.45 12.31 -34.29
N ASP A 102 8.24 12.54 -32.99
CA ASP A 102 9.37 12.44 -32.07
C ASP A 102 9.73 10.99 -31.73
N LYS A 103 9.00 10.02 -32.27
CA LYS A 103 9.36 8.61 -32.12
C LYS A 103 10.10 8.06 -33.33
N LEU A 104 10.37 8.88 -34.33
CA LEU A 104 11.20 8.50 -35.48
C LEU A 104 12.66 8.77 -35.11
N ALA A 105 13.44 7.71 -34.99
CA ALA A 105 14.82 7.82 -34.54
C ALA A 105 15.74 7.01 -35.44
N GLY A 106 17.03 7.28 -35.32
CA GLY A 106 18.02 6.53 -36.07
C GLY A 106 17.98 6.76 -37.56
N LEU A 107 17.48 7.91 -38.00
CA LEU A 107 17.26 8.15 -39.43
C LEU A 107 18.58 8.32 -40.16
N VAL A 108 18.84 7.42 -41.13
CA VAL A 108 20.00 7.52 -42.01
C VAL A 108 19.51 7.39 -43.44
N ILE A 109 19.87 8.34 -44.29
CA ILE A 109 19.44 8.36 -45.68
C ILE A 109 20.66 8.14 -46.57
N LYS A 110 20.53 7.20 -47.50
CA LYS A 110 21.62 6.90 -48.43
C LYS A 110 21.13 7.00 -49.87
N VAL A 111 21.96 7.59 -50.72
CA VAL A 111 21.75 7.63 -52.15
C VAL A 111 22.86 6.81 -52.79
N ASP A 112 22.46 5.76 -53.51
CA ASP A 112 23.41 4.85 -54.17
C ASP A 112 24.46 4.36 -53.17
N GLY A 113 24.02 4.07 -51.95
CA GLY A 113 24.89 3.50 -50.95
C GLY A 113 25.70 4.50 -50.15
N LYS A 114 25.64 5.79 -50.47
CA LYS A 114 26.41 6.82 -49.77
C LYS A 114 25.47 7.68 -48.94
N VAL A 115 25.83 7.88 -47.67
CA VAL A 115 25.02 8.70 -46.78
C VAL A 115 24.91 10.12 -47.32
N VAL A 116 23.69 10.67 -47.29
CA VAL A 116 23.47 12.07 -47.58
C VAL A 116 22.90 12.71 -46.33
N PRO A 117 23.42 13.85 -45.88
CA PRO A 117 22.90 14.48 -44.66
C PRO A 117 21.51 15.04 -44.89
N TRP A 118 20.69 14.96 -43.85
CA TRP A 118 19.34 15.52 -43.91
C TRP A 118 19.18 16.70 -42.97
N THR A 119 18.28 17.60 -43.36
CA THR A 119 17.94 18.81 -42.60
C THR A 119 16.43 18.88 -42.47
N ARG A 120 15.94 19.01 -41.24
CA ARG A 120 14.52 19.16 -40.98
C ARG A 120 14.06 20.60 -41.20
N ASP A 121 12.84 20.77 -41.72
CA ASP A 121 12.24 22.09 -41.87
C ASP A 121 11.78 22.56 -40.50
N GLN A 122 12.39 23.62 -39.97
CA GLN A 122 12.00 24.06 -38.63
C GLN A 122 10.57 24.60 -38.59
N PHE A 123 9.98 24.92 -39.74
CA PHE A 123 8.58 25.32 -39.82
C PHE A 123 7.69 24.19 -40.32
N ASP A 124 8.23 22.98 -40.48
CA ASP A 124 7.44 21.80 -40.82
C ASP A 124 8.28 20.61 -40.35
N VAL A 125 8.14 20.26 -39.07
CA VAL A 125 9.08 19.33 -38.45
C VAL A 125 8.85 17.90 -38.93
N TYR A 126 7.81 17.68 -39.74
CA TYR A 126 7.58 16.38 -40.36
C TYR A 126 8.27 16.24 -41.71
N ALA A 127 9.02 17.26 -42.14
CA ALA A 127 9.60 17.31 -43.48
C ALA A 127 11.12 17.28 -43.40
N PHE A 128 11.72 16.33 -44.11
CA PHE A 128 13.17 16.13 -44.14
C PHE A 128 13.68 16.45 -45.53
N LYS A 129 14.73 17.27 -45.61
CA LYS A 129 15.28 17.73 -46.88
C LYS A 129 16.66 17.11 -47.10
N VAL A 130 16.89 16.59 -48.30
CA VAL A 130 18.21 16.11 -48.69
C VAL A 130 18.55 16.68 -50.06
N ASP A 131 19.83 16.60 -50.39
CA ASP A 131 20.34 16.95 -51.71
C ASP A 131 20.78 15.66 -52.40
N VAL A 132 20.12 15.31 -53.50
CA VAL A 132 20.39 14.07 -54.20
C VAL A 132 21.50 14.33 -55.20
N PRO A 133 22.61 13.60 -55.14
CA PRO A 133 23.74 13.87 -56.05
C PRO A 133 23.44 13.52 -57.51
N GLN A 134 24.22 14.12 -58.39
CA GLN A 134 24.11 13.83 -59.82
C GLN A 134 24.30 12.34 -60.10
N GLY A 135 23.56 11.86 -61.10
CA GLY A 135 23.59 10.47 -61.54
C GLY A 135 22.81 9.52 -60.68
N ALA A 136 22.17 9.99 -59.61
CA ALA A 136 21.40 9.11 -58.74
C ALA A 136 20.06 8.75 -59.36
N SER A 137 19.57 7.56 -58.97
CA SER A 137 18.27 7.07 -59.38
C SER A 137 17.37 6.70 -58.21
N GLU A 138 17.95 6.39 -57.04
CA GLU A 138 17.22 5.77 -55.94
C GLU A 138 17.67 6.33 -54.60
N LEU A 139 16.73 6.51 -53.68
CA LEU A 139 17.00 6.93 -52.32
C LEU A 139 16.54 5.84 -51.35
N VAL A 140 17.34 5.57 -50.32
CA VAL A 140 17.00 4.63 -49.26
C VAL A 140 17.08 5.36 -47.93
N ALA A 141 15.99 5.33 -47.16
CA ALA A 141 15.94 5.89 -45.82
C ALA A 141 15.66 4.77 -44.82
N GLU A 142 16.52 4.65 -43.81
CA GLU A 142 16.33 3.68 -42.75
C GLU A 142 16.16 4.39 -41.42
N PHE A 143 15.22 3.91 -40.61
CA PHE A 143 14.96 4.52 -39.32
C PHE A 143 14.24 3.50 -38.45
N LYS A 144 13.96 3.91 -37.21
CA LYS A 144 13.25 3.09 -36.25
C LYS A 144 12.08 3.88 -35.70
N PHE A 145 10.93 3.22 -35.58
CA PHE A 145 9.79 3.77 -34.87
C PHE A 145 9.82 3.18 -33.47
N LEU A 146 10.06 4.05 -32.47
CA LEU A 146 10.17 3.62 -31.06
C LEU A 146 8.77 3.72 -30.46
N SER A 147 8.01 2.63 -30.58
CA SER A 147 6.62 2.65 -30.14
C SER A 147 6.57 2.72 -28.61
N PRO A 148 5.43 3.14 -28.04
CA PRO A 148 5.39 3.43 -26.60
C PRO A 148 5.82 2.25 -25.74
N GLN A 149 6.74 2.54 -24.81
CA GLN A 149 7.17 1.58 -23.81
C GLN A 149 6.28 1.63 -22.56
N ALA A 150 5.40 2.62 -22.48
CA ALA A 150 4.38 2.73 -21.46
C ALA A 150 3.29 3.64 -22.02
N SER A 151 2.11 3.58 -21.39
N SER A 151 2.11 3.57 -21.40
CA SER A 151 0.95 4.33 -21.87
CA SER A 151 0.96 4.34 -21.90
C SER A 151 1.20 5.83 -21.87
C SER A 151 1.21 5.84 -21.87
N SER A 152 2.11 6.31 -21.00
CA SER A 152 2.43 7.73 -20.96
C SER A 152 2.99 8.25 -22.28
N GLN A 153 3.52 7.36 -23.12
CA GLN A 153 4.08 7.74 -24.42
C GLN A 153 3.09 7.58 -25.56
N GLY A 154 1.89 7.11 -25.29
CA GLY A 154 0.93 6.75 -26.32
C GLY A 154 0.50 5.31 -26.15
N ARG A 155 -0.39 4.88 -27.05
CA ARG A 155 -0.93 3.54 -26.88
C ARG A 155 0.10 2.50 -27.27
N VAL A 156 0.19 1.45 -26.44
CA VAL A 156 1.19 0.40 -26.62
C VAL A 156 0.84 -0.41 -27.86
N MET A 157 1.84 -0.70 -28.68
CA MET A 157 1.64 -1.38 -29.96
C MET A 157 2.37 -2.71 -30.06
N MET A 158 3.15 -3.10 -29.05
CA MET A 158 3.83 -4.39 -29.03
C MET A 158 3.70 -5.01 -27.65
N THR A 159 3.44 -6.31 -27.62
CA THR A 159 3.37 -7.09 -26.37
C THR A 159 4.07 -8.42 -26.61
N PRO A 160 4.27 -9.25 -25.58
CA PRO A 160 4.86 -10.57 -25.82
C PRO A 160 3.97 -11.49 -26.65
N GLU A 161 2.68 -11.19 -26.83
CA GLU A 161 1.78 -12.06 -27.57
C GLU A 161 1.17 -11.46 -28.83
N MET A 162 1.21 -10.14 -29.00
CA MET A 162 0.58 -9.53 -30.17
C MET A 162 1.24 -8.19 -30.48
N LEU A 163 0.96 -7.68 -31.69
CA LEU A 163 1.45 -6.38 -32.09
C LEU A 163 0.47 -5.75 -33.07
N ASN A 164 0.56 -4.43 -33.17
CA ASN A 164 -0.30 -3.60 -34.00
C ASN A 164 0.61 -2.73 -34.85
N LEU A 165 0.62 -2.97 -36.16
CA LEU A 165 1.43 -2.21 -37.10
C LEU A 165 0.55 -1.20 -37.83
N GLN A 166 0.82 0.08 -37.63
CA GLN A 166 0.14 1.16 -38.35
C GLN A 166 1.16 1.75 -39.32
N TRP A 167 0.91 1.60 -40.62
CA TRP A 167 1.94 1.87 -41.62
C TRP A 167 2.35 3.34 -41.65
N ASN A 168 1.51 4.27 -41.20
CA ASN A 168 1.91 5.66 -41.15
C ASN A 168 3.08 5.88 -40.19
N THR A 169 3.18 5.06 -39.13
CA THR A 169 4.30 5.20 -38.20
C THR A 169 5.61 4.70 -38.77
N THR A 170 5.56 3.93 -39.86
CA THR A 170 6.75 3.34 -40.48
C THR A 170 6.87 3.76 -41.94
N ALA A 171 6.72 5.05 -42.23
CA ALA A 171 6.72 5.50 -43.61
C ALA A 171 7.31 6.88 -43.74
N LEU A 172 8.14 7.06 -44.77
CA LEU A 172 8.50 8.36 -45.30
C LEU A 172 8.11 8.36 -46.78
N TYR A 173 7.57 9.47 -47.25
CA TYR A 173 7.13 9.52 -48.64
C TYR A 173 7.45 10.86 -49.27
N PRO A 174 7.65 10.90 -50.58
CA PRO A 174 8.06 12.17 -51.21
C PRO A 174 6.96 13.22 -51.14
N ALA A 175 7.36 14.44 -50.81
CA ALA A 175 6.47 15.59 -50.85
C ALA A 175 6.14 15.94 -52.30
N GLY A 176 5.03 16.65 -52.47
CA GLY A 176 4.64 17.16 -53.77
C GLY A 176 3.60 16.35 -54.52
N TYR A 177 3.09 15.26 -53.94
CA TYR A 177 2.17 14.36 -54.63
C TYR A 177 0.93 14.08 -53.80
N PHE A 178 -0.22 14.03 -54.45
CA PHE A 178 -1.37 13.41 -53.84
C PHE A 178 -0.98 12.01 -53.39
N ALA A 179 -1.31 11.67 -52.14
CA ALA A 179 -0.88 10.38 -51.60
C ALA A 179 -1.42 9.23 -52.43
N ARG A 180 -2.63 9.37 -52.98
CA ARG A 180 -3.22 8.29 -53.76
C ARG A 180 -2.46 8.00 -55.05
N ASN A 181 -1.61 8.92 -55.51
CA ASN A 181 -0.85 8.71 -56.74
C ASN A 181 0.43 7.92 -56.54
N ILE A 182 0.82 7.67 -55.29
CA ILE A 182 2.08 6.99 -54.99
C ILE A 182 1.78 5.50 -54.84
N LYS A 183 2.29 4.69 -55.77
CA LYS A 183 2.20 3.25 -55.61
C LYS A 183 3.22 2.80 -54.58
N ALA A 184 2.77 1.97 -53.64
CA ALA A 184 3.64 1.47 -52.59
C ALA A 184 3.65 -0.05 -52.61
N GLN A 185 4.65 -0.62 -51.97
CA GLN A 185 4.69 -2.07 -51.80
C GLN A 185 5.38 -2.38 -50.48
N ALA A 186 4.66 -3.04 -49.59
CA ALA A 186 5.08 -3.21 -48.21
C ALA A 186 5.46 -4.66 -47.92
N SER A 187 6.35 -4.82 -46.94
CA SER A 187 6.66 -6.13 -46.38
C SER A 187 6.89 -5.96 -44.89
N VAL A 188 6.71 -7.05 -44.15
CA VAL A 188 6.93 -7.04 -42.71
C VAL A 188 7.52 -8.38 -42.30
N THR A 189 8.50 -8.33 -41.41
CA THR A 189 9.05 -9.51 -40.76
C THR A 189 8.45 -9.61 -39.37
N LEU A 190 7.77 -10.73 -39.10
CA LEU A 190 7.01 -10.95 -37.88
C LEU A 190 7.82 -11.74 -36.86
N PRO A 191 7.48 -11.66 -35.58
CA PRO A 191 8.01 -12.62 -34.61
C PRO A 191 7.72 -14.04 -35.08
N ALA A 192 8.66 -14.95 -34.78
CA ALA A 192 8.64 -16.29 -35.33
C ALA A 192 7.30 -16.99 -35.08
N GLY A 193 6.69 -17.47 -36.16
CA GLY A 193 5.47 -18.25 -36.09
C GLY A 193 4.18 -17.48 -35.87
N TRP A 194 4.24 -16.16 -35.76
CA TRP A 194 3.05 -15.39 -35.47
C TRP A 194 2.11 -15.37 -36.67
N SER A 195 0.80 -15.35 -36.39
CA SER A 195 -0.23 -15.13 -37.38
C SER A 195 -0.46 -13.62 -37.58
N TYR A 196 -1.09 -13.26 -38.69
CA TYR A 196 -1.35 -11.85 -38.95
C TYR A 196 -2.65 -11.70 -39.74
N ALA A 197 -3.19 -10.48 -39.71
CA ALA A 197 -4.38 -10.18 -40.48
C ALA A 197 -4.38 -8.71 -40.87
N THR A 198 -4.82 -8.44 -42.09
CA THR A 198 -4.89 -7.10 -42.67
C THR A 198 -5.74 -7.19 -43.93
N ALA A 199 -6.38 -6.08 -44.28
CA ALA A 199 -7.12 -6.04 -45.54
C ALA A 199 -6.18 -6.06 -46.73
N MET A 200 -4.93 -5.67 -46.54
CA MET A 200 -3.98 -5.61 -47.63
C MET A 200 -3.61 -7.03 -48.09
N GLU A 201 -3.67 -7.25 -49.40
CA GLU A 201 -3.51 -8.60 -49.94
C GLU A 201 -2.06 -9.05 -49.89
N THR A 202 -1.85 -10.30 -49.50
CA THR A 202 -0.51 -10.88 -49.39
C THR A 202 -0.06 -11.42 -50.73
N GLU A 203 1.19 -11.16 -51.08
CA GLU A 203 1.81 -11.80 -52.24
C GLU A 203 2.40 -13.15 -51.87
N ARG A 204 3.21 -13.21 -50.81
CA ARG A 204 3.77 -14.45 -50.33
C ARG A 204 4.27 -14.25 -48.91
N ARG A 205 4.31 -15.34 -48.15
CA ARG A 205 5.00 -15.39 -46.87
C ARG A 205 6.14 -16.39 -46.99
N VAL A 206 7.36 -15.93 -46.75
CA VAL A 206 8.56 -16.76 -46.78
C VAL A 206 9.13 -16.76 -45.37
N GLY A 207 9.03 -17.89 -44.68
CA GLY A 207 9.38 -17.92 -43.29
C GLY A 207 8.46 -17.02 -42.49
N ASP A 208 9.02 -15.95 -41.90
CA ASP A 208 8.24 -14.99 -41.14
C ASP A 208 8.21 -13.62 -41.80
N THR A 209 8.60 -13.54 -43.07
CA THR A 209 8.56 -12.29 -43.82
C THR A 209 7.40 -12.33 -44.81
N VAL A 210 6.45 -11.43 -44.63
CA VAL A 210 5.27 -11.32 -45.47
C VAL A 210 5.51 -10.22 -46.48
N THR A 211 5.39 -10.54 -47.76
CA THR A 211 5.46 -9.55 -48.83
C THR A 211 4.04 -9.29 -49.33
N PHE A 212 3.63 -8.02 -49.32
CA PHE A 212 2.29 -7.69 -49.77
C PHE A 212 2.30 -7.27 -51.23
N LYS A 213 1.14 -7.42 -51.87
CA LYS A 213 1.00 -6.94 -53.24
C LYS A 213 1.02 -5.41 -53.25
N PRO A 214 1.45 -4.81 -54.36
CA PRO A 214 1.46 -3.34 -54.45
C PRO A 214 0.08 -2.77 -54.18
N ILE A 215 0.08 -1.55 -53.61
CA ILE A 215 -1.15 -0.89 -53.22
C ILE A 215 -0.87 0.62 -53.20
N ASP A 216 -1.91 1.41 -53.46
CA ASP A 216 -1.74 2.86 -53.40
C ASP A 216 -1.35 3.26 -51.98
N PHE A 217 -0.50 4.28 -51.87
CA PHE A 217 0.08 4.61 -50.56
C PHE A 217 -0.99 5.02 -49.56
N ASP A 218 -2.04 5.71 -50.00
CA ASP A 218 -3.08 6.08 -49.05
C ASP A 218 -3.81 4.83 -48.54
N ASP A 219 -4.05 3.85 -49.41
CA ASP A 219 -4.63 2.59 -48.95
C ASP A 219 -3.66 1.78 -48.10
N LEU A 220 -2.35 1.89 -48.33
CA LEU A 220 -1.38 1.25 -47.43
C LEU A 220 -1.53 1.76 -46.00
N VAL A 221 -1.53 3.08 -45.82
CA VAL A 221 -1.77 3.66 -44.50
C VAL A 221 -3.11 3.22 -43.94
N ASP A 222 -4.10 3.00 -44.81
CA ASP A 222 -5.42 2.60 -44.38
C ASP A 222 -5.56 1.09 -44.19
N SER A 223 -4.46 0.34 -44.26
CA SER A 223 -4.48 -1.12 -44.17
C SER A 223 -3.61 -1.62 -43.02
N PRO A 224 -3.94 -1.29 -41.78
CA PRO A 224 -3.12 -1.75 -40.64
C PRO A 224 -3.10 -3.26 -40.53
N MET A 225 -2.16 -3.76 -39.75
CA MET A 225 -2.01 -5.19 -39.51
C MET A 225 -2.00 -5.46 -38.02
N PHE A 226 -2.75 -6.47 -37.59
CA PHE A 226 -2.56 -7.09 -36.29
C PHE A 226 -1.80 -8.39 -36.50
N ALA A 227 -0.96 -8.73 -35.52
CA ALA A 227 -0.25 -9.99 -35.53
C ALA A 227 -0.15 -10.51 -34.11
N GLY A 228 -0.05 -11.82 -33.96
CA GLY A 228 0.02 -12.41 -32.63
C GLY A 228 0.10 -13.92 -32.69
N LYS A 229 0.36 -14.51 -31.53
CA LYS A 229 0.50 -15.95 -31.42
C LYS A 229 -0.82 -16.68 -31.13
N TYR A 230 -1.82 -15.97 -30.61
CA TYR A 230 -3.12 -16.59 -30.29
C TYR A 230 -4.17 -15.94 -31.19
N TYR A 231 -4.56 -16.65 -32.26
CA TYR A 231 -5.31 -16.06 -33.36
C TYR A 231 -6.46 -16.97 -33.76
N LYS A 232 -7.61 -16.36 -34.03
CA LYS A 232 -8.75 -17.09 -34.59
C LYS A 232 -9.40 -16.23 -35.67
N ARG A 233 -9.64 -16.84 -36.83
CA ARG A 233 -10.30 -16.20 -37.96
C ARG A 233 -11.70 -16.77 -38.11
N VAL A 234 -12.70 -15.90 -38.13
CA VAL A 234 -14.10 -16.30 -38.17
C VAL A 234 -14.78 -15.60 -39.34
N GLU A 235 -15.44 -16.37 -40.20
CA GLU A 235 -16.20 -15.80 -41.31
C GLU A 235 -17.52 -15.24 -40.79
N LEU A 236 -17.77 -13.97 -41.08
CA LEU A 236 -19.04 -13.34 -40.73
C LEU A 236 -20.00 -13.27 -41.91
N SER A 237 -19.47 -13.20 -43.13
CA SER A 237 -20.29 -13.18 -44.33
C SER A 237 -19.48 -13.77 -45.48
N ALA A 238 -20.06 -14.74 -46.16
CA ALA A 238 -19.47 -15.29 -47.38
C ALA A 238 -19.93 -14.45 -48.56
N GLY A 239 -19.53 -14.83 -49.75
CA GLY A 239 -19.98 -14.15 -50.93
C GLY A 239 -18.87 -13.39 -51.63
N LYS A 240 -19.28 -12.49 -52.53
CA LYS A 240 -18.34 -11.76 -53.36
C LYS A 240 -17.63 -10.64 -52.61
N GLN A 241 -18.21 -10.14 -51.52
CA GLN A 241 -17.60 -9.09 -50.71
C GLN A 241 -17.57 -9.58 -49.27
N PRO A 242 -16.75 -10.61 -48.99
CA PRO A 242 -16.85 -11.30 -47.70
C PRO A 242 -16.30 -10.46 -46.57
N VAL A 243 -16.76 -10.79 -45.36
CA VAL A 243 -16.41 -10.10 -44.12
C VAL A 243 -15.92 -11.15 -43.14
N TYR A 244 -14.75 -10.89 -42.54
CA TYR A 244 -14.14 -11.83 -41.60
C TYR A 244 -13.82 -11.10 -40.31
N LEU A 245 -13.80 -11.86 -39.22
CA LEU A 245 -13.43 -11.38 -37.90
C LEU A 245 -12.11 -12.04 -37.51
N ASN A 246 -11.09 -11.22 -37.27
CA ASN A 246 -9.75 -11.69 -36.92
C ASN A 246 -9.47 -11.33 -35.47
N VAL A 247 -9.39 -12.35 -34.61
CA VAL A 247 -9.29 -12.16 -33.16
C VAL A 247 -7.90 -12.57 -32.70
N PHE A 248 -7.22 -11.68 -31.99
CA PHE A 248 -5.95 -11.95 -31.33
C PHE A 248 -6.12 -11.74 -29.84
N ALA A 249 -5.45 -12.55 -29.02
CA ALA A 249 -5.69 -12.50 -27.58
C ALA A 249 -4.39 -12.65 -26.80
N ASP A 250 -4.39 -12.12 -25.58
CA ASP A 250 -3.28 -12.37 -24.66
C ASP A 250 -3.17 -13.85 -24.36
N GLU A 251 -4.32 -14.53 -24.22
CA GLU A 251 -4.35 -15.96 -23.92
C GLU A 251 -5.38 -16.63 -24.81
N ALA A 252 -5.05 -17.86 -25.23
CA ALA A 252 -5.88 -18.55 -26.20
C ALA A 252 -7.31 -18.76 -25.72
N LYS A 253 -7.52 -18.88 -24.41
CA LYS A 253 -8.86 -19.16 -23.90
C LYS A 253 -9.85 -18.05 -24.25
N SER A 254 -9.37 -16.83 -24.45
CA SER A 254 -10.27 -15.72 -24.77
C SER A 254 -10.87 -15.82 -26.17
N LEU A 255 -10.34 -16.71 -27.01
CA LEU A 255 -10.79 -16.86 -28.39
C LEU A 255 -12.03 -17.74 -28.53
N ASP A 256 -12.56 -18.28 -27.43
CA ASP A 256 -13.64 -19.27 -27.47
C ASP A 256 -14.98 -18.55 -27.64
N ALA A 257 -15.17 -17.98 -28.82
CA ALA A 257 -16.45 -17.35 -29.15
C ALA A 257 -17.52 -18.42 -29.33
N LYS A 258 -18.66 -18.23 -28.66
CA LYS A 258 -19.75 -19.18 -28.76
C LYS A 258 -20.61 -18.91 -29.99
N PRO A 259 -21.35 -19.91 -30.48
CA PRO A 259 -22.08 -19.73 -31.74
C PRO A 259 -23.02 -18.53 -31.75
N GLU A 260 -23.79 -18.33 -30.67
CA GLU A 260 -24.71 -17.20 -30.64
C GLU A 260 -23.97 -15.87 -30.60
N GLN A 261 -22.75 -15.86 -30.05
CA GLN A 261 -21.98 -14.63 -30.00
C GLN A 261 -21.42 -14.27 -31.38
N ILE A 262 -20.91 -15.27 -32.10
CA ILE A 262 -20.50 -15.07 -33.48
C ILE A 262 -21.68 -14.62 -34.32
N LYS A 263 -22.86 -15.21 -34.06
CA LYS A 263 -24.06 -14.89 -34.82
C LYS A 263 -24.41 -13.41 -34.71
N ALA A 264 -24.19 -12.81 -33.53
CA ALA A 264 -24.48 -11.40 -33.36
C ALA A 264 -23.59 -10.55 -34.26
N HIS A 265 -22.33 -10.97 -34.44
CA HIS A 265 -21.44 -10.25 -35.35
C HIS A 265 -21.85 -10.48 -36.80
N ALA A 266 -22.29 -11.69 -37.13
CA ALA A 266 -22.82 -11.94 -38.47
C ALA A 266 -24.10 -11.14 -38.70
N ALA A 267 -24.95 -11.02 -37.67
CA ALA A 267 -26.17 -10.23 -37.81
C ALA A 267 -25.85 -8.75 -38.00
N LEU A 268 -24.77 -8.25 -37.39
CA LEU A 268 -24.33 -6.89 -37.63
C LEU A 268 -24.12 -6.63 -39.12
N VAL A 269 -23.43 -7.55 -39.80
CA VAL A 269 -23.21 -7.39 -41.24
C VAL A 269 -24.55 -7.40 -41.98
N GLN A 270 -25.45 -8.31 -41.59
CA GLN A 270 -26.75 -8.39 -42.24
C GLN A 270 -27.56 -7.11 -42.03
N GLN A 271 -27.52 -6.56 -40.81
CA GLN A 271 -28.29 -5.35 -40.53
C GLN A 271 -27.72 -4.14 -41.27
N MET A 272 -26.41 -4.09 -41.46
CA MET A 272 -25.83 -3.03 -42.28
C MET A 272 -26.27 -3.16 -43.74
N ASP A 273 -26.36 -4.39 -44.25
CA ASP A 273 -26.88 -4.59 -45.61
C ASP A 273 -28.29 -4.03 -45.74
N LYS A 274 -29.16 -4.31 -44.76
CA LYS A 274 -30.53 -3.82 -44.83
C LYS A 274 -30.56 -2.30 -44.84
N LEU A 275 -29.70 -1.66 -44.04
CA LEU A 275 -29.69 -0.21 -43.97
C LEU A 275 -29.18 0.40 -45.27
N TYR A 276 -28.01 -0.03 -45.74
CA TYR A 276 -27.34 0.65 -46.84
C TYR A 276 -27.58 0.02 -48.20
N GLY A 277 -27.78 -1.29 -48.28
CA GLY A 277 -27.95 -1.95 -49.57
C GLY A 277 -26.70 -2.01 -50.42
N ALA A 278 -25.54 -1.70 -49.87
CA ALA A 278 -24.27 -1.76 -50.57
C ALA A 278 -23.15 -1.92 -49.55
N ARG A 279 -22.01 -2.41 -50.04
CA ARG A 279 -20.80 -2.57 -49.22
C ARG A 279 -19.66 -1.84 -49.92
N HIS A 280 -19.00 -0.95 -49.21
CA HIS A 280 -17.93 -0.15 -49.81
C HIS A 280 -16.57 -0.76 -49.51
N PHE A 281 -16.38 -1.95 -50.08
CA PHE A 281 -15.15 -2.72 -49.99
C PHE A 281 -15.31 -3.93 -50.90
N ASP A 282 -14.18 -4.47 -51.36
CA ASP A 282 -14.23 -5.78 -52.01
C ASP A 282 -14.18 -6.91 -51.00
N HIS A 283 -13.64 -6.65 -49.81
CA HIS A 283 -13.71 -7.55 -48.66
C HIS A 283 -13.40 -6.71 -47.43
N TYR A 284 -13.78 -7.23 -46.26
CA TYR A 284 -13.60 -6.49 -45.01
C TYR A 284 -13.01 -7.38 -43.94
N GLU A 285 -12.02 -6.87 -43.22
CA GLU A 285 -11.31 -7.61 -42.18
C GLU A 285 -11.43 -6.87 -40.85
N PHE A 286 -12.32 -7.33 -39.96
CA PHE A 286 -12.29 -6.86 -38.59
C PHE A 286 -10.99 -7.31 -37.93
N LEU A 287 -10.29 -6.38 -37.27
CA LEU A 287 -9.13 -6.69 -36.44
C LEU A 287 -9.50 -6.42 -34.99
N LEU A 288 -9.47 -7.46 -34.16
CA LEU A 288 -9.93 -7.38 -32.77
C LEU A 288 -8.87 -7.95 -31.83
N ALA A 289 -8.39 -7.13 -30.91
CA ALA A 289 -7.40 -7.55 -29.92
C ALA A 289 -8.07 -7.65 -28.56
N LEU A 290 -8.05 -8.86 -27.99
CA LEU A 290 -8.61 -9.12 -26.66
C LEU A 290 -7.45 -9.16 -25.68
N THR A 291 -7.31 -8.11 -24.88
CA THR A 291 -6.00 -7.84 -24.31
C THR A 291 -6.12 -6.93 -23.10
N LYS A 292 -5.13 -7.04 -22.20
CA LYS A 292 -4.87 -6.04 -21.19
C LYS A 292 -3.52 -5.36 -21.41
N LYS A 293 -2.85 -5.65 -22.52
CA LYS A 293 -1.49 -5.17 -22.77
C LYS A 293 -1.40 -4.23 -23.96
N LEU A 294 -2.03 -4.58 -25.09
CA LEU A 294 -2.08 -3.66 -26.21
C LEU A 294 -2.88 -2.42 -25.82
N GLY A 295 -2.44 -1.27 -26.29
CA GLY A 295 -3.19 -0.05 -26.02
C GLY A 295 -4.55 -0.12 -26.68
N GLY A 296 -5.56 0.40 -25.96
CA GLY A 296 -6.91 0.39 -26.49
C GLY A 296 -6.99 1.14 -27.80
N ILE A 297 -7.88 0.68 -28.68
CA ILE A 297 -8.02 1.31 -29.98
C ILE A 297 -9.41 1.03 -30.54
N GLY A 298 -9.93 2.04 -31.24
CA GLY A 298 -11.04 1.89 -32.17
C GLY A 298 -10.73 2.80 -33.33
N LEU A 299 -10.31 2.24 -34.46
CA LEU A 299 -9.91 3.06 -35.60
C LEU A 299 -10.43 2.43 -36.89
N GLU A 300 -11.23 3.20 -37.62
CA GLU A 300 -11.90 2.73 -38.81
C GLU A 300 -11.01 2.80 -40.04
N HIS A 301 -11.30 1.94 -41.02
CA HIS A 301 -10.66 1.98 -42.32
C HIS A 301 -11.68 1.53 -43.37
N HIS A 302 -11.32 1.69 -44.65
CA HIS A 302 -12.24 1.31 -45.72
C HIS A 302 -12.62 -0.16 -45.64
N ARG A 303 -11.62 -1.04 -45.53
CA ARG A 303 -11.80 -2.48 -45.62
C ARG A 303 -11.38 -3.20 -44.35
N SER A 304 -11.28 -2.49 -43.25
CA SER A 304 -10.85 -3.09 -41.99
C SER A 304 -11.13 -2.09 -40.89
N SER A 305 -10.99 -2.55 -39.65
CA SER A 305 -10.99 -1.67 -38.49
C SER A 305 -10.09 -2.27 -37.44
N GLU A 306 -9.46 -1.40 -36.64
CA GLU A 306 -8.64 -1.80 -35.52
C GLU A 306 -9.48 -1.65 -34.25
N ASN A 307 -9.64 -2.76 -33.52
CA ASN A 307 -10.52 -2.80 -32.34
C ASN A 307 -9.82 -3.53 -31.21
N SER A 308 -10.07 -3.07 -30.00
CA SER A 308 -9.59 -3.76 -28.81
C SER A 308 -10.76 -4.00 -27.87
N GLY A 309 -10.70 -5.13 -27.16
CA GLY A 309 -11.63 -5.39 -26.08
C GLY A 309 -10.90 -6.10 -24.96
N ALA A 310 -11.62 -6.30 -23.86
CA ALA A 310 -11.05 -7.01 -22.72
C ALA A 310 -10.95 -8.50 -23.06
N PRO A 311 -10.07 -9.24 -22.36
CA PRO A 311 -9.99 -10.69 -22.57
C PRO A 311 -11.31 -11.42 -22.39
N ASN A 312 -12.26 -10.84 -21.65
CA ASN A 312 -13.55 -11.48 -21.45
C ASN A 312 -14.62 -10.97 -22.43
N TYR A 313 -14.19 -10.42 -23.56
CA TYR A 313 -15.13 -9.96 -24.60
C TYR A 313 -16.16 -11.03 -24.92
N PHE A 314 -15.72 -12.27 -25.10
CA PHE A 314 -16.61 -13.41 -25.32
C PHE A 314 -16.88 -14.20 -24.04
N THR A 315 -15.86 -14.46 -23.23
CA THR A 315 -15.99 -15.42 -22.12
C THR A 315 -16.87 -14.92 -20.99
N GLU A 316 -17.05 -13.61 -20.85
CA GLU A 316 -18.01 -13.04 -19.90
C GLU A 316 -18.90 -12.04 -20.64
N TRP A 317 -19.67 -12.57 -21.59
CA TRP A 317 -20.48 -11.77 -22.50
C TRP A 317 -21.39 -10.81 -21.75
N ASP A 318 -21.98 -11.26 -20.64
CA ASP A 318 -22.93 -10.42 -19.93
C ASP A 318 -22.27 -9.33 -19.09
N LYS A 319 -20.96 -9.43 -18.83
CA LYS A 319 -20.26 -8.38 -18.10
C LYS A 319 -19.56 -7.38 -19.01
N SER A 320 -19.22 -7.76 -20.24
CA SER A 320 -18.40 -6.93 -21.11
C SER A 320 -19.23 -6.22 -22.17
N TRP A 321 -20.48 -5.90 -21.87
CA TRP A 321 -21.39 -5.47 -22.93
C TRP A 321 -21.26 -4.00 -23.29
N THR A 322 -20.86 -3.13 -22.34
CA THR A 322 -20.95 -1.69 -22.59
C THR A 322 -20.05 -1.23 -23.73
N GLY A 323 -18.98 -1.96 -24.01
CA GLY A 323 -18.10 -1.61 -25.10
C GLY A 323 -18.37 -2.33 -26.41
N ARG A 324 -19.39 -3.17 -26.47
CA ARG A 324 -19.62 -4.00 -27.65
C ARG A 324 -20.24 -3.25 -28.81
N ASP A 325 -20.56 -1.96 -28.67
CA ASP A 325 -20.91 -1.19 -29.86
C ASP A 325 -19.68 -0.89 -30.71
N LEU A 326 -18.48 -1.22 -30.23
CA LEU A 326 -17.24 -0.81 -30.90
C LEU A 326 -17.18 -1.28 -32.34
N LEU A 327 -17.33 -2.59 -32.57
CA LEU A 327 -17.23 -3.10 -33.93
C LEU A 327 -18.35 -2.58 -34.80
N ALA A 328 -19.55 -2.41 -34.23
CA ALA A 328 -20.64 -1.81 -35.00
C ALA A 328 -20.32 -0.38 -35.38
N HIS A 329 -19.76 0.39 -34.44
CA HIS A 329 -19.35 1.75 -34.69
C HIS A 329 -18.32 1.83 -35.82
N GLU A 330 -17.18 1.16 -35.64
CA GLU A 330 -16.11 1.29 -36.63
C GLU A 330 -16.52 0.70 -37.99
N PHE A 331 -17.29 -0.39 -37.99
CA PHE A 331 -17.78 -0.94 -39.24
C PHE A 331 -18.65 0.08 -39.98
N ASN A 332 -19.53 0.78 -39.25
CA ASN A 332 -20.37 1.78 -39.90
C ASN A 332 -19.55 2.84 -40.61
N HIS A 333 -18.36 3.15 -40.09
CA HIS A 333 -17.48 4.14 -40.73
C HIS A 333 -17.03 3.73 -42.11
N SER A 334 -17.02 2.42 -42.43
CA SER A 334 -16.70 2.04 -43.80
C SER A 334 -17.60 2.77 -44.79
N TRP A 335 -18.88 2.94 -44.44
CA TRP A 335 -19.80 3.79 -45.19
C TRP A 335 -19.61 5.25 -44.82
N ASN A 336 -19.77 5.57 -43.53
CA ASN A 336 -19.88 6.96 -43.08
C ASN A 336 -18.55 7.39 -42.48
N GLY A 337 -17.69 7.96 -43.33
CA GLY A 337 -16.42 8.45 -42.86
C GLY A 337 -15.29 8.07 -43.78
N LYS A 338 -15.21 6.78 -44.11
CA LYS A 338 -14.21 6.33 -45.07
C LYS A 338 -14.72 6.55 -46.50
N TYR A 339 -15.85 5.95 -46.85
CA TYR A 339 -16.36 6.12 -48.21
C TYR A 339 -16.88 7.54 -48.43
N ARG A 340 -17.86 7.98 -47.65
CA ARG A 340 -18.33 9.35 -47.72
C ARG A 340 -17.61 10.16 -46.65
N ARG A 341 -16.97 11.26 -47.07
CA ARG A 341 -16.15 12.05 -46.18
C ARG A 341 -16.32 13.52 -46.52
N GLY A 342 -16.33 14.37 -45.50
CA GLY A 342 -16.42 15.81 -45.76
C GLY A 342 -15.28 16.29 -46.64
N ALA A 343 -15.61 17.20 -47.56
CA ALA A 343 -14.61 17.67 -48.52
C ALA A 343 -13.43 18.33 -47.81
N ASP A 344 -13.68 19.04 -46.72
CA ASP A 344 -12.59 19.68 -46.00
C ASP A 344 -11.77 18.69 -45.16
N LEU A 345 -12.28 17.47 -44.95
CA LEU A 345 -11.54 16.42 -44.28
C LEU A 345 -10.74 15.54 -45.25
N ALA A 346 -11.19 15.44 -46.51
CA ALA A 346 -10.56 14.57 -47.52
C ALA A 346 -9.36 15.27 -48.13
N THR A 347 -8.26 15.28 -47.38
CA THR A 347 -7.05 16.02 -47.74
C THR A 347 -6.20 15.25 -48.76
N PRO A 348 -5.34 15.95 -49.53
CA PRO A 348 -4.60 15.29 -50.62
C PRO A 348 -3.40 14.46 -50.17
N ASN A 349 -2.77 14.79 -49.03
CA ASN A 349 -1.77 13.91 -48.44
C ASN A 349 -1.89 14.01 -46.93
N PHE A 350 -0.95 13.41 -46.21
CA PHE A 350 -1.02 13.34 -44.75
C PHE A 350 -0.32 14.50 -44.07
N ASN A 351 -0.01 15.57 -44.80
CA ASN A 351 0.84 16.61 -44.25
C ASN A 351 0.31 18.00 -44.57
N VAL A 352 -1.00 18.10 -44.75
CA VAL A 352 -1.73 19.37 -44.81
C VAL A 352 -2.89 19.23 -43.81
N PRO A 353 -3.37 20.32 -43.22
CA PRO A 353 -4.34 20.20 -42.13
C PRO A 353 -5.71 19.73 -42.60
N MET A 354 -6.37 18.99 -41.73
CA MET A 354 -7.72 18.49 -41.96
C MET A 354 -8.76 19.43 -41.39
N GLY A 355 -9.85 19.63 -42.13
CA GLY A 355 -10.99 20.39 -41.66
C GLY A 355 -12.04 19.45 -41.10
N ASP A 356 -12.33 19.61 -39.82
CA ASP A 356 -13.19 18.68 -39.09
C ASP A 356 -14.64 19.15 -38.99
N SER A 357 -15.03 20.17 -39.78
CA SER A 357 -16.33 20.82 -39.58
C SER A 357 -17.50 19.86 -39.63
N LEU A 358 -17.40 18.76 -40.36
CA LEU A 358 -18.53 17.86 -40.55
C LEU A 358 -18.44 16.60 -39.71
N LEU A 359 -17.67 16.62 -38.62
CA LEU A 359 -17.54 15.42 -37.79
C LEU A 359 -18.84 15.06 -37.08
N TRP A 360 -19.79 15.99 -36.94
CA TRP A 360 -21.06 15.60 -36.36
C TRP A 360 -21.87 14.69 -37.28
N LEU A 361 -21.47 14.56 -38.55
CA LEU A 361 -21.98 13.47 -39.38
C LEU A 361 -21.05 12.24 -39.30
N TYR A 362 -19.78 12.43 -39.67
CA TYR A 362 -18.77 11.37 -39.63
C TYR A 362 -18.83 10.56 -38.34
N GLU A 363 -18.63 11.23 -37.20
CA GLU A 363 -18.67 10.52 -35.93
C GLU A 363 -20.06 10.53 -35.30
N GLY A 364 -20.79 11.63 -35.43
CA GLY A 364 -22.08 11.75 -34.77
C GLY A 364 -23.08 10.70 -35.22
N GLN A 365 -23.27 10.56 -36.54
CA GLN A 365 -24.25 9.57 -36.99
C GLN A 365 -23.69 8.16 -36.85
N THR A 366 -22.36 8.00 -36.87
CA THR A 366 -21.79 6.68 -36.63
C THR A 366 -21.97 6.27 -35.17
N GLN A 367 -21.81 7.22 -34.24
CA GLN A 367 -22.13 6.93 -32.84
C GLN A 367 -23.58 6.48 -32.70
N PHE A 368 -24.50 7.17 -33.41
CA PHE A 368 -25.90 6.80 -33.43
C PHE A 368 -26.10 5.39 -33.95
N TRP A 369 -25.54 5.08 -35.13
CA TRP A 369 -25.77 3.76 -35.73
C TRP A 369 -25.06 2.66 -34.96
N GLY A 370 -23.90 2.96 -34.35
CA GLY A 370 -23.23 1.95 -33.56
C GLY A 370 -24.13 1.39 -32.46
N GLU A 371 -24.85 2.27 -31.76
CA GLU A 371 -25.75 1.82 -30.71
C GLU A 371 -27.01 1.19 -31.28
N VAL A 372 -27.61 1.82 -32.30
CA VAL A 372 -28.80 1.24 -32.91
C VAL A 372 -28.49 -0.15 -33.46
N MET A 373 -27.36 -0.29 -34.16
CA MET A 373 -27.03 -1.57 -34.77
C MET A 373 -26.63 -2.62 -33.74
N SER A 374 -26.11 -2.21 -32.58
CA SER A 374 -25.88 -3.17 -31.51
C SER A 374 -27.19 -3.82 -31.09
N ALA A 375 -28.26 -3.03 -30.98
CA ALA A 375 -29.57 -3.59 -30.64
C ALA A 375 -30.13 -4.41 -31.79
N ARG A 376 -30.03 -3.90 -33.02
CA ARG A 376 -30.58 -4.64 -34.16
C ARG A 376 -29.89 -5.98 -34.37
N SER A 377 -28.60 -6.06 -34.04
CA SER A 377 -27.84 -7.28 -34.27
C SER A 377 -27.82 -8.21 -33.07
N GLY A 378 -28.24 -7.76 -31.90
CA GLY A 378 -28.12 -8.59 -30.71
C GLY A 378 -26.80 -8.49 -30.00
N LEU A 379 -25.89 -7.62 -30.44
CA LEU A 379 -24.72 -7.33 -29.63
C LEU A 379 -25.12 -6.74 -28.28
N TRP A 380 -26.19 -5.96 -28.26
CA TRP A 380 -26.80 -5.45 -27.04
C TRP A 380 -28.24 -5.95 -26.96
N THR A 381 -28.74 -6.09 -25.74
CA THR A 381 -30.17 -6.26 -25.59
C THR A 381 -30.87 -4.93 -25.79
N GLN A 382 -32.18 -4.99 -26.04
CA GLN A 382 -32.94 -3.75 -26.21
C GLN A 382 -32.93 -2.92 -24.93
N GLU A 383 -33.00 -3.58 -23.78
CA GLU A 383 -32.94 -2.87 -22.51
C GLU A 383 -31.59 -2.21 -22.29
N GLN A 384 -30.51 -2.88 -22.68
CA GLN A 384 -29.18 -2.28 -22.57
C GLN A 384 -29.07 -1.05 -23.46
N ALA A 385 -29.51 -1.16 -24.72
CA ALA A 385 -29.42 -0.03 -25.64
C ALA A 385 -30.27 1.14 -25.16
N ARG A 386 -31.43 0.85 -24.56
CA ARG A 386 -32.31 1.92 -24.09
C ARG A 386 -31.67 2.69 -22.94
N ASP A 387 -31.09 1.97 -21.97
CA ASP A 387 -30.44 2.65 -20.85
C ASP A 387 -29.19 3.39 -21.30
N MET A 388 -28.48 2.87 -22.31
CA MET A 388 -27.37 3.62 -22.89
C MET A 388 -27.86 4.93 -23.48
N LEU A 389 -28.96 4.88 -24.25
CA LEU A 389 -29.52 6.09 -24.83
C LEU A 389 -29.99 7.06 -23.76
N ALA A 390 -30.57 6.54 -22.67
CA ALA A 390 -30.96 7.40 -21.57
C ALA A 390 -29.77 8.15 -21.00
N GLY A 391 -28.62 7.49 -20.89
CA GLY A 391 -27.44 8.16 -20.38
C GLY A 391 -26.95 9.25 -21.31
N VAL A 392 -27.04 9.03 -22.62
CA VAL A 392 -26.68 10.07 -23.59
C VAL A 392 -27.62 11.25 -23.45
N ALA A 393 -28.92 10.98 -23.35
CA ALA A 393 -29.90 12.05 -23.25
C ALA A 393 -29.68 12.86 -21.98
N ALA A 394 -29.42 12.18 -20.85
CA ALA A 394 -29.18 12.89 -19.60
C ALA A 394 -27.89 13.71 -19.68
N GLN A 395 -26.88 13.19 -20.39
CA GLN A 395 -25.63 13.93 -20.53
C GLN A 395 -25.87 15.30 -21.13
N TYR A 396 -26.79 15.42 -22.09
CA TYR A 396 -27.06 16.73 -22.68
C TYR A 396 -28.19 17.47 -21.99
N GLU A 397 -29.08 16.78 -21.27
CA GLU A 397 -30.09 17.51 -20.52
C GLU A 397 -29.49 18.15 -19.27
N ARG A 398 -28.64 17.42 -18.54
CA ARG A 398 -28.10 17.89 -17.27
C ARG A 398 -26.59 17.79 -17.14
N GLY A 399 -25.92 16.98 -17.95
CA GLY A 399 -24.50 16.74 -17.80
C GLY A 399 -23.60 17.59 -18.66
N ARG A 400 -24.14 18.60 -19.37
CA ARG A 400 -23.34 19.46 -20.25
C ARG A 400 -23.71 20.92 -20.04
N PRO A 401 -23.41 21.48 -18.86
CA PRO A 401 -23.66 22.92 -18.65
C PRO A 401 -22.85 23.80 -19.58
N GLY A 402 -21.76 23.29 -20.17
CA GLY A 402 -20.98 24.06 -21.10
C GLY A 402 -21.72 24.44 -22.37
N MET A 403 -22.85 23.79 -22.65
CA MET A 403 -23.64 24.17 -23.82
C MET A 403 -24.15 25.61 -23.71
N ALA A 404 -24.15 26.19 -22.51
CA ALA A 404 -24.60 27.57 -22.37
C ALA A 404 -23.70 28.53 -23.13
N TRP A 405 -22.44 28.17 -23.36
CA TRP A 405 -21.51 29.05 -24.05
C TRP A 405 -20.86 28.44 -25.28
N ARG A 406 -20.80 27.13 -25.39
CA ARG A 406 -20.12 26.46 -26.50
C ARG A 406 -21.10 25.61 -27.28
N THR A 407 -20.97 25.61 -28.60
CA THR A 407 -21.82 24.82 -29.46
C THR A 407 -21.21 23.46 -29.74
N VAL A 408 -22.06 22.50 -30.11
CA VAL A 408 -21.55 21.21 -30.54
C VAL A 408 -20.65 21.37 -31.76
N GLN A 409 -21.02 22.28 -32.68
CA GLN A 409 -20.19 22.51 -33.86
C GLN A 409 -18.76 22.86 -33.48
N ASP A 410 -18.59 23.73 -32.48
CA ASP A 410 -17.22 24.11 -32.12
C ASP A 410 -16.43 22.94 -31.56
N THR A 411 -17.08 21.90 -31.05
CA THR A 411 -16.33 20.76 -30.53
C THR A 411 -15.69 19.93 -31.64
N THR A 412 -16.05 20.15 -32.91
CA THR A 412 -15.28 19.46 -33.94
C THR A 412 -13.84 19.93 -33.98
N ASN A 413 -13.51 21.02 -33.28
CA ASN A 413 -12.13 21.46 -33.18
C ASN A 413 -11.39 20.85 -32.00
N ASP A 414 -12.09 20.08 -31.15
CA ASP A 414 -11.42 19.46 -30.01
C ASP A 414 -10.30 18.49 -30.38
N PRO A 415 -10.38 17.71 -31.47
CA PRO A 415 -9.23 16.84 -31.79
C PRO A 415 -7.93 17.59 -31.90
N THR A 416 -7.90 18.72 -32.62
CA THR A 416 -6.67 19.49 -32.74
C THR A 416 -6.42 20.36 -31.51
N MET A 417 -7.47 20.85 -30.86
CA MET A 417 -7.30 21.68 -29.66
C MET A 417 -6.69 20.87 -28.52
N SER A 418 -7.17 19.64 -28.30
CA SER A 418 -6.83 18.91 -27.08
C SER A 418 -6.04 17.64 -27.31
N MET A 419 -6.15 16.99 -28.48
CA MET A 419 -5.47 15.72 -28.73
C MET A 419 -5.79 14.71 -27.62
N ARG A 420 -7.00 14.82 -27.06
CA ARG A 420 -7.50 13.95 -25.99
C ARG A 420 -6.62 14.01 -24.74
N ARG A 421 -5.92 15.12 -24.52
CA ARG A 421 -5.21 15.31 -23.28
C ARG A 421 -6.20 15.57 -22.15
N PRO A 422 -5.80 15.35 -20.89
CA PRO A 422 -6.74 15.49 -19.77
C PRO A 422 -7.33 16.89 -19.72
N LYS A 423 -8.64 16.97 -19.45
CA LYS A 423 -9.26 18.27 -19.20
C LYS A 423 -10.02 18.23 -17.89
N ALA A 424 -10.05 19.39 -17.23
CA ALA A 424 -10.63 19.48 -15.89
C ALA A 424 -12.13 19.27 -15.90
N TYR A 425 -12.85 19.86 -16.88
CA TYR A 425 -14.32 19.79 -16.93
C TYR A 425 -14.78 19.41 -18.33
N ARG A 426 -14.82 18.12 -18.63
CA ARG A 426 -15.45 17.70 -19.88
C ARG A 426 -16.87 18.23 -19.98
N ASN A 427 -17.56 18.38 -18.85
CA ASN A 427 -18.95 18.82 -18.84
C ASN A 427 -19.10 20.31 -19.09
N TYR A 428 -18.05 21.11 -18.91
CA TYR A 428 -18.16 22.54 -19.13
C TYR A 428 -17.29 23.05 -20.27
N GLN A 429 -16.06 22.56 -20.39
CA GLN A 429 -15.27 22.84 -21.59
C GLN A 429 -15.86 22.18 -22.82
N MET A 430 -16.67 21.13 -22.63
CA MET A 430 -17.18 20.25 -23.68
C MET A 430 -16.05 19.35 -24.13
N SER A 431 -16.37 18.23 -24.79
CA SER A 431 -15.34 17.27 -25.18
C SER A 431 -15.89 16.41 -26.32
N GLU A 432 -15.60 16.84 -27.55
CA GLU A 432 -15.94 16.05 -28.74
C GLU A 432 -17.41 15.64 -28.72
N ASP A 433 -18.28 16.58 -28.35
CA ASP A 433 -19.70 16.29 -28.31
C ASP A 433 -20.33 16.11 -29.68
N TYR A 434 -19.58 16.36 -30.76
CA TYR A 434 -20.06 15.99 -32.08
C TYR A 434 -20.32 14.49 -32.17
N TYR A 435 -19.78 13.69 -31.25
CA TYR A 435 -20.13 12.27 -31.09
C TYR A 435 -21.54 12.12 -30.55
N SER A 436 -21.70 12.27 -29.23
CA SER A 436 -22.95 11.91 -28.58
C SER A 436 -24.01 13.00 -28.73
N GLY A 437 -23.60 14.26 -28.74
CA GLY A 437 -24.53 15.32 -29.11
C GLY A 437 -24.98 15.18 -30.55
N GLY A 438 -24.06 14.84 -31.44
CA GLY A 438 -24.44 14.52 -32.81
C GLY A 438 -25.42 13.37 -32.88
N GLN A 439 -25.17 12.31 -32.10
CA GLN A 439 -26.08 11.17 -32.03
C GLN A 439 -27.49 11.62 -31.67
N MET A 440 -27.61 12.49 -30.67
CA MET A 440 -28.94 12.97 -30.26
C MET A 440 -29.60 13.76 -31.38
N MET A 441 -28.83 14.57 -32.10
CA MET A 441 -29.41 15.28 -33.24
C MET A 441 -29.91 14.30 -34.29
N TRP A 442 -29.13 13.26 -34.59
CA TRP A 442 -29.56 12.30 -35.60
C TRP A 442 -30.78 11.52 -35.12
N LEU A 443 -30.90 11.26 -33.82
CA LEU A 443 -32.15 10.71 -33.32
C LEU A 443 -33.31 11.66 -33.61
N GLU A 444 -33.11 12.96 -33.39
CA GLU A 444 -34.18 13.90 -33.68
C GLU A 444 -34.45 13.99 -35.18
N VAL A 445 -33.41 13.90 -36.01
CA VAL A 445 -33.62 13.86 -37.46
C VAL A 445 -34.51 12.67 -37.82
N ASP A 446 -34.22 11.50 -37.25
CA ASP A 446 -35.07 10.34 -37.47
C ASP A 446 -36.50 10.63 -37.09
N SER A 447 -36.72 11.20 -35.89
CA SER A 447 -38.07 11.47 -35.43
C SER A 447 -38.78 12.47 -36.34
N LYS A 448 -38.05 13.45 -36.87
CA LYS A 448 -38.64 14.45 -37.75
C LYS A 448 -38.99 13.86 -39.11
N LEU A 449 -38.11 13.01 -39.66
CA LEU A 449 -38.44 12.32 -40.90
C LEU A 449 -39.71 11.50 -40.75
N ARG A 450 -39.87 10.80 -39.63
CA ARG A 450 -41.08 10.04 -39.38
C ARG A 450 -42.29 10.96 -39.26
N ALA A 451 -42.16 12.07 -38.53
CA ALA A 451 -43.29 12.97 -38.35
C ALA A 451 -43.71 13.62 -39.67
N LEU A 452 -42.75 13.98 -40.51
CA LEU A 452 -43.09 14.57 -41.80
C LEU A 452 -43.77 13.60 -42.75
N THR A 453 -43.57 12.30 -42.55
CA THR A 453 -43.99 11.31 -43.54
C THR A 453 -44.97 10.29 -42.97
N ASN A 454 -45.57 10.57 -41.81
CA ASN A 454 -46.49 9.62 -41.19
C ASN A 454 -45.83 8.26 -41.01
N ASN A 455 -44.56 8.29 -40.60
CA ASN A 455 -43.73 7.11 -40.30
C ASN A 455 -43.41 6.29 -41.53
N LYS A 456 -43.66 6.81 -42.74
CA LYS A 456 -43.30 6.09 -43.96
C LYS A 456 -41.83 6.21 -44.32
N ARG A 457 -41.14 7.24 -43.83
CA ARG A 457 -39.70 7.39 -44.00
C ARG A 457 -39.06 7.55 -42.62
N SER A 458 -37.78 7.20 -42.54
CA SER A 458 -37.03 7.30 -41.29
C SER A 458 -35.59 7.60 -41.65
N ILE A 459 -34.72 7.64 -40.63
CA ILE A 459 -33.31 7.92 -40.91
C ILE A 459 -32.68 6.80 -41.72
N ASP A 460 -33.24 5.59 -41.69
CA ASP A 460 -32.78 4.51 -42.55
C ASP A 460 -32.80 4.93 -44.03
N ASP A 461 -33.79 5.74 -44.42
CA ASP A 461 -33.84 6.19 -45.81
C ASP A 461 -32.72 7.18 -46.12
N PHE A 462 -32.31 8.00 -45.15
CA PHE A 462 -31.14 8.84 -45.39
C PHE A 462 -29.88 8.00 -45.53
N GLY A 463 -29.71 6.98 -44.68
CA GLY A 463 -28.55 6.13 -44.77
C GLY A 463 -28.39 5.50 -46.14
N LYS A 464 -29.47 4.92 -46.66
CA LYS A 464 -29.40 4.29 -47.99
C LYS A 464 -29.14 5.32 -49.07
N ALA A 465 -29.82 6.47 -49.01
CA ALA A 465 -29.67 7.46 -50.07
C ALA A 465 -28.29 8.09 -50.06
N PHE A 466 -27.73 8.34 -48.88
CA PHE A 466 -26.47 9.06 -48.79
C PHE A 466 -25.25 8.16 -48.89
N PHE A 467 -25.33 6.92 -48.41
CA PHE A 467 -24.18 6.03 -48.40
C PHE A 467 -24.35 4.77 -49.23
N GLY A 468 -25.54 4.53 -49.79
CA GLY A 468 -25.87 3.29 -50.45
C GLY A 468 -25.57 3.22 -51.93
N MET A 469 -25.06 4.29 -52.53
CA MET A 469 -24.71 4.26 -53.94
C MET A 469 -23.42 3.46 -54.15
N LYS A 470 -23.20 3.03 -55.39
CA LYS A 470 -21.91 2.53 -55.86
C LYS A 470 -21.35 1.38 -55.02
N ASN A 471 -22.11 0.28 -54.99
CA ASN A 471 -21.64 -0.91 -54.29
C ASN A 471 -20.27 -1.34 -54.81
N GLY A 472 -19.38 -1.72 -53.90
CA GLY A 472 -18.05 -2.15 -54.25
C GLY A 472 -17.03 -1.03 -54.34
N ASP A 473 -17.49 0.21 -54.48
CA ASP A 473 -16.59 1.35 -54.55
C ASP A 473 -16.03 1.65 -53.16
N TRP A 474 -14.70 1.74 -53.05
CA TRP A 474 -14.09 2.17 -51.80
C TRP A 474 -13.04 3.26 -52.02
N ASP A 475 -13.22 4.08 -53.06
CA ASP A 475 -12.52 5.36 -53.10
C ASP A 475 -13.36 6.39 -52.36
N VAL A 476 -12.77 7.54 -52.08
CA VAL A 476 -13.46 8.52 -51.24
C VAL A 476 -14.45 9.30 -52.09
N ASN A 477 -15.68 9.43 -51.61
CA ASN A 477 -16.75 10.16 -52.26
C ASN A 477 -17.09 11.36 -51.39
N PRO A 478 -16.51 12.54 -51.65
CA PRO A 478 -16.65 13.66 -50.73
C PRO A 478 -18.04 14.28 -50.75
N TYR A 479 -18.35 14.99 -49.67
CA TYR A 479 -19.61 15.72 -49.56
C TYR A 479 -19.38 17.03 -48.81
N THR A 480 -20.32 17.94 -48.97
CA THR A 480 -20.39 19.17 -48.21
C THR A 480 -21.68 19.20 -47.40
N PHE A 481 -21.78 20.23 -46.56
CA PHE A 481 -23.00 20.46 -45.77
C PHE A 481 -24.23 20.51 -46.65
N ASP A 482 -24.15 21.22 -47.78
CA ASP A 482 -25.29 21.34 -48.68
C ASP A 482 -25.73 19.98 -49.20
N ASP A 483 -24.80 19.03 -49.37
CA ASP A 483 -25.16 17.69 -49.82
C ASP A 483 -25.98 16.96 -48.75
N ILE A 484 -25.61 17.12 -47.48
CA ILE A 484 -26.39 16.52 -46.41
C ILE A 484 -27.81 17.04 -46.46
N VAL A 485 -27.96 18.36 -46.59
CA VAL A 485 -29.27 19.00 -46.65
C VAL A 485 -30.07 18.48 -47.84
N SER A 486 -29.46 18.42 -49.02
CA SER A 486 -30.23 18.03 -50.20
C SER A 486 -30.71 16.59 -50.10
N THR A 487 -29.88 15.69 -49.56
CA THR A 487 -30.29 14.30 -49.44
C THR A 487 -31.40 14.14 -48.42
N LEU A 488 -31.30 14.83 -47.28
CA LEU A 488 -32.39 14.85 -46.32
C LEU A 488 -33.67 15.38 -46.95
N ASN A 489 -33.56 16.50 -47.68
CA ASN A 489 -34.74 17.06 -48.33
C ASN A 489 -35.34 16.08 -49.34
N GLY A 490 -34.50 15.27 -49.99
CA GLY A 490 -35.01 14.26 -50.91
C GLY A 490 -35.80 13.16 -50.22
N VAL A 491 -35.46 12.85 -48.97
CA VAL A 491 -36.25 11.89 -48.21
C VAL A 491 -37.59 12.51 -47.81
N ALA A 492 -37.56 13.74 -47.31
CA ALA A 492 -38.80 14.44 -46.95
C ALA A 492 -38.50 15.93 -46.97
N ALA A 493 -39.26 16.68 -47.76
CA ALA A 493 -39.01 18.10 -47.91
C ALA A 493 -39.20 18.83 -46.59
N PHE A 494 -38.22 19.68 -46.24
CA PHE A 494 -38.16 20.40 -44.98
C PHE A 494 -36.93 21.30 -45.03
N ASP A 495 -36.93 22.33 -44.21
CA ASP A 495 -35.78 23.24 -44.14
C ASP A 495 -34.72 22.58 -43.25
N TRP A 496 -34.02 21.60 -43.84
CA TRP A 496 -33.04 20.85 -43.07
C TRP A 496 -31.80 21.69 -42.73
N ALA A 497 -31.45 22.65 -43.59
CA ALA A 497 -30.30 23.50 -43.27
C ALA A 497 -30.51 24.23 -41.96
N SER A 498 -31.68 24.87 -41.79
CA SER A 498 -31.95 25.55 -40.53
C SER A 498 -32.03 24.58 -39.37
N PHE A 499 -32.59 23.38 -39.61
CA PHE A 499 -32.68 22.40 -38.54
C PHE A 499 -31.30 21.99 -38.04
N LEU A 500 -30.41 21.63 -38.97
CA LEU A 500 -29.07 21.21 -38.58
C LEU A 500 -28.32 22.33 -37.86
N ARG A 501 -28.38 23.55 -38.42
CA ARG A 501 -27.67 24.67 -37.81
C ARG A 501 -28.25 25.01 -36.45
N SER A 502 -29.57 24.93 -36.31
CA SER A 502 -30.17 25.28 -35.02
C SER A 502 -29.70 24.36 -33.91
N ARG A 503 -29.39 23.10 -34.23
CA ARG A 503 -28.90 22.15 -33.24
C ARG A 503 -27.38 22.22 -33.06
N MET A 504 -26.63 22.28 -34.16
CA MET A 504 -25.17 22.26 -34.06
C MET A 504 -24.57 23.62 -33.73
N ASP A 505 -25.25 24.72 -34.09
CA ASP A 505 -24.79 26.06 -33.73
C ASP A 505 -25.54 26.65 -32.54
N GLY A 506 -26.43 25.89 -31.91
CA GLY A 506 -27.26 26.43 -30.85
C GLY A 506 -26.74 26.07 -29.47
N HIS A 507 -27.46 26.58 -28.48
CA HIS A 507 -27.16 26.30 -27.08
C HIS A 507 -28.33 25.59 -26.40
N GLY A 508 -29.37 25.25 -27.17
CA GLY A 508 -30.57 24.66 -26.61
C GLY A 508 -30.56 23.14 -26.63
N SER A 509 -31.74 22.59 -26.35
CA SER A 509 -31.87 21.16 -26.13
C SER A 509 -31.57 20.35 -27.38
N LEU A 510 -30.91 19.22 -27.19
CA LEU A 510 -30.63 18.26 -28.26
C LEU A 510 -31.44 16.99 -28.15
N ILE A 511 -32.28 16.85 -27.11
CA ILE A 511 -32.90 15.56 -26.79
C ILE A 511 -34.34 15.46 -27.32
N GLY A 512 -34.75 16.36 -28.22
CA GLY A 512 -36.13 16.36 -28.69
C GLY A 512 -36.56 15.06 -29.36
N GLY A 513 -35.61 14.31 -29.91
CA GLY A 513 -35.96 13.05 -30.57
C GLY A 513 -36.52 11.99 -29.64
N ILE A 514 -36.19 12.06 -28.34
CA ILE A 514 -36.71 11.08 -27.40
C ILE A 514 -38.23 11.16 -27.32
N GLU A 515 -38.76 12.33 -26.95
CA GLU A 515 -40.21 12.49 -26.82
C GLU A 515 -40.91 12.33 -28.16
N ALA A 516 -40.31 12.84 -29.24
CA ALA A 516 -40.96 12.75 -30.53
C ALA A 516 -41.15 11.30 -30.97
N ASN A 517 -40.23 10.41 -30.58
CA ASN A 517 -40.34 9.00 -30.92
C ASN A 517 -41.00 8.16 -29.83
N GLY A 518 -41.65 8.80 -28.86
CA GLY A 518 -42.59 8.13 -27.99
C GLY A 518 -42.14 7.81 -26.57
N TRP A 519 -40.98 8.31 -26.13
CA TRP A 519 -40.46 8.01 -24.81
C TRP A 519 -40.09 9.31 -24.09
N LYS A 520 -39.74 9.19 -22.81
CA LYS A 520 -39.44 10.34 -21.99
C LYS A 520 -38.24 10.03 -21.11
N LEU A 521 -37.31 10.98 -21.02
CA LEU A 521 -36.17 10.84 -20.12
C LEU A 521 -36.60 11.11 -18.70
N VAL A 522 -36.37 10.14 -17.80
CA VAL A 522 -36.70 10.27 -16.39
C VAL A 522 -35.46 9.89 -15.57
N TYR A 523 -35.50 10.25 -14.29
CA TYR A 523 -34.45 9.92 -13.33
C TYR A 523 -35.07 9.31 -12.08
N ASN A 524 -34.43 8.28 -11.54
CA ASN A 524 -34.90 7.66 -10.31
C ASN A 524 -33.72 6.94 -9.66
N ASP A 525 -33.99 6.23 -8.56
CA ASP A 525 -32.91 5.59 -7.83
C ASP A 525 -32.54 4.21 -8.36
N GLU A 526 -33.20 3.74 -9.41
CA GLU A 526 -32.82 2.48 -10.03
C GLU A 526 -31.56 2.67 -10.86
N PRO A 527 -30.51 1.89 -10.63
CA PRO A 527 -29.26 2.11 -11.36
C PRO A 527 -29.46 1.98 -12.86
N ASN A 528 -28.74 2.83 -13.60
CA ASN A 528 -28.69 2.69 -15.04
C ASN A 528 -27.81 1.49 -15.39
N LEU A 529 -28.29 0.64 -16.32
CA LEU A 529 -27.61 -0.62 -16.60
C LEU A 529 -26.16 -0.41 -17.02
N ALA A 530 -25.89 0.63 -17.82
CA ALA A 530 -24.53 0.93 -18.22
C ALA A 530 -23.70 1.41 -17.04
N THR A 531 -24.25 2.35 -16.27
CA THR A 531 -23.54 2.85 -15.08
C THR A 531 -23.22 1.71 -14.12
N LYS A 532 -24.20 0.84 -13.86
CA LYS A 532 -24.00 -0.28 -12.94
C LYS A 532 -22.88 -1.19 -13.41
N THR A 533 -22.89 -1.57 -14.68
CA THR A 533 -21.82 -2.42 -15.20
C THR A 533 -20.47 -1.70 -15.16
N ASP A 534 -20.45 -0.41 -15.48
CA ASP A 534 -19.19 0.33 -15.45
C ASP A 534 -18.72 0.56 -14.02
N GLU A 535 -19.65 0.63 -13.06
CA GLU A 535 -19.29 0.79 -11.65
C GLU A 535 -18.77 -0.52 -11.07
N SER A 536 -19.35 -1.64 -11.49
CA SER A 536 -19.22 -2.90 -10.78
C SER A 536 -17.77 -3.39 -10.80
N ASP A 537 -17.51 -4.38 -9.94
CA ASP A 537 -16.20 -4.99 -9.75
C ASP A 537 -15.18 -4.03 -9.13
N ASP A 538 -15.18 -2.77 -9.56
CA ASP A 538 -14.30 -1.78 -8.94
C ASP A 538 -14.97 -0.99 -7.83
N LYS A 539 -16.28 -1.11 -7.66
CA LYS A 539 -17.03 -0.44 -6.60
C LYS A 539 -16.90 1.08 -6.67
N ASP A 540 -16.99 1.65 -7.88
CA ASP A 540 -16.94 3.10 -8.03
C ASP A 540 -18.33 3.71 -7.80
N ALA A 541 -18.41 5.04 -7.82
CA ALA A 541 -19.66 5.73 -7.53
C ALA A 541 -19.83 6.88 -8.51
N SER A 542 -20.73 6.73 -9.49
CA SER A 542 -21.12 7.79 -10.40
C SER A 542 -22.33 8.51 -9.82
N LEU A 543 -22.16 9.78 -9.44
CA LEU A 543 -23.21 10.54 -8.76
C LEU A 543 -23.48 11.86 -9.47
N THR A 544 -23.40 11.85 -10.81
CA THR A 544 -23.46 13.09 -11.58
C THR A 544 -24.74 13.86 -11.30
N TYR A 545 -25.88 13.18 -11.23
CA TYR A 545 -27.16 13.84 -11.16
C TYR A 545 -27.70 13.96 -9.74
N SER A 546 -26.90 13.56 -8.74
CA SER A 546 -27.24 13.83 -7.35
C SER A 546 -26.23 14.81 -6.77
N LEU A 547 -25.05 14.33 -6.38
CA LEU A 547 -24.05 15.22 -5.80
C LEU A 547 -23.21 15.94 -6.84
N GLY A 548 -23.37 15.62 -8.12
CA GLY A 548 -22.59 16.31 -9.14
C GLY A 548 -21.13 15.95 -9.14
N MET A 549 -20.80 14.69 -8.92
CA MET A 549 -19.42 14.24 -8.99
C MET A 549 -19.41 12.73 -9.19
N SER A 550 -18.24 12.21 -9.57
CA SER A 550 -18.01 10.78 -9.60
C SER A 550 -16.78 10.48 -8.75
N LEU A 551 -16.77 9.31 -8.12
CA LEU A 551 -15.69 8.93 -7.22
C LEU A 551 -15.21 7.52 -7.51
N LYS A 552 -13.93 7.30 -7.26
CA LYS A 552 -13.38 5.95 -7.21
C LYS A 552 -13.71 5.33 -5.85
N ALA A 553 -13.55 3.99 -5.78
CA ALA A 553 -13.81 3.28 -4.54
C ALA A 553 -12.96 3.81 -3.39
N SER A 554 -11.79 4.36 -3.68
CA SER A 554 -10.91 4.96 -2.67
C SER A 554 -11.47 6.23 -2.07
N GLY A 555 -12.49 6.84 -2.67
CA GLY A 555 -12.93 8.16 -2.27
C GLY A 555 -12.35 9.30 -3.07
N ASP A 556 -11.33 9.05 -3.89
CA ASP A 556 -10.81 10.10 -4.75
C ASP A 556 -11.89 10.55 -5.73
N ILE A 557 -12.09 11.85 -5.82
CA ILE A 557 -13.05 12.37 -6.79
C ILE A 557 -12.44 12.29 -8.19
N SER A 558 -13.18 11.68 -9.12
CA SER A 558 -12.70 11.50 -10.48
C SER A 558 -13.34 12.48 -11.47
N ASP A 559 -14.40 13.17 -11.08
CA ASP A 559 -15.05 14.13 -11.97
C ASP A 559 -15.98 15.00 -11.13
N VAL A 560 -16.11 16.27 -11.54
CA VAL A 560 -16.98 17.22 -10.87
C VAL A 560 -17.80 17.96 -11.91
N LEU A 561 -19.12 17.96 -11.74
CA LEU A 561 -20.03 18.66 -12.63
C LEU A 561 -20.04 20.15 -12.30
N TRP A 562 -19.74 20.97 -13.31
CA TRP A 562 -19.78 22.43 -13.16
C TRP A 562 -21.12 22.88 -12.61
N ASP A 563 -21.07 23.77 -11.61
CA ASP A 563 -22.21 24.37 -10.93
C ASP A 563 -23.07 23.37 -10.14
N GLY A 564 -22.61 22.13 -9.98
CA GLY A 564 -23.32 21.16 -9.17
C GLY A 564 -22.97 21.28 -7.69
N PRO A 565 -23.58 20.44 -6.85
CA PRO A 565 -23.35 20.57 -5.39
C PRO A 565 -21.91 20.41 -4.98
N ALA A 566 -21.19 19.40 -5.49
CA ALA A 566 -19.79 19.22 -5.14
C ALA A 566 -18.96 20.42 -5.60
N PHE A 567 -19.20 20.90 -6.82
CA PHE A 567 -18.54 22.09 -7.32
C PHE A 567 -18.77 23.28 -6.38
N ASN A 568 -20.00 23.43 -5.88
CA ASN A 568 -20.34 24.57 -5.02
C ASN A 568 -19.76 24.43 -3.61
N ALA A 569 -19.26 23.25 -3.25
CA ALA A 569 -18.47 23.10 -2.03
C ALA A 569 -16.97 23.30 -2.29
N GLY A 570 -16.61 23.79 -3.48
CA GLY A 570 -15.21 24.00 -3.81
C GLY A 570 -14.44 22.75 -4.20
N LEU A 571 -15.11 21.60 -4.33
CA LEU A 571 -14.42 20.35 -4.59
C LEU A 571 -13.92 20.28 -6.02
N ILE A 572 -12.75 19.67 -6.19
CA ILE A 572 -12.20 19.39 -7.51
C ILE A 572 -11.77 17.93 -7.59
N THR A 573 -11.72 17.44 -8.82
CA THR A 573 -11.11 16.16 -9.12
C THR A 573 -9.74 16.06 -8.48
N GLY A 574 -9.47 14.95 -7.80
CA GLY A 574 -8.25 14.77 -7.07
C GLY A 574 -8.40 14.98 -5.58
N ASN A 575 -9.36 15.80 -5.15
CA ASN A 575 -9.73 15.79 -3.74
C ASN A 575 -10.29 14.41 -3.38
N THR A 576 -10.30 14.11 -2.08
CA THR A 576 -10.72 12.80 -1.61
C THR A 576 -11.83 12.96 -0.59
N ILE A 577 -12.92 12.22 -0.79
CA ILE A 577 -13.96 12.13 0.24
C ILE A 577 -13.52 11.06 1.24
N VAL A 578 -13.14 11.50 2.44
CA VAL A 578 -12.61 10.60 3.45
C VAL A 578 -13.74 9.93 4.23
N ALA A 579 -14.78 10.69 4.57
CA ALA A 579 -15.87 10.16 5.37
C ALA A 579 -17.17 10.82 4.95
N VAL A 580 -18.26 10.11 5.22
CA VAL A 580 -19.62 10.59 4.94
C VAL A 580 -20.42 10.46 6.23
N ASN A 581 -20.87 11.59 6.77
CA ASN A 581 -21.53 11.63 8.08
C ASN A 581 -20.70 10.91 9.12
N GLY A 582 -19.37 11.08 9.02
CA GLY A 582 -18.45 10.51 9.99
C GLY A 582 -17.99 9.09 9.68
N ARG A 583 -18.60 8.42 8.71
CA ARG A 583 -18.26 7.03 8.41
C ARG A 583 -17.30 6.96 7.23
N ALA A 584 -16.27 6.11 7.37
CA ALA A 584 -15.26 5.93 6.34
C ALA A 584 -15.90 5.73 4.97
N PHE A 585 -15.35 6.40 3.95
CA PHE A 585 -16.02 6.40 2.66
C PHE A 585 -16.09 5.00 2.06
N SER A 586 -17.23 4.71 1.47
CA SER A 586 -17.36 3.67 0.46
C SER A 586 -18.45 4.14 -0.50
N SER A 587 -18.51 3.50 -1.66
CA SER A 587 -19.57 3.82 -2.61
C SER A 587 -20.94 3.56 -2.01
N ASP A 588 -21.10 2.42 -1.32
CA ASP A 588 -22.36 2.14 -0.64
C ASP A 588 -22.65 3.17 0.45
N VAL A 589 -21.62 3.58 1.19
CA VAL A 589 -21.82 4.51 2.29
C VAL A 589 -22.35 5.85 1.77
N ILE A 590 -21.73 6.37 0.70
CA ILE A 590 -22.17 7.67 0.22
C ILE A 590 -23.53 7.55 -0.46
N LYS A 591 -23.78 6.44 -1.15
CA LYS A 591 -25.10 6.25 -1.76
C LYS A 591 -26.19 6.15 -0.70
N ASP A 592 -25.93 5.42 0.39
CA ASP A 592 -26.91 5.33 1.47
C ASP A 592 -27.17 6.70 2.11
N ALA A 593 -26.12 7.51 2.27
CA ALA A 593 -26.29 8.84 2.84
C ALA A 593 -27.10 9.74 1.94
N ILE A 594 -26.90 9.64 0.63
CA ILE A 594 -27.71 10.43 -0.31
C ILE A 594 -29.17 10.03 -0.19
N THR A 595 -29.44 8.73 -0.17
CA THR A 595 -30.82 8.26 0.01
C THR A 595 -31.39 8.72 1.35
N ALA A 596 -30.57 8.65 2.41
CA ALA A 596 -31.04 9.07 3.72
C ALA A 596 -31.36 10.57 3.75
N ALA A 597 -30.70 11.35 2.90
CA ALA A 597 -30.96 12.79 2.85
C ALA A 597 -32.14 13.15 1.95
N LYS A 598 -32.71 12.18 1.23
CA LYS A 598 -33.81 12.47 0.31
C LYS A 598 -35.03 12.95 1.07
N GLY A 599 -35.49 14.16 0.75
CA GLY A 599 -36.68 14.71 1.35
C GLY A 599 -36.53 15.29 2.74
N THR A 600 -35.31 15.31 3.30
CA THR A 600 -35.09 15.85 4.63
C THR A 600 -34.47 17.24 4.53
N THR A 601 -34.16 17.82 5.69
CA THR A 601 -33.46 19.09 5.78
C THR A 601 -32.11 18.95 6.45
N VAL A 602 -31.61 17.74 6.62
CA VAL A 602 -30.34 17.47 7.28
C VAL A 602 -29.27 17.36 6.20
N PRO A 603 -28.29 18.26 6.16
CA PRO A 603 -27.28 18.21 5.09
C PRO A 603 -26.39 16.98 5.23
N ILE A 604 -25.83 16.58 4.09
CA ILE A 604 -24.85 15.50 4.04
C ILE A 604 -23.48 16.07 4.43
N GLU A 605 -22.86 15.48 5.44
CA GLU A 605 -21.57 15.93 5.93
C GLU A 605 -20.46 15.12 5.26
N LEU A 606 -19.62 15.78 4.48
CA LEU A 606 -18.51 15.14 3.79
C LEU A 606 -17.20 15.62 4.42
N LEU A 607 -16.40 14.68 4.92
CA LEU A 607 -15.02 14.96 5.32
C LEU A 607 -14.13 14.87 4.10
N VAL A 608 -13.41 15.94 3.79
CA VAL A 608 -12.69 16.09 2.53
C VAL A 608 -11.21 16.27 2.80
N LYS A 609 -10.38 15.57 2.03
CA LYS A 609 -8.94 15.82 2.01
C LYS A 609 -8.62 16.63 0.75
N ARG A 610 -8.10 17.84 0.95
CA ARG A 610 -7.67 18.72 -0.14
C ARG A 610 -6.18 18.92 0.04
N LEU A 611 -5.38 18.31 -0.84
CA LEU A 611 -3.94 18.22 -0.65
C LEU A 611 -3.67 17.66 0.75
N ASP A 612 -2.98 18.41 1.60
CA ASP A 612 -2.63 17.92 2.93
C ASP A 612 -3.54 18.47 4.03
N ARG A 613 -4.74 18.95 3.68
CA ARG A 613 -5.64 19.54 4.66
C ARG A 613 -6.98 18.82 4.65
N TYR A 614 -7.63 18.78 5.83
CA TYR A 614 -8.92 18.14 6.01
C TYR A 614 -9.97 19.17 6.41
N ASP A 615 -11.14 19.10 5.79
CA ASP A 615 -12.26 19.92 6.20
C ASP A 615 -13.55 19.16 5.97
N THR A 616 -14.60 19.60 6.65
CA THR A 616 -15.92 19.03 6.52
C THR A 616 -16.83 20.04 5.84
N VAL A 617 -17.52 19.59 4.79
CA VAL A 617 -18.49 20.42 4.08
C VAL A 617 -19.87 19.83 4.31
N ARG A 618 -20.86 20.71 4.30
CA ARG A 618 -22.27 20.35 4.45
C ARG A 618 -22.95 20.57 3.11
N ILE A 619 -23.48 19.50 2.51
CA ILE A 619 -24.11 19.56 1.21
C ILE A 619 -25.61 19.45 1.42
N ASP A 620 -26.34 20.51 1.08
CA ASP A 620 -27.80 20.52 1.22
C ASP A 620 -28.46 19.94 -0.04
N TYR A 621 -28.21 18.66 -0.26
CA TYR A 621 -28.78 17.96 -1.41
C TYR A 621 -29.79 16.94 -0.91
N HIS A 622 -31.03 17.04 -1.38
CA HIS A 622 -32.11 16.22 -0.85
C HIS A 622 -32.95 15.59 -1.96
N GLY A 623 -32.40 15.45 -3.16
CA GLY A 623 -33.12 14.81 -4.25
C GLY A 623 -32.93 13.31 -4.33
N GLY A 624 -32.04 12.74 -3.52
CA GLY A 624 -31.79 11.31 -3.57
C GLY A 624 -30.95 10.92 -4.77
N LEU A 625 -30.76 9.60 -4.91
CA LEU A 625 -30.03 9.07 -6.06
C LEU A 625 -30.86 9.23 -7.32
N LEU A 626 -30.22 9.68 -8.41
CA LEU A 626 -30.93 9.97 -9.65
C LEU A 626 -30.12 9.40 -10.82
N TYR A 627 -30.67 8.38 -11.46
CA TYR A 627 -30.04 7.75 -12.61
C TYR A 627 -31.01 7.77 -13.79
N PRO A 628 -30.52 7.98 -15.00
CA PRO A 628 -31.42 8.18 -16.14
C PRO A 628 -31.95 6.88 -16.72
N HIS A 629 -33.20 6.93 -17.16
CA HIS A 629 -33.88 5.86 -17.87
C HIS A 629 -34.82 6.50 -18.89
N LEU A 630 -35.31 5.68 -19.82
CA LEU A 630 -36.37 6.09 -20.72
C LEU A 630 -37.66 5.38 -20.33
N GLU A 631 -38.76 6.13 -20.32
CA GLU A 631 -40.07 5.56 -20.06
C GLU A 631 -41.01 5.94 -21.19
N ARG A 632 -41.92 5.03 -21.51
CA ARG A 632 -42.87 5.25 -22.59
C ARG A 632 -43.82 6.39 -22.25
N ILE A 633 -44.18 7.17 -23.26
CA ILE A 633 -45.33 8.07 -23.16
C ILE A 633 -46.49 7.27 -23.76
N ALA A 634 -47.38 6.78 -22.89
CA ALA A 634 -48.36 5.77 -23.28
C ALA A 634 -49.19 6.16 -24.49
N GLY A 635 -49.58 7.43 -24.60
CA GLY A 635 -50.46 7.81 -25.69
C GLY A 635 -49.78 7.91 -27.04
N LYS A 636 -48.45 7.99 -27.08
CA LYS A 636 -47.77 8.29 -28.33
C LYS A 636 -47.29 7.03 -29.04
N PRO A 637 -47.21 7.05 -30.38
CA PRO A 637 -46.64 5.90 -31.09
C PRO A 637 -45.19 5.67 -30.69
N ASP A 638 -44.83 4.40 -30.52
CA ASP A 638 -43.48 4.03 -30.10
C ASP A 638 -42.61 3.85 -31.35
N ARG A 639 -42.08 4.97 -31.84
N ARG A 639 -42.07 4.96 -31.83
CA ARG A 639 -41.17 4.92 -32.97
CA ARG A 639 -41.17 4.92 -32.97
C ARG A 639 -39.76 4.50 -32.56
C ARG A 639 -39.74 4.60 -32.59
N LEU A 640 -39.38 4.78 -31.31
CA LEU A 640 -38.03 4.45 -30.86
C LEU A 640 -37.78 2.95 -30.96
N SER A 641 -38.74 2.14 -30.51
CA SER A 641 -38.57 0.69 -30.59
C SER A 641 -38.49 0.21 -32.03
N GLU A 642 -39.24 0.86 -32.94
CA GLU A 642 -39.12 0.54 -34.36
C GLU A 642 -37.71 0.83 -34.85
N LEU A 643 -37.16 2.00 -34.49
CA LEU A 643 -35.81 2.35 -34.89
C LEU A 643 -34.79 1.31 -34.44
N TYR A 644 -34.93 0.81 -33.22
CA TYR A 644 -33.98 -0.13 -32.64
C TYR A 644 -34.29 -1.58 -32.97
N LYS A 645 -35.31 -1.84 -33.78
CA LYS A 645 -35.74 -3.20 -34.07
C LYS A 645 -34.93 -3.78 -35.22
N ALA A 646 -34.57 -5.06 -35.09
CA ALA A 646 -33.88 -5.74 -36.18
C ALA A 646 -34.73 -5.71 -37.45
N ARG A 647 -34.08 -5.45 -38.58
CA ARG A 647 -34.76 -5.47 -39.86
C ARG A 647 -34.58 -6.82 -40.55
N ALA B 43 0.25 -33.38 40.11
CA ALA B 43 0.06 -34.81 39.97
C ALA B 43 1.37 -35.57 39.76
N THR B 44 2.45 -34.85 39.46
CA THR B 44 3.76 -35.49 39.32
C THR B 44 4.42 -35.50 40.70
N ALA B 45 4.91 -36.67 41.11
CA ALA B 45 5.53 -36.81 42.42
C ALA B 45 6.65 -35.78 42.59
N ALA B 46 6.82 -35.32 43.82
CA ALA B 46 7.78 -34.25 44.09
C ALA B 46 9.20 -34.73 43.84
N PRO B 47 10.06 -33.86 43.32
CA PRO B 47 11.47 -34.25 43.13
C PRO B 47 12.17 -34.41 44.48
N GLN B 48 13.01 -35.42 44.56
CA GLN B 48 13.75 -35.70 45.78
C GLN B 48 15.24 -35.48 45.55
N ASP B 49 15.93 -35.03 46.59
CA ASP B 49 17.38 -34.83 46.54
C ASP B 49 18.05 -36.19 46.76
N VAL B 50 17.98 -37.01 45.72
CA VAL B 50 18.53 -38.37 45.73
C VAL B 50 19.39 -38.54 44.48
N PRO B 51 20.35 -39.46 44.51
CA PRO B 51 21.22 -39.65 43.35
C PRO B 51 20.46 -40.16 42.13
N PHE B 52 20.87 -39.70 40.96
CA PHE B 52 20.39 -40.23 39.69
C PHE B 52 21.50 -41.11 39.10
N GLU B 53 21.17 -42.36 38.83
CA GLU B 53 22.15 -43.31 38.31
C GLU B 53 22.25 -43.18 36.80
N GLY B 54 23.47 -42.98 36.31
CA GLY B 54 23.73 -42.90 34.89
C GLY B 54 23.79 -41.48 34.36
N THR B 55 23.63 -41.38 33.04
CA THR B 55 23.78 -40.10 32.34
C THR B 55 22.59 -39.88 31.42
N LEU B 56 22.04 -38.67 31.45
CA LEU B 56 21.01 -38.23 30.53
C LEU B 56 21.69 -37.68 29.27
N LYS B 57 21.60 -38.41 28.17
CA LYS B 57 22.22 -37.99 26.91
C LYS B 57 21.21 -37.21 26.07
N ILE B 58 21.61 -36.03 25.61
CA ILE B 58 20.74 -35.16 24.82
C ILE B 58 21.48 -34.85 23.53
N ASP B 59 21.01 -35.41 22.42
CA ASP B 59 21.63 -35.25 21.11
C ASP B 59 20.67 -34.48 20.21
N VAL B 60 21.15 -33.36 19.68
CA VAL B 60 20.31 -32.44 18.92
C VAL B 60 20.88 -32.30 17.51
N ASP B 61 20.02 -32.43 16.51
CA ASP B 61 20.36 -32.10 15.13
C ASP B 61 19.74 -30.74 14.83
N ALA B 62 20.60 -29.73 14.60
CA ALA B 62 20.14 -28.37 14.37
C ALA B 62 20.40 -27.94 12.93
N THR B 63 20.18 -28.84 11.98
CA THR B 63 20.50 -28.57 10.57
C THR B 63 19.31 -28.13 9.73
N ASP B 64 18.07 -28.37 10.18
CA ASP B 64 16.90 -28.02 9.36
C ASP B 64 16.54 -26.55 9.61
N LEU B 65 17.36 -25.68 9.03
CA LEU B 65 17.11 -24.24 9.15
C LEU B 65 15.87 -23.80 8.40
N GLN B 66 15.55 -24.46 7.29
CA GLN B 66 14.41 -24.05 6.47
C GLN B 66 13.10 -24.20 7.22
N HIS B 67 12.86 -25.37 7.81
CA HIS B 67 11.67 -25.57 8.63
C HIS B 67 11.82 -25.05 10.03
N ARG B 68 13.05 -24.72 10.44
CA ARG B 68 13.36 -24.23 11.79
C ARG B 68 13.06 -25.30 12.84
N ILE B 69 13.48 -26.53 12.54
CA ILE B 69 13.20 -27.69 13.38
C ILE B 69 14.50 -28.14 14.02
N PHE B 70 14.46 -28.33 15.34
CA PHE B 70 15.51 -29.00 16.08
C PHE B 70 15.07 -30.45 16.32
N LYS B 71 15.86 -31.40 15.81
CA LYS B 71 15.56 -32.82 15.98
C LYS B 71 16.30 -33.33 17.21
N VAL B 72 15.62 -34.11 18.06
CA VAL B 72 16.16 -34.41 19.38
C VAL B 72 16.10 -35.91 19.66
N LYS B 73 17.15 -36.43 20.29
CA LYS B 73 17.12 -37.76 20.86
C LYS B 73 17.64 -37.66 22.28
N THR B 74 16.83 -38.09 23.25
CA THR B 74 17.24 -38.14 24.64
C THR B 74 17.32 -39.59 25.07
N THR B 75 18.46 -39.97 25.65
CA THR B 75 18.74 -41.34 26.06
C THR B 75 19.07 -41.37 27.55
N MET B 76 18.50 -42.32 28.28
CA MET B 76 18.67 -42.38 29.72
C MET B 76 18.41 -43.82 30.17
N PRO B 77 18.92 -44.21 31.33
CA PRO B 77 18.59 -45.54 31.86
C PRO B 77 17.09 -45.66 32.09
N ALA B 78 16.57 -46.86 31.93
CA ALA B 78 15.15 -47.11 32.06
C ALA B 78 14.96 -47.92 33.33
N THR B 79 14.14 -47.38 34.25
CA THR B 79 13.88 -48.14 35.47
C THR B 79 12.55 -48.85 35.33
N PRO B 80 12.51 -50.17 35.57
CA PRO B 80 11.26 -50.91 35.38
C PRO B 80 10.14 -50.33 36.23
N GLY B 81 8.93 -50.41 35.70
CA GLY B 81 7.78 -49.83 36.33
C GLY B 81 7.37 -48.55 35.63
N PRO B 82 6.45 -47.80 36.24
CA PRO B 82 6.03 -46.53 35.64
C PRO B 82 7.18 -45.54 35.64
N MET B 83 7.30 -44.79 34.56
CA MET B 83 8.34 -43.79 34.45
C MET B 83 7.73 -42.54 33.84
N THR B 84 7.96 -41.39 34.47
CA THR B 84 7.45 -40.11 34.00
C THR B 84 8.61 -39.25 33.55
N LEU B 85 8.51 -38.70 32.33
CA LEU B 85 9.49 -37.78 31.78
C LEU B 85 8.90 -36.37 31.75
N LEU B 86 9.76 -35.38 32.00
CA LEU B 86 9.34 -33.98 32.12
C LEU B 86 9.97 -33.15 31.03
N TYR B 87 9.16 -32.33 30.40
CA TYR B 87 9.64 -31.24 29.56
C TYR B 87 9.76 -29.99 30.42
N PRO B 88 10.92 -29.32 30.43
CA PRO B 88 11.10 -28.18 31.33
C PRO B 88 10.00 -27.14 31.15
N GLN B 89 9.43 -26.70 32.27
CA GLN B 89 8.28 -25.82 32.28
C GLN B 89 8.65 -24.42 32.75
N TRP B 90 9.15 -24.30 33.99
CA TRP B 90 9.63 -23.04 34.54
C TRP B 90 11.12 -22.92 34.24
N ILE B 91 11.49 -21.88 33.51
CA ILE B 91 12.84 -21.76 32.94
C ILE B 91 13.58 -20.67 33.70
N PRO B 92 14.72 -20.98 34.34
CA PRO B 92 15.43 -19.98 35.14
C PRO B 92 15.77 -18.74 34.32
N GLY B 93 15.51 -17.58 34.92
CA GLY B 93 15.65 -16.32 34.22
C GLY B 93 14.39 -15.82 33.56
N ASN B 94 13.40 -16.70 33.34
CA ASN B 94 12.11 -16.27 32.83
C ASN B 94 11.08 -16.08 33.92
N HIS B 95 11.30 -16.65 35.11
CA HIS B 95 10.45 -16.42 36.28
C HIS B 95 9.00 -16.80 36.02
N SER B 96 8.75 -17.68 35.07
CA SER B 96 7.40 -17.98 34.63
C SER B 96 7.44 -19.27 33.82
N PRO B 97 6.28 -19.93 33.62
CA PRO B 97 6.31 -21.24 32.91
C PRO B 97 6.33 -21.09 31.39
N THR B 98 7.51 -20.72 30.89
CA THR B 98 7.70 -20.40 29.47
C THR B 98 8.05 -21.61 28.62
N GLY B 99 8.25 -22.79 29.21
CA GLY B 99 8.55 -23.99 28.44
C GLY B 99 7.55 -24.19 27.32
N PRO B 100 8.03 -24.31 26.08
CA PRO B 100 7.12 -24.32 24.91
C PRO B 100 6.56 -25.71 24.62
N ILE B 101 5.68 -26.17 25.52
CA ILE B 101 5.23 -27.56 25.49
C ILE B 101 4.52 -27.88 24.17
N ASP B 102 3.78 -26.93 23.61
CA ASP B 102 3.03 -27.25 22.41
C ASP B 102 3.89 -27.27 21.15
N LYS B 103 5.18 -26.96 21.26
CA LYS B 103 6.11 -27.08 20.16
C LYS B 103 6.91 -28.38 20.17
N LEU B 104 6.65 -29.25 21.15
CA LEU B 104 7.25 -30.58 21.18
C LEU B 104 6.37 -31.51 20.35
N ALA B 105 6.91 -32.01 19.24
CA ALA B 105 6.14 -32.82 18.31
C ALA B 105 6.92 -34.06 17.91
N GLY B 106 6.21 -35.02 17.33
CA GLY B 106 6.84 -36.23 16.84
C GLY B 106 7.39 -37.13 17.93
N LEU B 107 6.83 -37.06 19.13
CA LEU B 107 7.38 -37.79 20.27
C LEU B 107 7.15 -39.29 20.11
N VAL B 108 8.25 -40.04 20.03
CA VAL B 108 8.22 -41.50 20.03
C VAL B 108 9.20 -41.99 21.08
N ILE B 109 8.74 -42.84 21.99
CA ILE B 109 9.57 -43.34 23.08
C ILE B 109 9.75 -44.84 22.88
N LYS B 110 11.01 -45.29 22.91
CA LYS B 110 11.36 -46.69 22.78
C LYS B 110 12.19 -47.13 23.98
N VAL B 111 11.89 -48.29 24.51
CA VAL B 111 12.68 -48.91 25.57
C VAL B 111 13.35 -50.13 24.97
N ASP B 112 14.69 -50.11 24.94
CA ASP B 112 15.45 -51.21 24.35
C ASP B 112 14.99 -51.51 22.92
N GLY B 113 14.68 -50.45 22.17
CA GLY B 113 14.31 -50.55 20.78
C GLY B 113 12.85 -50.82 20.49
N LYS B 114 12.01 -51.00 21.50
CA LYS B 114 10.60 -51.30 21.31
C LYS B 114 9.78 -50.09 21.74
N VAL B 115 8.94 -49.59 20.82
CA VAL B 115 8.04 -48.49 21.13
C VAL B 115 7.18 -48.83 22.33
N VAL B 116 7.09 -47.89 23.27
CA VAL B 116 6.15 -47.97 24.38
C VAL B 116 5.21 -46.78 24.26
N PRO B 117 3.90 -46.97 24.42
CA PRO B 117 2.98 -45.84 24.33
C PRO B 117 3.13 -44.90 25.53
N TRP B 118 2.98 -43.61 25.28
CA TRP B 118 3.05 -42.63 26.34
C TRP B 118 1.69 -41.99 26.59
N THR B 119 1.48 -41.57 27.83
CA THR B 119 0.25 -40.91 28.27
C THR B 119 0.63 -39.62 28.95
N ARG B 120 0.07 -38.50 28.48
CA ARG B 120 0.30 -37.21 29.11
C ARG B 120 -0.61 -37.08 30.33
N ASP B 121 -0.09 -36.45 31.37
CA ASP B 121 -0.87 -36.13 32.56
C ASP B 121 -1.77 -34.94 32.24
N GLN B 122 -3.09 -35.15 32.23
CA GLN B 122 -3.97 -34.03 31.90
C GLN B 122 -3.92 -32.93 32.95
N PHE B 123 -3.40 -33.20 34.14
CA PHE B 123 -3.20 -32.17 35.14
C PHE B 123 -1.75 -31.71 35.24
N ASP B 124 -0.90 -32.17 34.33
CA ASP B 124 0.48 -31.70 34.23
C ASP B 124 0.92 -32.00 32.80
N VAL B 125 0.62 -31.08 31.87
CA VAL B 125 0.75 -31.37 30.45
C VAL B 125 2.21 -31.41 30.02
N TYR B 126 3.12 -31.10 30.95
CA TYR B 126 4.55 -31.24 30.68
C TYR B 126 5.10 -32.61 31.06
N ALA B 127 4.26 -33.52 31.54
CA ALA B 127 4.68 -34.81 32.07
C ALA B 127 4.14 -35.94 31.20
N PHE B 128 5.04 -36.80 30.73
CA PHE B 128 4.72 -37.95 29.90
C PHE B 128 5.03 -39.22 30.67
N LYS B 129 4.08 -40.15 30.72
CA LYS B 129 4.23 -41.38 31.49
C LYS B 129 4.32 -42.58 30.55
N VAL B 130 5.28 -43.46 30.81
CA VAL B 130 5.39 -44.73 30.10
C VAL B 130 5.55 -45.84 31.13
N ASP B 131 5.34 -47.07 30.67
CA ASP B 131 5.55 -48.28 31.47
C ASP B 131 6.78 -49.01 30.97
N VAL B 132 7.79 -49.12 31.83
CA VAL B 132 9.06 -49.77 31.48
C VAL B 132 8.97 -51.23 31.90
N PRO B 133 9.17 -52.18 30.99
CA PRO B 133 9.09 -53.60 31.37
C PRO B 133 10.23 -54.00 32.31
N GLN B 134 9.99 -55.07 33.06
CA GLN B 134 11.02 -55.65 33.90
C GLN B 134 12.21 -56.09 33.03
N GLY B 135 13.42 -55.93 33.56
CA GLY B 135 14.61 -56.31 32.84
C GLY B 135 15.08 -55.34 31.77
N ALA B 136 14.42 -54.20 31.64
CA ALA B 136 14.79 -53.23 30.63
C ALA B 136 16.09 -52.51 31.01
N SER B 137 16.76 -51.95 30.00
CA SER B 137 18.01 -51.24 30.24
C SER B 137 17.97 -49.77 29.88
N GLU B 138 17.40 -49.41 28.72
CA GLU B 138 17.61 -48.06 28.20
C GLU B 138 16.32 -47.53 27.59
N LEU B 139 16.04 -46.25 27.86
CA LEU B 139 14.90 -45.56 27.28
C LEU B 139 15.43 -44.48 26.34
N VAL B 140 14.84 -44.40 25.15
CA VAL B 140 15.16 -43.37 24.17
C VAL B 140 13.87 -42.65 23.80
N ALA B 141 13.88 -41.33 23.92
CA ALA B 141 12.78 -40.49 23.47
C ALA B 141 13.28 -39.63 22.32
N GLU B 142 12.60 -39.70 21.19
CA GLU B 142 12.93 -38.87 20.05
C GLU B 142 11.75 -37.97 19.73
N PHE B 143 12.05 -36.70 19.44
CA PHE B 143 11.03 -35.72 19.13
C PHE B 143 11.69 -34.57 18.40
N LYS B 144 10.86 -33.62 17.99
CA LYS B 144 11.33 -32.43 17.30
C LYS B 144 10.79 -31.20 18.02
N PHE B 145 11.65 -30.21 18.17
CA PHE B 145 11.24 -28.90 18.68
C PHE B 145 11.00 -28.02 17.47
N LEU B 146 9.74 -27.64 17.26
CA LEU B 146 9.35 -26.84 16.10
C LEU B 146 9.46 -25.39 16.50
N SER B 147 10.65 -24.81 16.32
CA SER B 147 10.90 -23.46 16.78
C SER B 147 10.11 -22.46 15.93
N PRO B 148 9.91 -21.24 16.43
CA PRO B 148 9.01 -20.30 15.75
C PRO B 148 9.40 -20.04 14.29
N GLN B 149 8.42 -20.21 13.40
CA GLN B 149 8.54 -19.88 11.99
C GLN B 149 8.16 -18.44 11.71
N ALA B 150 7.62 -17.74 12.71
CA ALA B 150 7.34 -16.31 12.69
C ALA B 150 7.26 -15.84 14.13
N SER B 151 7.41 -14.54 14.33
CA SER B 151 7.41 -14.00 15.69
C SER B 151 6.10 -14.23 16.41
N SER B 152 5.01 -14.47 15.68
CA SER B 152 3.74 -14.78 16.31
C SER B 152 3.78 -16.05 17.14
N GLN B 153 4.74 -16.94 16.87
CA GLN B 153 4.85 -18.19 17.62
C GLN B 153 5.85 -18.12 18.76
N GLY B 154 6.52 -16.99 18.94
CA GLY B 154 7.64 -16.87 19.86
C GLY B 154 8.86 -16.34 19.13
N ARG B 155 9.95 -16.20 19.88
CA ARG B 155 11.12 -15.60 19.26
C ARG B 155 11.81 -16.60 18.32
N VAL B 156 12.21 -16.09 17.15
CA VAL B 156 12.82 -16.93 16.12
C VAL B 156 14.20 -17.38 16.59
N MET B 157 14.50 -18.67 16.41
CA MET B 157 15.73 -19.25 16.91
C MET B 157 16.62 -19.82 15.81
N MET B 158 16.17 -19.82 14.55
CA MET B 158 16.98 -20.27 13.43
C MET B 158 16.83 -19.29 12.28
N THR B 159 17.95 -19.00 11.60
CA THR B 159 18.00 -18.13 10.43
C THR B 159 18.96 -18.76 9.42
N PRO B 160 19.05 -18.23 8.19
CA PRO B 160 20.04 -18.80 7.25
C PRO B 160 21.48 -18.57 7.67
N GLU B 161 21.75 -17.70 8.64
CA GLU B 161 23.11 -17.40 9.06
C GLU B 161 23.44 -17.72 10.52
N MET B 162 22.44 -17.93 11.37
CA MET B 162 22.74 -18.18 12.78
C MET B 162 21.60 -18.94 13.43
N LEU B 163 21.89 -19.49 14.61
CA LEU B 163 20.85 -20.17 15.38
C LEU B 163 21.16 -20.03 16.86
N ASN B 164 20.13 -20.25 17.66
CA ASN B 164 20.17 -20.13 19.11
C ASN B 164 19.56 -21.42 19.65
N LEU B 165 20.39 -22.24 20.29
CA LEU B 165 19.94 -23.50 20.88
C LEU B 165 19.80 -23.31 22.38
N GLN B 166 18.57 -23.44 22.87
CA GLN B 166 18.29 -23.43 24.31
C GLN B 166 17.94 -24.86 24.70
N TRP B 167 18.79 -25.47 25.52
CA TRP B 167 18.69 -26.91 25.74
C TRP B 167 17.40 -27.33 26.44
N ASN B 168 16.75 -26.42 27.18
CA ASN B 168 15.46 -26.76 27.78
C ASN B 168 14.40 -27.08 26.72
N THR B 169 14.52 -26.47 25.52
CA THR B 169 13.57 -26.75 24.47
C THR B 169 13.82 -28.11 23.83
N THR B 170 14.99 -28.69 24.06
CA THR B 170 15.37 -29.96 23.45
C THR B 170 15.71 -31.00 24.52
N ALA B 171 14.89 -31.11 25.56
CA ALA B 171 15.23 -32.00 26.65
C ALA B 171 13.98 -32.60 27.25
N LEU B 172 14.05 -33.89 27.55
CA LEU B 172 13.14 -34.56 28.47
C LEU B 172 13.98 -35.17 29.58
N TYR B 173 13.51 -35.08 30.83
CA TYR B 173 14.29 -35.60 31.93
C TYR B 173 13.38 -36.30 32.92
N PRO B 174 13.91 -37.28 33.67
CA PRO B 174 13.05 -38.07 34.57
C PRO B 174 12.52 -37.24 35.73
N ALA B 175 11.25 -37.46 36.04
CA ALA B 175 10.66 -36.90 37.25
C ALA B 175 11.23 -37.59 38.49
N GLY B 176 11.13 -36.91 39.63
CA GLY B 176 11.50 -37.48 40.90
C GLY B 176 12.88 -37.11 41.41
N TYR B 177 13.63 -36.29 40.68
CA TYR B 177 15.01 -35.96 41.02
C TYR B 177 15.21 -34.45 41.01
N PHE B 178 15.95 -33.94 42.00
CA PHE B 178 16.53 -32.61 41.86
C PHE B 178 17.31 -32.56 40.55
N ALA B 179 17.09 -31.52 39.75
CA ALA B 179 17.71 -31.46 38.43
C ALA B 179 19.23 -31.50 38.53
N ARG B 180 19.81 -30.88 39.57
CA ARG B 180 21.25 -30.84 39.71
C ARG B 180 21.86 -32.22 39.94
N ASN B 181 21.06 -33.21 40.33
CA ASN B 181 21.57 -34.55 40.57
C ASN B 181 21.67 -35.39 39.30
N ILE B 182 21.14 -34.90 38.18
CA ILE B 182 21.13 -35.66 36.93
C ILE B 182 22.36 -35.26 36.14
N LYS B 183 23.30 -36.19 35.97
CA LYS B 183 24.42 -35.93 35.07
C LYS B 183 23.93 -36.01 33.63
N ALA B 184 24.30 -35.03 32.83
CA ALA B 184 23.87 -34.97 31.44
C ALA B 184 25.08 -34.90 30.52
N GLN B 185 24.87 -35.24 29.26
CA GLN B 185 25.89 -35.01 28.25
C GLN B 185 25.19 -34.69 26.94
N ALA B 186 25.56 -33.57 26.34
CA ALA B 186 24.88 -33.04 25.17
C ALA B 186 25.80 -33.11 23.95
N SER B 187 25.16 -33.21 22.78
CA SER B 187 25.84 -33.06 21.51
C SER B 187 24.91 -32.34 20.54
N VAL B 188 25.49 -31.70 19.54
CA VAL B 188 24.72 -31.01 18.52
C VAL B 188 25.40 -31.15 17.18
N THR B 189 24.60 -31.42 16.15
CA THR B 189 25.06 -31.39 14.78
C THR B 189 24.65 -30.06 14.17
N LEU B 190 25.63 -29.30 13.71
CA LEU B 190 25.47 -27.94 13.24
C LEU B 190 25.35 -27.92 11.73
N PRO B 191 24.75 -26.87 11.17
CA PRO B 191 24.88 -26.64 9.73
C PRO B 191 26.35 -26.65 9.35
N ALA B 192 26.64 -27.12 8.14
CA ALA B 192 28.01 -27.40 7.72
C ALA B 192 28.92 -26.19 7.91
N GLY B 193 30.01 -26.40 8.64
CA GLY B 193 31.04 -25.37 8.80
C GLY B 193 30.73 -24.25 9.77
N TRP B 194 29.58 -24.25 10.43
CA TRP B 194 29.25 -23.13 11.30
C TRP B 194 30.12 -23.10 12.56
N SER B 195 30.40 -21.89 13.03
CA SER B 195 31.04 -21.69 14.33
C SER B 195 29.99 -21.72 15.44
N TYR B 196 30.46 -21.93 16.66
CA TYR B 196 29.52 -21.97 17.79
C TYR B 196 30.21 -21.43 19.02
N ALA B 197 29.41 -21.05 20.01
CA ALA B 197 29.94 -20.60 21.28
C ALA B 197 28.94 -20.93 22.38
N THR B 198 29.48 -21.35 23.51
CA THR B 198 28.73 -21.72 24.71
C THR B 198 29.72 -21.81 25.86
N ALA B 199 29.23 -21.60 27.09
CA ALA B 199 30.08 -21.79 28.25
C ALA B 199 30.40 -23.25 28.49
N MET B 200 29.58 -24.15 27.95
CA MET B 200 29.77 -25.57 28.18
C MET B 200 31.00 -26.07 27.41
N GLU B 201 31.88 -26.81 28.11
CA GLU B 201 33.15 -27.20 27.52
C GLU B 201 32.96 -28.31 26.49
N THR B 202 33.68 -28.18 25.37
CA THR B 202 33.60 -29.14 24.28
C THR B 202 34.46 -30.37 24.56
N GLU B 203 33.92 -31.55 24.27
CA GLU B 203 34.72 -32.76 24.33
C GLU B 203 35.43 -33.03 22.99
N ARG B 204 34.67 -33.00 21.90
CA ARG B 204 35.25 -33.19 20.58
C ARG B 204 34.27 -32.67 19.54
N ARG B 205 34.81 -32.17 18.44
CA ARG B 205 34.03 -31.88 17.25
C ARG B 205 34.50 -32.82 16.16
N VAL B 206 33.58 -33.62 15.65
CA VAL B 206 33.84 -34.56 14.55
C VAL B 206 32.98 -34.09 13.39
N GLY B 207 33.63 -33.54 12.37
CA GLY B 207 32.90 -32.89 11.30
C GLY B 207 32.13 -31.71 11.83
N ASP B 208 30.80 -31.79 11.78
CA ASP B 208 29.92 -30.74 12.31
C ASP B 208 29.13 -31.20 13.52
N THR B 209 29.54 -32.31 14.13
CA THR B 209 28.89 -32.83 15.33
C THR B 209 29.78 -32.49 16.52
N VAL B 210 29.27 -31.65 17.40
CA VAL B 210 30.01 -31.22 18.58
C VAL B 210 29.49 -32.01 19.77
N THR B 211 30.39 -32.73 20.44
CA THR B 211 30.07 -33.42 21.68
C THR B 211 30.67 -32.63 22.83
N PHE B 212 29.84 -32.30 23.82
CA PHE B 212 30.31 -31.57 24.99
C PHE B 212 30.65 -32.54 26.11
N LYS B 213 31.51 -32.09 27.01
CA LYS B 213 31.84 -32.90 28.17
C LYS B 213 30.61 -33.03 29.06
N PRO B 214 30.52 -34.09 29.85
CA PRO B 214 29.38 -34.24 30.78
C PRO B 214 29.25 -33.04 31.69
N ILE B 215 28.01 -32.73 32.06
CA ILE B 215 27.70 -31.56 32.88
C ILE B 215 26.40 -31.87 33.60
N ASP B 216 26.22 -31.29 34.79
CA ASP B 216 24.97 -31.47 35.52
C ASP B 216 23.81 -30.88 34.71
N PHE B 217 22.64 -31.53 34.80
CA PHE B 217 21.53 -31.18 33.91
C PHE B 217 21.06 -29.74 34.10
N ASP B 218 21.11 -29.23 35.33
CA ASP B 218 20.70 -27.83 35.52
C ASP B 218 21.67 -26.89 34.81
N ASP B 219 22.98 -27.19 34.87
CA ASP B 219 23.94 -26.38 34.13
C ASP B 219 23.79 -26.54 32.62
N LEU B 220 23.37 -27.70 32.14
CA LEU B 220 23.14 -27.86 30.70
C LEU B 220 22.08 -26.87 30.22
N VAL B 221 20.92 -26.85 30.90
CA VAL B 221 19.87 -25.89 30.57
C VAL B 221 20.41 -24.47 30.66
N ASP B 222 21.33 -24.23 31.58
CA ASP B 222 21.91 -22.92 31.80
C ASP B 222 23.10 -22.62 30.88
N SER B 223 23.37 -23.47 29.90
CA SER B 223 24.52 -23.31 29.00
C SER B 223 24.08 -23.26 27.55
N PRO B 224 23.32 -22.23 27.17
CA PRO B 224 22.85 -22.13 25.78
C PRO B 224 24.01 -22.00 24.80
N MET B 225 23.69 -22.22 23.53
CA MET B 225 24.67 -22.11 22.45
C MET B 225 24.13 -21.18 21.37
N PHE B 226 24.98 -20.28 20.90
CA PHE B 226 24.80 -19.60 19.62
C PHE B 226 25.70 -20.27 18.59
N ALA B 227 25.23 -20.29 17.35
CA ALA B 227 26.04 -20.79 16.24
C ALA B 227 25.73 -19.96 15.01
N GLY B 228 26.70 -19.88 14.10
CA GLY B 228 26.49 -19.08 12.91
C GLY B 228 27.71 -19.11 12.01
N LYS B 229 27.53 -18.55 10.81
CA LYS B 229 28.60 -18.53 9.82
C LYS B 229 29.49 -17.30 9.92
N TYR B 230 29.02 -16.22 10.56
CA TYR B 230 29.79 -14.98 10.70
C TYR B 230 30.05 -14.74 12.17
N TYR B 231 31.26 -15.06 12.62
CA TYR B 231 31.58 -15.18 14.04
C TYR B 231 32.89 -14.49 14.35
N LYS B 232 32.94 -13.80 15.50
CA LYS B 232 34.18 -13.24 16.01
C LYS B 232 34.23 -13.44 17.52
N ARG B 233 35.38 -13.92 18.01
CA ARG B 233 35.62 -14.14 19.43
C ARG B 233 36.57 -13.06 19.93
N VAL B 234 36.17 -12.33 20.96
CA VAL B 234 36.89 -11.17 21.45
C VAL B 234 37.19 -11.37 22.93
N GLU B 235 38.47 -11.23 23.29
CA GLU B 235 38.88 -11.34 24.68
C GLU B 235 38.50 -10.06 25.43
N LEU B 236 37.76 -10.20 26.53
CA LEU B 236 37.46 -9.06 27.38
C LEU B 236 38.29 -9.03 28.65
N SER B 237 38.68 -10.18 29.17
CA SER B 237 39.52 -10.24 30.35
C SER B 237 40.30 -11.55 30.31
N ALA B 238 41.61 -11.47 30.39
CA ALA B 238 42.43 -12.66 30.50
C ALA B 238 42.58 -13.02 31.99
N GLY B 239 43.29 -14.11 32.26
CA GLY B 239 43.55 -14.53 33.62
C GLY B 239 42.90 -15.86 33.93
N LYS B 240 42.82 -16.18 35.23
CA LYS B 240 42.31 -17.49 35.66
C LYS B 240 40.81 -17.65 35.52
N GLN B 241 40.04 -16.55 35.48
CA GLN B 241 38.59 -16.62 35.30
C GLN B 241 38.23 -15.74 34.11
N PRO B 242 38.63 -16.16 32.90
CA PRO B 242 38.57 -15.25 31.75
C PRO B 242 37.15 -14.99 31.25
N VAL B 243 37.01 -13.88 30.54
CA VAL B 243 35.73 -13.44 29.99
C VAL B 243 35.91 -13.15 28.51
N TYR B 244 35.03 -13.71 27.68
CA TYR B 244 35.08 -13.53 26.25
C TYR B 244 33.74 -13.06 25.72
N LEU B 245 33.80 -12.36 24.59
CA LEU B 245 32.64 -11.88 23.87
C LEU B 245 32.57 -12.62 22.54
N ASN B 246 31.46 -13.34 22.33
CA ASN B 246 31.25 -14.13 21.13
C ASN B 246 30.16 -13.46 20.30
N VAL B 247 30.54 -12.94 19.14
CA VAL B 247 29.65 -12.13 18.30
C VAL B 247 29.31 -12.91 17.04
N PHE B 248 28.01 -13.04 16.77
CA PHE B 248 27.48 -13.59 15.54
C PHE B 248 26.62 -12.52 14.86
N ALA B 249 26.65 -12.47 13.54
CA ALA B 249 25.96 -11.40 12.82
C ALA B 249 25.28 -11.94 11.57
N ASP B 250 24.25 -11.20 11.11
CA ASP B 250 23.63 -11.52 9.83
C ASP B 250 24.64 -11.36 8.70
N GLU B 251 25.51 -10.36 8.80
CA GLU B 251 26.52 -10.09 7.77
C GLU B 251 27.84 -9.79 8.46
N ALA B 252 28.93 -10.26 7.85
CA ALA B 252 30.25 -10.19 8.49
C ALA B 252 30.66 -8.76 8.80
N LYS B 253 30.21 -7.78 8.03
CA LYS B 253 30.61 -6.39 8.24
C LYS B 253 30.21 -5.87 9.63
N SER B 254 29.19 -6.46 10.25
CA SER B 254 28.77 -6.00 11.57
C SER B 254 29.75 -6.40 12.67
N LEU B 255 30.69 -7.29 12.40
CA LEU B 255 31.64 -7.78 13.40
C LEU B 255 32.80 -6.84 13.63
N ASP B 256 32.86 -5.71 12.91
CA ASP B 256 34.01 -4.81 12.95
C ASP B 256 33.92 -3.90 14.17
N ALA B 257 34.07 -4.50 15.34
CA ALA B 257 34.12 -3.72 16.58
C ALA B 257 35.43 -2.94 16.65
N LYS B 258 35.33 -1.64 16.92
CA LYS B 258 36.51 -0.81 17.01
C LYS B 258 37.16 -0.93 18.38
N PRO B 259 38.46 -0.59 18.49
CA PRO B 259 39.16 -0.82 19.76
C PRO B 259 38.53 -0.14 20.97
N GLU B 260 38.07 1.11 20.83
CA GLU B 260 37.45 1.79 21.95
C GLU B 260 36.12 1.15 22.34
N GLN B 261 35.45 0.52 21.37
CA GLN B 261 34.18 -0.15 21.65
C GLN B 261 34.40 -1.46 22.39
N ILE B 262 35.41 -2.23 21.98
CA ILE B 262 35.81 -3.40 22.75
C ILE B 262 36.25 -2.99 24.15
N LYS B 263 37.01 -1.90 24.25
CA LYS B 263 37.50 -1.48 25.57
C LYS B 263 36.36 -1.18 26.54
N ALA B 264 35.26 -0.63 26.04
CA ALA B 264 34.10 -0.36 26.90
C ALA B 264 33.53 -1.66 27.47
N HIS B 265 33.53 -2.74 26.68
CA HIS B 265 33.09 -4.03 27.19
C HIS B 265 34.12 -4.62 28.14
N ALA B 266 35.42 -4.43 27.85
CA ALA B 266 36.45 -4.86 28.79
C ALA B 266 36.35 -4.08 30.10
N ALA B 267 36.04 -2.78 30.01
CA ALA B 267 35.89 -1.97 31.21
C ALA B 267 34.69 -2.41 32.04
N LEU B 268 33.63 -2.89 31.39
CA LEU B 268 32.50 -3.46 32.11
C LEU B 268 32.97 -4.56 33.07
N VAL B 269 33.82 -5.47 32.56
CA VAL B 269 34.33 -6.55 33.40
C VAL B 269 35.16 -5.97 34.55
N GLN B 270 35.99 -4.97 34.25
CA GLN B 270 36.83 -4.37 35.28
C GLN B 270 35.99 -3.69 36.35
N GLN B 271 34.92 -2.99 35.93
CA GLN B 271 34.08 -2.28 36.89
C GLN B 271 33.28 -3.25 37.77
N MET B 272 32.88 -4.41 37.22
CA MET B 272 32.23 -5.41 38.05
C MET B 272 33.20 -5.97 39.09
N ASP B 273 34.47 -6.16 38.72
CA ASP B 273 35.48 -6.59 39.69
C ASP B 273 35.59 -5.60 40.85
N LYS B 274 35.61 -4.31 40.54
CA LYS B 274 35.71 -3.31 41.60
C LYS B 274 34.51 -3.37 42.54
N LEU B 275 33.32 -3.60 41.98
CA LEU B 275 32.11 -3.64 42.79
C LEU B 275 32.07 -4.89 43.66
N TYR B 276 32.28 -6.05 43.07
CA TYR B 276 32.04 -7.31 43.78
C TYR B 276 33.31 -7.93 44.35
N GLY B 277 34.46 -7.73 43.72
CA GLY B 277 35.68 -8.36 44.20
C GLY B 277 35.76 -9.85 44.02
N ALA B 278 34.84 -10.43 43.24
CA ALA B 278 34.83 -11.86 42.97
C ALA B 278 34.07 -12.09 41.68
N ARG B 279 34.32 -13.25 41.06
CA ARG B 279 33.63 -13.67 39.86
C ARG B 279 33.04 -15.03 40.09
N HIS B 280 31.74 -15.17 39.85
CA HIS B 280 31.04 -16.43 40.11
C HIS B 280 30.93 -17.26 38.83
N PHE B 281 32.10 -17.70 38.38
CA PHE B 281 32.30 -18.56 37.24
C PHE B 281 33.78 -18.93 37.16
N ASP B 282 34.06 -20.07 36.52
CA ASP B 282 35.44 -20.37 36.15
C ASP B 282 35.83 -19.71 34.83
N HIS B 283 34.84 -19.38 34.00
CA HIS B 283 35.00 -18.56 32.81
C HIS B 283 33.62 -18.08 32.40
N TYR B 284 33.58 -17.02 31.59
CA TYR B 284 32.32 -16.43 31.17
C TYR B 284 32.33 -16.16 29.69
N GLU B 285 31.24 -16.52 29.01
CA GLU B 285 31.11 -16.39 27.56
C GLU B 285 29.88 -15.55 27.24
N PHE B 286 30.08 -14.27 26.93
CA PHE B 286 29.00 -13.48 26.35
C PHE B 286 28.63 -14.05 24.98
N LEU B 287 27.34 -14.22 24.73
CA LEU B 287 26.82 -14.57 23.41
C LEU B 287 26.02 -13.39 22.86
N LEU B 288 26.46 -12.86 21.71
CA LEU B 288 25.85 -11.64 21.17
C LEU B 288 25.49 -11.87 19.71
N ALA B 289 24.21 -11.71 19.38
CA ALA B 289 23.71 -11.86 18.02
C ALA B 289 23.35 -10.50 17.46
N LEU B 290 24.03 -10.08 16.40
CA LEU B 290 23.76 -8.79 15.74
C LEU B 290 22.92 -9.09 14.51
N THR B 291 21.63 -8.75 14.56
CA THR B 291 20.71 -9.44 13.67
C THR B 291 19.42 -8.64 13.51
N LYS B 292 18.77 -8.85 12.38
CA LYS B 292 17.38 -8.49 12.17
C LYS B 292 16.51 -9.72 11.98
N LYS B 293 17.07 -10.92 12.16
CA LYS B 293 16.36 -12.15 11.88
C LYS B 293 16.12 -13.00 13.12
N LEU B 294 17.14 -13.20 13.94
CA LEU B 294 16.95 -13.90 15.21
C LEU B 294 16.05 -13.09 16.12
N GLY B 295 15.19 -13.77 16.87
CA GLY B 295 14.35 -13.06 17.83
C GLY B 295 15.18 -12.41 18.92
N GLY B 296 14.76 -11.20 19.32
CA GLY B 296 15.48 -10.49 20.37
C GLY B 296 15.55 -11.30 21.65
N ILE B 297 16.65 -11.10 22.40
CA ILE B 297 16.82 -11.86 23.63
C ILE B 297 17.75 -11.10 24.56
N GLY B 298 17.46 -11.18 25.85
CA GLY B 298 18.40 -10.87 26.90
C GLY B 298 18.15 -11.88 28.00
N LEU B 299 19.02 -12.88 28.15
CA LEU B 299 18.80 -13.95 29.13
C LEU B 299 20.10 -14.29 29.81
N GLU B 300 20.10 -14.20 31.14
CA GLU B 300 21.29 -14.40 31.94
C GLU B 300 21.55 -15.88 32.23
N HIS B 301 22.82 -16.20 32.48
CA HIS B 301 23.22 -17.52 32.94
C HIS B 301 24.43 -17.36 33.86
N HIS B 302 24.81 -18.46 34.52
CA HIS B 302 25.94 -18.42 35.45
C HIS B 302 27.22 -17.98 34.74
N ARG B 303 27.54 -18.62 33.61
CA ARG B 303 28.81 -18.43 32.93
C ARG B 303 28.64 -17.90 31.52
N SER B 304 27.48 -17.33 31.20
CA SER B 304 27.20 -16.83 29.87
C SER B 304 25.93 -15.99 29.93
N SER B 305 25.65 -15.30 28.83
CA SER B 305 24.36 -14.64 28.64
C SER B 305 24.04 -14.66 27.15
N GLU B 306 22.75 -14.72 26.85
CA GLU B 306 22.25 -14.64 25.48
C GLU B 306 21.77 -13.22 25.24
N ASN B 307 22.35 -12.55 24.25
CA ASN B 307 22.07 -11.15 23.99
C ASN B 307 21.88 -10.95 22.49
N SER B 308 20.99 -10.03 22.14
CA SER B 308 20.81 -9.63 20.76
C SER B 308 20.91 -8.11 20.65
N GLY B 309 21.46 -7.67 19.52
CA GLY B 309 21.44 -6.27 19.17
C GLY B 309 21.23 -6.11 17.68
N ALA B 310 21.06 -4.87 17.24
CA ALA B 310 20.89 -4.62 15.83
C ALA B 310 22.22 -4.81 15.10
N PRO B 311 22.18 -5.03 13.78
CA PRO B 311 23.43 -5.15 13.01
C PRO B 311 24.38 -3.97 13.18
N ASN B 312 23.88 -2.80 13.57
CA ASN B 312 24.71 -1.62 13.74
C ASN B 312 25.15 -1.40 15.19
N TYR B 313 25.13 -2.47 16.00
CA TYR B 313 25.59 -2.38 17.40
C TYR B 313 26.96 -1.71 17.48
N PHE B 314 27.89 -2.13 16.62
CA PHE B 314 29.21 -1.52 16.55
C PHE B 314 29.33 -0.48 15.43
N THR B 315 28.79 -0.77 14.25
CA THR B 315 29.07 0.08 13.10
C THR B 315 28.41 1.45 13.19
N GLU B 316 27.35 1.61 13.98
CA GLU B 316 26.76 2.92 14.23
C GLU B 316 26.60 3.10 15.74
N TRP B 317 27.75 3.12 16.42
CA TRP B 317 27.81 3.14 17.88
C TRP B 317 27.00 4.29 18.47
N ASP B 318 27.01 5.45 17.83
CA ASP B 318 26.34 6.62 18.39
C ASP B 318 24.83 6.60 18.20
N LYS B 319 24.30 5.75 17.33
CA LYS B 319 22.86 5.65 17.16
C LYS B 319 22.24 4.51 17.96
N SER B 320 23.01 3.49 18.32
CA SER B 320 22.48 2.28 18.93
C SER B 320 22.70 2.23 20.43
N TRP B 321 22.73 3.39 21.09
CA TRP B 321 23.21 3.41 22.47
C TRP B 321 22.15 3.01 23.49
N THR B 322 20.86 3.27 23.24
CA THR B 322 19.87 3.11 24.30
C THR B 322 19.76 1.68 24.79
N GLY B 323 20.12 0.69 23.98
CA GLY B 323 20.05 -0.69 24.40
C GLY B 323 21.33 -1.28 24.93
N ARG B 324 22.41 -0.50 25.01
CA ARG B 324 23.73 -1.03 25.36
C ARG B 324 23.91 -1.31 26.84
N ASP B 325 22.91 -1.06 27.69
CA ASP B 325 23.01 -1.59 29.04
C ASP B 325 22.77 -3.10 29.07
N LEU B 326 22.38 -3.68 27.93
CA LEU B 326 21.96 -5.08 27.90
C LEU B 326 23.03 -6.02 28.45
N LEU B 327 24.24 -5.97 27.89
CA LEU B 327 25.27 -6.90 28.34
C LEU B 327 25.67 -6.62 29.78
N ALA B 328 25.68 -5.35 30.18
CA ALA B 328 25.96 -5.02 31.59
C ALA B 328 24.88 -5.59 32.51
N HIS B 329 23.62 -5.46 32.10
CA HIS B 329 22.50 -6.01 32.86
C HIS B 329 22.65 -7.52 33.03
N GLU B 330 22.72 -8.26 31.92
CA GLU B 330 22.73 -9.72 32.01
C GLU B 330 23.99 -10.22 32.71
N PHE B 331 25.13 -9.58 32.47
CA PHE B 331 26.36 -9.93 33.18
C PHE B 331 26.19 -9.79 34.68
N ASN B 332 25.55 -8.69 35.13
CA ASN B 332 25.36 -8.48 36.55
C ASN B 332 24.59 -9.63 37.19
N HIS B 333 23.68 -10.26 36.43
CA HIS B 333 22.91 -11.38 36.95
C HIS B 333 23.77 -12.58 37.33
N SER B 334 24.96 -12.73 36.74
CA SER B 334 25.86 -13.80 37.15
C SER B 334 26.07 -13.75 38.66
N TRP B 335 26.20 -12.53 39.20
CA TRP B 335 26.19 -12.32 40.65
C TRP B 335 24.76 -12.32 41.19
N ASN B 336 23.94 -11.41 40.67
CA ASN B 336 22.62 -11.12 41.26
C ASN B 336 21.55 -11.82 40.44
N GLY B 337 21.23 -13.05 40.84
CA GLY B 337 20.20 -13.81 40.17
C GLY B 337 20.60 -15.25 39.92
N LYS B 338 21.78 -15.44 39.33
CA LYS B 338 22.27 -16.79 39.13
C LYS B 338 22.97 -17.31 40.39
N TYR B 339 24.02 -16.61 40.84
CA TYR B 339 24.70 -17.07 42.04
C TYR B 339 23.83 -16.88 43.28
N ARG B 340 23.43 -15.64 43.58
CA ARG B 340 22.50 -15.38 44.68
C ARG B 340 21.08 -15.34 44.11
N ARG B 341 20.20 -16.14 44.71
CA ARG B 341 18.85 -16.28 44.19
C ARG B 341 17.90 -16.43 45.38
N GLY B 342 16.72 -15.83 45.28
CA GLY B 342 15.73 -15.98 46.33
C GLY B 342 15.39 -17.44 46.54
N ALA B 343 15.21 -17.83 47.81
CA ALA B 343 14.97 -19.23 48.13
C ALA B 343 13.69 -19.75 47.47
N ASP B 344 12.67 -18.90 47.36
CA ASP B 344 11.43 -19.33 46.72
C ASP B 344 11.56 -19.38 45.21
N LEU B 345 12.61 -18.78 44.64
CA LEU B 345 12.88 -18.87 43.21
C LEU B 345 13.78 -20.04 42.86
N ALA B 346 14.64 -20.48 43.79
CA ALA B 346 15.62 -21.53 43.54
C ALA B 346 14.97 -22.91 43.73
N THR B 347 14.19 -23.31 42.73
CA THR B 347 13.39 -24.52 42.76
C THR B 347 14.21 -25.77 42.45
N PRO B 348 13.73 -26.96 42.87
CA PRO B 348 14.55 -28.18 42.73
C PRO B 348 14.58 -28.78 41.33
N ASN B 349 13.55 -28.56 40.52
CA ASN B 349 13.63 -28.93 39.10
C ASN B 349 12.86 -27.87 38.31
N PHE B 350 12.69 -28.11 37.01
CA PHE B 350 12.06 -27.14 36.12
C PHE B 350 10.56 -27.29 36.03
N ASN B 351 9.94 -28.07 36.93
CA ASN B 351 8.55 -28.43 36.76
C ASN B 351 7.77 -28.30 38.05
N VAL B 352 8.21 -27.41 38.92
CA VAL B 352 7.46 -26.95 40.09
C VAL B 352 7.47 -25.43 40.02
N PRO B 353 6.45 -24.75 40.56
CA PRO B 353 6.34 -23.29 40.34
C PRO B 353 7.42 -22.50 41.05
N MET B 354 7.82 -21.40 40.42
CA MET B 354 8.80 -20.48 40.99
C MET B 354 8.10 -19.36 41.75
N GLY B 355 8.67 -18.98 42.89
CA GLY B 355 8.20 -17.85 43.65
C GLY B 355 9.02 -16.62 43.32
N ASP B 356 8.36 -15.59 42.81
CA ASP B 356 9.04 -14.41 42.29
C ASP B 356 9.11 -13.25 43.28
N SER B 357 8.82 -13.50 44.56
CA SER B 357 8.62 -12.40 45.51
C SER B 357 9.83 -11.46 45.59
N LEU B 358 11.03 -11.96 45.37
CA LEU B 358 12.22 -11.14 45.55
C LEU B 358 12.80 -10.65 44.23
N LEU B 359 11.99 -10.58 43.17
CA LEU B 359 12.52 -10.10 41.90
C LEU B 359 12.87 -8.62 41.93
N TRP B 360 12.36 -7.85 42.91
CA TRP B 360 12.82 -6.47 42.99
C TRP B 360 14.27 -6.35 43.43
N LEU B 361 14.88 -7.43 43.91
CA LEU B 361 16.33 -7.48 44.04
C LEU B 361 16.95 -8.10 42.79
N TYR B 362 16.54 -9.32 42.45
CA TYR B 362 17.02 -10.05 41.28
C TYR B 362 17.10 -9.14 40.05
N GLU B 363 15.95 -8.61 39.64
CA GLU B 363 15.88 -7.75 38.47
C GLU B 363 16.03 -6.28 38.84
N GLY B 364 15.43 -5.85 39.96
CA GLY B 364 15.45 -4.43 40.29
C GLY B 364 16.85 -3.88 40.48
N GLN B 365 17.67 -4.56 41.29
CA GLN B 365 19.01 -4.04 41.49
C GLN B 365 19.90 -4.30 40.29
N THR B 366 19.58 -5.31 39.48
CA THR B 366 20.32 -5.53 38.24
C THR B 366 20.00 -4.46 37.22
N GLN B 367 18.72 -4.05 37.12
CA GLN B 367 18.38 -2.90 36.29
C GLN B 367 19.18 -1.67 36.72
N PHE B 368 19.27 -1.45 38.03
CA PHE B 368 20.06 -0.36 38.60
C PHE B 368 21.52 -0.45 38.17
N TRP B 369 22.15 -1.63 38.38
CA TRP B 369 23.56 -1.77 38.06
C TRP B 369 23.82 -1.78 36.56
N GLY B 370 22.90 -2.32 35.77
CA GLY B 370 23.07 -2.27 34.32
C GLY B 370 23.25 -0.85 33.82
N GLU B 371 22.45 0.09 34.33
CA GLU B 371 22.58 1.48 33.91
C GLU B 371 23.78 2.15 34.55
N VAL B 372 24.01 1.92 35.85
CA VAL B 372 25.18 2.49 36.51
C VAL B 372 26.47 1.99 35.86
N MET B 373 26.54 0.68 35.58
CA MET B 373 27.74 0.10 34.99
C MET B 373 27.92 0.51 33.53
N SER B 374 26.83 0.80 32.82
CA SER B 374 26.98 1.35 31.48
C SER B 374 27.74 2.68 31.52
N ALA B 375 27.44 3.51 32.52
CA ALA B 375 28.15 4.77 32.67
C ALA B 375 29.57 4.55 33.15
N ARG B 376 29.77 3.67 34.15
CA ARG B 376 31.10 3.45 34.71
C ARG B 376 32.06 2.85 33.67
N SER B 377 31.55 2.08 32.72
CA SER B 377 32.40 1.42 31.73
C SER B 377 32.54 2.20 30.44
N GLY B 378 31.73 3.22 30.20
CA GLY B 378 31.74 3.92 28.94
C GLY B 378 30.86 3.33 27.86
N LEU B 379 30.08 2.29 28.17
CA LEU B 379 29.05 1.86 27.23
C LEU B 379 28.05 2.98 26.96
N TRP B 380 27.76 3.78 27.99
CA TRP B 380 26.96 4.99 27.88
C TRP B 380 27.83 6.18 28.30
N THR B 381 27.53 7.35 27.76
CA THR B 381 28.08 8.57 28.32
C THR B 381 27.35 8.92 29.61
N GLN B 382 27.99 9.79 30.41
CA GLN B 382 27.35 10.21 31.66
C GLN B 382 26.04 10.95 31.39
N GLU B 383 26.00 11.76 30.33
CA GLU B 383 24.77 12.47 29.98
C GLU B 383 23.68 11.51 29.54
N GLN B 384 24.04 10.47 28.79
CA GLN B 384 23.06 9.47 28.39
C GLN B 384 22.47 8.75 29.58
N ALA B 385 23.32 8.31 30.51
CA ALA B 385 22.83 7.59 31.69
C ALA B 385 21.96 8.49 32.55
N ARG B 386 22.31 9.77 32.65
CA ARG B 386 21.55 10.70 33.49
C ARG B 386 20.17 10.96 32.90
N ASP B 387 20.08 11.16 31.58
CA ASP B 387 18.75 11.34 30.99
C ASP B 387 17.94 10.05 31.04
N MET B 388 18.58 8.88 30.94
CA MET B 388 17.83 7.65 31.13
C MET B 388 17.26 7.58 32.54
N LEU B 389 18.07 7.90 33.54
CA LEU B 389 17.59 7.90 34.92
C LEU B 389 16.46 8.90 35.09
N ALA B 390 16.56 10.05 34.43
CA ALA B 390 15.47 11.02 34.46
C ALA B 390 14.18 10.41 33.93
N GLY B 391 14.29 9.62 32.85
CA GLY B 391 13.11 8.98 32.31
C GLY B 391 12.49 7.97 33.27
N VAL B 392 13.34 7.23 33.99
CA VAL B 392 12.84 6.29 34.98
C VAL B 392 12.15 7.05 36.12
N ALA B 393 12.77 8.13 36.59
CA ALA B 393 12.18 8.90 37.67
C ALA B 393 10.83 9.47 37.26
N ALA B 394 10.74 9.99 36.03
CA ALA B 394 9.47 10.53 35.53
C ALA B 394 8.42 9.43 35.41
N GLN B 395 8.84 8.23 35.02
CA GLN B 395 7.91 7.11 34.90
C GLN B 395 7.17 6.86 36.21
N TYR B 396 7.84 7.00 37.35
CA TYR B 396 7.19 6.77 38.62
C TYR B 396 6.61 8.04 39.23
N GLU B 397 7.10 9.22 38.84
CA GLU B 397 6.45 10.43 39.32
C GLU B 397 5.15 10.70 38.60
N ARG B 398 5.11 10.52 37.27
CA ARG B 398 3.93 10.85 36.47
C ARG B 398 3.47 9.76 35.52
N GLY B 399 4.31 8.78 35.20
CA GLY B 399 3.94 7.78 34.21
C GLY B 399 3.36 6.50 34.75
N ARG B 400 3.07 6.43 36.05
CA ARG B 400 2.55 5.21 36.66
C ARG B 400 1.37 5.54 37.58
N PRO B 401 0.27 6.04 37.02
CA PRO B 401 -0.92 6.27 37.86
C PRO B 401 -1.45 4.99 38.51
N GLY B 402 -1.07 3.82 38.00
CA GLY B 402 -1.46 2.57 38.62
C GLY B 402 -0.88 2.35 40.01
N MET B 403 0.17 3.11 40.36
CA MET B 403 0.74 3.03 41.71
C MET B 403 -0.26 3.42 42.77
N ALA B 404 -1.32 4.15 42.41
CA ALA B 404 -2.33 4.53 43.38
C ALA B 404 -3.06 3.32 43.95
N TRP B 405 -3.10 2.21 43.20
CA TRP B 405 -3.84 1.03 43.65
C TRP B 405 -3.00 -0.24 43.71
N ARG B 406 -1.89 -0.31 42.98
CA ARG B 406 -1.06 -1.52 42.93
C ARG B 406 0.35 -1.21 43.41
N THR B 407 0.92 -2.15 44.17
CA THR B 407 2.27 -1.98 44.69
C THR B 407 3.28 -2.59 43.73
N VAL B 408 4.53 -2.11 43.83
CA VAL B 408 5.60 -2.71 43.06
C VAL B 408 5.78 -4.18 43.43
N GLN B 409 5.61 -4.52 44.71
CA GLN B 409 5.73 -5.91 45.12
C GLN B 409 4.77 -6.80 44.35
N ASP B 410 3.53 -6.35 44.16
CA ASP B 410 2.59 -7.19 43.44
C ASP B 410 2.98 -7.40 41.99
N THR B 411 3.79 -6.51 41.41
CA THR B 411 4.21 -6.69 40.02
C THR B 411 5.20 -7.83 39.85
N THR B 412 5.76 -8.38 40.94
CA THR B 412 6.57 -9.58 40.78
C THR B 412 5.75 -10.78 40.31
N ASN B 413 4.42 -10.67 40.32
CA ASN B 413 3.55 -11.70 39.77
C ASN B 413 3.23 -11.51 38.30
N ASP B 414 3.66 -10.39 37.70
CA ASP B 414 3.39 -10.14 36.28
C ASP B 414 3.95 -11.20 35.34
N PRO B 415 5.14 -11.80 35.59
CA PRO B 415 5.59 -12.84 34.66
C PRO B 415 4.58 -13.97 34.48
N THR B 416 4.02 -14.48 35.57
CA THR B 416 3.04 -15.56 35.47
C THR B 416 1.66 -15.05 35.09
N MET B 417 1.29 -13.85 35.55
CA MET B 417 -0.02 -13.29 35.22
C MET B 417 -0.13 -12.99 33.73
N SER B 418 0.90 -12.41 33.14
CA SER B 418 0.83 -11.86 31.79
C SER B 418 1.71 -12.55 30.77
N MET B 419 2.84 -13.15 31.18
CA MET B 419 3.77 -13.78 30.25
C MET B 419 4.18 -12.82 29.13
N ARG B 420 4.26 -11.52 29.46
CA ARG B 420 4.63 -10.46 28.53
C ARG B 420 3.71 -10.38 27.32
N ARG B 421 2.47 -10.84 27.47
CA ARG B 421 1.45 -10.62 26.46
C ARG B 421 1.02 -9.16 26.46
N PRO B 422 0.41 -8.69 25.36
CA PRO B 422 0.07 -7.26 25.27
C PRO B 422 -0.83 -6.80 26.40
N LYS B 423 -0.55 -5.60 26.91
CA LYS B 423 -1.36 -4.96 27.94
C LYS B 423 -1.88 -3.63 27.45
N ALA B 424 -3.13 -3.31 27.82
CA ALA B 424 -3.75 -2.08 27.34
C ALA B 424 -3.10 -0.86 27.98
N TYR B 425 -2.86 -0.90 29.30
CA TYR B 425 -2.32 0.24 30.06
C TYR B 425 -1.18 -0.28 30.94
N ARG B 426 0.02 -0.38 30.37
CA ARG B 426 1.17 -0.66 31.21
C ARG B 426 1.30 0.36 32.34
N ASN B 427 0.86 1.59 32.09
CA ASN B 427 0.98 2.67 33.06
C ASN B 427 -0.07 2.59 34.17
N TYR B 428 -1.16 1.84 33.97
CA TYR B 428 -2.20 1.72 34.99
C TYR B 428 -2.34 0.31 35.54
N GLN B 429 -2.30 -0.72 34.69
CA GLN B 429 -2.21 -2.08 35.21
C GLN B 429 -0.88 -2.34 35.90
N MET B 430 0.15 -1.53 35.61
CA MET B 430 1.54 -1.75 35.99
C MET B 430 2.12 -2.88 35.14
N SER B 431 3.44 -2.97 35.07
CA SER B 431 4.07 -3.95 34.18
C SER B 431 5.50 -4.20 34.65
N GLU B 432 5.67 -5.22 35.48
CA GLU B 432 7.00 -5.66 35.93
C GLU B 432 7.82 -4.49 36.49
N ASP B 433 7.17 -3.62 37.27
CA ASP B 433 7.85 -2.46 37.83
C ASP B 433 8.87 -2.83 38.90
N TYR B 434 8.94 -4.10 39.31
CA TYR B 434 10.06 -4.53 40.13
C TYR B 434 11.41 -4.29 39.45
N TYR B 435 11.41 -4.09 38.12
CA TYR B 435 12.59 -3.64 37.40
C TYR B 435 12.93 -2.20 37.74
N SER B 436 12.20 -1.25 37.13
CA SER B 436 12.56 0.16 37.19
C SER B 436 12.12 0.81 38.49
N GLY B 437 10.97 0.40 39.03
CA GLY B 437 10.61 0.83 40.37
C GLY B 437 11.59 0.30 41.40
N GLY B 438 11.99 -0.98 41.24
CA GLY B 438 13.05 -1.50 42.09
C GLY B 438 14.34 -0.73 41.94
N GLN B 439 14.70 -0.38 40.71
CA GLN B 439 15.89 0.43 40.46
C GLN B 439 15.85 1.73 41.28
N MET B 440 14.71 2.42 41.26
CA MET B 440 14.60 3.68 42.01
C MET B 440 14.73 3.42 43.51
N MET B 441 14.14 2.33 44.01
CA MET B 441 14.32 2.01 45.42
C MET B 441 15.79 1.79 45.76
N TRP B 442 16.52 1.07 44.90
CA TRP B 442 17.93 0.83 45.20
C TRP B 442 18.75 2.11 45.13
N LEU B 443 18.38 3.04 44.24
CA LEU B 443 19.01 4.36 44.25
C LEU B 443 18.78 5.06 45.59
N GLU B 444 17.57 4.97 46.13
CA GLU B 444 17.32 5.58 47.44
C GLU B 444 18.05 4.84 48.54
N VAL B 445 18.17 3.51 48.43
CA VAL B 445 18.97 2.75 49.39
C VAL B 445 20.40 3.26 49.39
N ASP B 446 20.97 3.46 48.19
CA ASP B 446 22.31 4.03 48.08
C ASP B 446 22.41 5.37 48.80
N SER B 447 21.46 6.26 48.55
CA SER B 447 21.52 7.58 49.16
C SER B 447 21.41 7.49 50.68
N LYS B 448 20.62 6.53 51.18
CA LYS B 448 20.46 6.39 52.62
C LYS B 448 21.72 5.83 53.26
N LEU B 449 22.36 4.86 52.60
CA LEU B 449 23.64 4.35 53.08
C LEU B 449 24.67 5.48 53.18
N ARG B 450 24.70 6.38 52.20
CA ARG B 450 25.61 7.51 52.25
C ARG B 450 25.28 8.44 53.43
N ALA B 451 24.01 8.73 53.64
CA ALA B 451 23.61 9.65 54.70
C ALA B 451 23.94 9.07 56.08
N LEU B 452 23.73 7.76 56.26
CA LEU B 452 24.00 7.12 57.53
C LEU B 452 25.48 7.10 57.87
N THR B 453 26.35 7.22 56.86
CA THR B 453 27.77 6.98 57.05
C THR B 453 28.63 8.15 56.62
N ASN B 454 28.06 9.34 56.44
CA ASN B 454 28.83 10.49 55.97
C ASN B 454 29.56 10.14 54.68
N ASN B 455 28.87 9.44 53.79
CA ASN B 455 29.35 9.06 52.46
C ASN B 455 30.50 8.06 52.49
N LYS B 456 30.76 7.43 53.63
CA LYS B 456 31.81 6.43 53.74
C LYS B 456 31.34 5.08 53.19
N ARG B 457 30.03 4.82 53.19
CA ARG B 457 29.46 3.60 52.65
C ARG B 457 28.41 3.98 51.60
N SER B 458 28.19 3.06 50.65
CA SER B 458 27.23 3.26 49.58
C SER B 458 26.71 1.89 49.16
N ILE B 459 25.86 1.86 48.13
CA ILE B 459 25.32 0.58 47.69
C ILE B 459 26.42 -0.34 47.17
N ASP B 460 27.56 0.22 46.74
CA ASP B 460 28.69 -0.63 46.37
C ASP B 460 29.07 -1.57 47.50
N ASP B 461 28.97 -1.09 48.73
CA ASP B 461 29.31 -1.94 49.86
C ASP B 461 28.29 -3.06 50.04
N PHE B 462 27.01 -2.81 49.72
CA PHE B 462 26.06 -3.91 49.74
C PHE B 462 26.38 -4.94 48.67
N GLY B 463 26.73 -4.46 47.46
CA GLY B 463 27.07 -5.38 46.39
C GLY B 463 28.19 -6.33 46.77
N LYS B 464 29.27 -5.78 47.31
CA LYS B 464 30.40 -6.62 47.71
C LYS B 464 30.00 -7.56 48.85
N ALA B 465 29.26 -7.07 49.84
CA ALA B 465 28.92 -7.90 50.99
C ALA B 465 27.96 -9.02 50.61
N PHE B 466 26.98 -8.73 49.73
CA PHE B 466 25.93 -9.70 49.45
C PHE B 466 26.30 -10.69 48.36
N PHE B 467 27.11 -10.27 47.38
CA PHE B 467 27.44 -11.12 46.24
C PHE B 467 28.92 -11.43 46.11
N GLY B 468 29.77 -10.83 46.95
CA GLY B 468 31.21 -10.93 46.77
C GLY B 468 31.89 -12.10 47.45
N MET B 469 31.15 -12.91 48.20
CA MET B 469 31.77 -14.06 48.86
C MET B 469 32.05 -15.16 47.83
N LYS B 470 32.93 -16.07 48.22
CA LYS B 470 33.09 -17.36 47.54
C LYS B 470 33.43 -17.17 46.05
N ASN B 471 34.57 -16.51 45.81
CA ASN B 471 35.04 -16.32 44.45
C ASN B 471 35.20 -17.66 43.75
N GLY B 472 34.76 -17.72 42.49
CA GLY B 472 34.84 -18.93 41.69
C GLY B 472 33.65 -19.86 41.81
N ASP B 473 32.86 -19.77 42.88
CA ASP B 473 31.68 -20.60 43.02
C ASP B 473 30.59 -20.14 42.06
N TRP B 474 29.99 -21.08 41.32
CA TRP B 474 28.82 -20.77 40.51
C TRP B 474 27.70 -21.77 40.75
N ASP B 475 27.60 -22.28 41.97
CA ASP B 475 26.41 -22.94 42.46
C ASP B 475 25.42 -21.87 42.95
N VAL B 476 24.23 -22.30 43.36
CA VAL B 476 23.23 -21.36 43.85
C VAL B 476 23.41 -21.12 45.34
N ASN B 477 23.45 -19.85 45.74
CA ASN B 477 23.54 -19.46 47.14
C ASN B 477 22.25 -18.73 47.51
N PRO B 478 21.27 -19.41 48.09
CA PRO B 478 19.95 -18.80 48.27
C PRO B 478 19.94 -17.72 49.34
N TYR B 479 18.93 -16.85 49.27
CA TYR B 479 18.71 -15.82 50.27
C TYR B 479 17.22 -15.63 50.48
N THR B 480 16.88 -15.04 51.63
CA THR B 480 15.54 -14.61 51.97
C THR B 480 15.53 -13.10 52.16
N PHE B 481 14.32 -12.56 52.35
CA PHE B 481 14.18 -11.13 52.63
C PHE B 481 15.03 -10.73 53.84
N ASP B 482 14.99 -11.55 54.91
CA ASP B 482 15.76 -11.21 56.11
C ASP B 482 17.25 -11.12 55.83
N ASP B 483 17.76 -11.91 54.88
CA ASP B 483 19.17 -11.83 54.53
C ASP B 483 19.52 -10.48 53.91
N ILE B 484 18.64 -9.97 53.04
CA ILE B 484 18.85 -8.64 52.48
C ILE B 484 18.93 -7.59 53.59
N VAL B 485 17.97 -7.64 54.51
CA VAL B 485 17.94 -6.68 55.61
C VAL B 485 19.21 -6.80 56.44
N SER B 486 19.62 -8.03 56.76
CA SER B 486 20.80 -8.24 57.60
C SER B 486 22.06 -7.67 56.95
N THR B 487 22.23 -7.89 55.65
CA THR B 487 23.43 -7.43 54.98
C THR B 487 23.45 -5.90 54.89
N LEU B 488 22.30 -5.29 54.58
CA LEU B 488 22.21 -3.84 54.60
C LEU B 488 22.53 -3.28 55.98
N ASN B 489 21.95 -3.90 57.02
CA ASN B 489 22.21 -3.46 58.39
C ASN B 489 23.69 -3.62 58.74
N GLY B 490 24.36 -4.62 58.17
CA GLY B 490 25.79 -4.76 58.38
C GLY B 490 26.60 -3.66 57.72
N VAL B 491 26.11 -3.11 56.62
CA VAL B 491 26.81 -1.96 56.02
C VAL B 491 26.59 -0.71 56.86
N ALA B 492 25.34 -0.45 57.25
CA ALA B 492 25.01 0.69 58.09
C ALA B 492 23.74 0.35 58.84
N ALA B 493 23.80 0.40 60.18
CA ALA B 493 22.67 -0.01 60.99
C ALA B 493 21.50 0.95 60.78
N PHE B 494 20.32 0.36 60.56
CA PHE B 494 19.10 1.10 60.24
C PHE B 494 17.98 0.07 60.10
N ASP B 495 16.74 0.53 60.24
CA ASP B 495 15.58 -0.34 60.11
C ASP B 495 15.30 -0.56 58.62
N TRP B 496 16.13 -1.42 58.02
CA TRP B 496 16.01 -1.66 56.58
C TRP B 496 14.76 -2.46 56.23
N ALA B 497 14.28 -3.31 57.15
CA ALA B 497 13.07 -4.07 56.87
C ALA B 497 11.89 -3.13 56.61
N SER B 498 11.71 -2.13 57.48
CA SER B 498 10.62 -1.18 57.29
C SER B 498 10.83 -0.33 56.04
N PHE B 499 12.08 0.04 55.76
CA PHE B 499 12.36 0.85 54.57
C PHE B 499 11.97 0.10 53.29
N LEU B 500 12.43 -1.14 53.16
CA LEU B 500 12.15 -1.91 51.95
C LEU B 500 10.65 -2.16 51.78
N ARG B 501 9.98 -2.62 52.85
N ARG B 501 9.99 -2.62 52.84
CA ARG B 501 8.57 -2.93 52.74
CA ARG B 501 8.57 -2.93 52.76
C ARG B 501 7.73 -1.68 52.46
C ARG B 501 7.75 -1.68 52.46
N SER B 502 8.11 -0.54 53.05
CA SER B 502 7.33 0.68 52.82
C SER B 502 7.38 1.10 51.36
N ARG B 503 8.49 0.83 50.67
CA ARG B 503 8.59 1.20 49.26
C ARG B 503 7.92 0.17 48.36
N MET B 504 8.16 -1.12 48.63
CA MET B 504 7.62 -2.16 47.75
C MET B 504 6.16 -2.47 48.04
N ASP B 505 5.68 -2.24 49.26
CA ASP B 505 4.28 -2.48 49.60
C ASP B 505 3.46 -1.20 49.64
N GLY B 506 4.06 -0.05 49.31
CA GLY B 506 3.39 1.22 49.42
C GLY B 506 2.89 1.75 48.08
N HIS B 507 2.27 2.93 48.16
CA HIS B 507 1.77 3.63 46.99
C HIS B 507 2.39 5.02 46.85
N GLY B 508 3.39 5.35 47.66
CA GLY B 508 3.98 6.66 47.67
C GLY B 508 5.16 6.76 46.72
N SER B 509 5.88 7.88 46.85
CA SER B 509 6.95 8.19 45.91
C SER B 509 8.11 7.20 46.03
N LEU B 510 8.67 6.84 44.88
CA LEU B 510 9.86 5.99 44.83
C LEU B 510 11.11 6.74 44.44
N ILE B 511 11.01 8.04 44.16
CA ILE B 511 12.12 8.77 43.52
C ILE B 511 12.92 9.58 44.53
N GLY B 512 12.78 9.32 45.83
CA GLY B 512 13.49 10.08 46.85
C GLY B 512 15.00 10.01 46.73
N GLY B 513 15.53 8.95 46.12
CA GLY B 513 16.98 8.84 45.95
C GLY B 513 17.56 9.89 45.04
N ILE B 514 16.74 10.46 44.15
CA ILE B 514 17.21 11.53 43.26
C ILE B 514 17.61 12.75 44.08
N GLU B 515 16.67 13.28 44.87
CA GLU B 515 16.95 14.47 45.67
C GLU B 515 18.02 14.19 46.71
N ALA B 516 17.94 13.03 47.37
CA ALA B 516 18.90 12.72 48.43
C ALA B 516 20.33 12.66 47.91
N ASN B 517 20.51 12.27 46.66
CA ASN B 517 21.85 12.22 46.08
C ASN B 517 22.19 13.46 45.26
N GLY B 518 21.43 14.54 45.42
CA GLY B 518 21.86 15.85 45.00
C GLY B 518 21.27 16.42 43.72
N TRP B 519 20.25 15.80 43.15
CA TRP B 519 19.65 16.26 41.90
C TRP B 519 18.14 16.36 42.04
N LYS B 520 17.49 16.94 41.04
CA LYS B 520 16.03 17.10 41.08
C LYS B 520 15.45 16.84 39.70
N LEU B 521 14.34 16.09 39.66
CA LEU B 521 13.66 15.79 38.41
C LEU B 521 12.86 17.00 37.94
N VAL B 522 13.12 17.45 36.71
CA VAL B 522 12.42 18.57 36.12
C VAL B 522 11.88 18.16 34.74
N TYR B 523 10.98 18.97 34.22
CA TYR B 523 10.42 18.77 32.89
C TYR B 523 10.51 20.08 32.11
N ASN B 524 10.86 19.99 30.83
CA ASN B 524 10.90 21.16 29.96
C ASN B 524 10.77 20.67 28.52
N ASP B 525 10.85 21.61 27.58
CA ASP B 525 10.65 21.27 26.17
C ASP B 525 11.91 20.77 25.48
N GLU B 526 13.03 20.65 26.20
CA GLU B 526 14.23 20.08 25.61
C GLU B 526 14.10 18.55 25.55
N PRO B 527 14.29 17.93 24.38
CA PRO B 527 14.09 16.48 24.27
C PRO B 527 15.00 15.68 25.20
N ASN B 528 14.46 14.60 25.74
CA ASN B 528 15.24 13.63 26.48
C ASN B 528 16.09 12.81 25.51
N LEU B 529 17.37 12.63 25.83
CA LEU B 529 18.29 11.98 24.89
C LEU B 529 17.80 10.59 24.49
N ALA B 530 17.27 9.84 25.46
CA ALA B 530 16.77 8.50 25.17
C ALA B 530 15.54 8.54 24.28
N THR B 531 14.56 9.38 24.64
CA THR B 531 13.35 9.53 23.82
C THR B 531 13.70 9.98 22.42
N LYS B 532 14.60 10.95 22.30
CA LYS B 532 15.00 11.48 21.00
C LYS B 532 15.60 10.37 20.12
N THR B 533 16.53 9.59 20.67
CA THR B 533 17.15 8.51 19.92
C THR B 533 16.11 7.44 19.57
N ASP B 534 15.21 7.13 20.50
CA ASP B 534 14.22 6.09 20.23
C ASP B 534 13.16 6.56 19.23
N GLU B 535 12.90 7.87 19.18
CA GLU B 535 11.93 8.44 18.24
C GLU B 535 12.47 8.59 16.83
N SER B 536 13.71 9.08 16.70
CA SER B 536 14.18 9.73 15.48
C SER B 536 14.30 8.81 14.27
N ASP B 537 14.30 7.49 14.43
CA ASP B 537 14.53 6.64 13.26
C ASP B 537 13.35 6.70 12.29
N ASP B 538 12.14 6.52 12.82
CA ASP B 538 10.92 6.57 12.03
C ASP B 538 10.14 7.88 12.14
N LYS B 539 10.62 8.88 12.91
CA LYS B 539 9.86 10.13 13.17
C LYS B 539 8.60 9.85 13.97
N ASP B 540 8.74 9.07 15.05
CA ASP B 540 7.64 8.83 15.97
C ASP B 540 7.54 10.00 16.95
N ALA B 541 6.48 10.01 17.78
CA ALA B 541 6.24 11.11 18.71
C ALA B 541 5.84 10.55 20.07
N SER B 542 6.75 10.66 21.04
CA SER B 542 6.44 10.33 22.44
C SER B 542 5.94 11.58 23.15
N LEU B 543 4.68 11.57 23.56
CA LEU B 543 4.05 12.75 24.15
C LEU B 543 3.43 12.44 25.51
N THR B 544 4.07 11.54 26.27
CA THR B 544 3.47 11.04 27.51
C THR B 544 3.16 12.17 28.49
N TYR B 545 4.06 13.13 28.62
CA TYR B 545 3.93 14.16 29.65
C TYR B 545 3.31 15.45 29.11
N SER B 546 2.89 15.46 27.85
CA SER B 546 2.08 16.56 27.34
C SER B 546 0.67 16.08 27.01
N LEU B 547 0.47 15.44 25.86
CA LEU B 547 -0.85 14.97 25.50
C LEU B 547 -1.19 13.61 26.12
N GLY B 548 -0.24 12.97 26.80
CA GLY B 548 -0.54 11.71 27.45
C GLY B 548 -0.72 10.54 26.48
N MET B 549 0.08 10.49 25.43
CA MET B 549 0.04 9.38 24.49
C MET B 549 1.34 9.33 23.72
N SER B 550 1.56 8.20 23.05
CA SER B 550 2.66 8.07 22.09
C SER B 550 2.07 7.69 20.74
N LEU B 551 2.74 8.13 19.68
CA LEU B 551 2.27 7.95 18.32
C LEU B 551 3.39 7.41 17.44
N LYS B 552 3.01 6.59 16.47
CA LYS B 552 3.91 6.27 15.38
C LYS B 552 3.87 7.39 14.35
N ALA B 553 4.86 7.40 13.45
CA ALA B 553 4.87 8.41 12.38
C ALA B 553 3.59 8.37 11.55
N SER B 554 2.95 7.20 11.46
CA SER B 554 1.70 7.05 10.73
C SER B 554 0.54 7.78 11.39
N GLY B 555 0.69 8.22 12.63
CA GLY B 555 -0.42 8.75 13.39
C GLY B 555 -1.12 7.74 14.27
N ASP B 556 -0.83 6.44 14.10
CA ASP B 556 -1.42 5.45 14.98
C ASP B 556 -0.98 5.68 16.41
N ILE B 557 -1.94 5.67 17.34
CA ILE B 557 -1.62 5.78 18.75
C ILE B 557 -1.03 4.45 19.23
N SER B 558 0.14 4.50 19.84
CA SER B 558 0.80 3.31 20.33
C SER B 558 0.70 3.13 21.84
N ASP B 559 0.31 4.17 22.57
CA ASP B 559 0.17 4.09 24.03
C ASP B 559 -0.64 5.28 24.49
N VAL B 560 -1.43 5.08 25.55
CA VAL B 560 -2.24 6.14 26.13
C VAL B 560 -2.07 6.10 27.64
N LEU B 561 -1.73 7.25 28.21
CA LEU B 561 -1.55 7.37 29.66
C LEU B 561 -2.90 7.50 30.33
N TRP B 562 -3.17 6.62 31.29
CA TRP B 562 -4.39 6.65 32.09
C TRP B 562 -4.59 8.03 32.71
N ASP B 563 -5.81 8.56 32.58
CA ASP B 563 -6.24 9.85 33.12
C ASP B 563 -5.52 11.05 32.47
N GLY B 564 -4.79 10.84 31.37
CA GLY B 564 -4.17 11.93 30.66
C GLY B 564 -5.11 12.59 29.66
N PRO B 565 -4.62 13.63 28.99
CA PRO B 565 -5.50 14.37 28.05
C PRO B 565 -6.08 13.50 26.95
N ALA B 566 -5.26 12.68 26.29
CA ALA B 566 -5.77 11.79 25.25
C ALA B 566 -6.76 10.79 25.81
N PHE B 567 -6.44 10.20 26.96
CA PHE B 567 -7.37 9.30 27.64
C PHE B 567 -8.71 9.98 27.89
N ASN B 568 -8.68 11.24 28.33
CA ASN B 568 -9.91 11.94 28.65
C ASN B 568 -10.70 12.35 27.42
N ALA B 569 -10.12 12.27 26.23
CA ALA B 569 -10.86 12.42 24.99
C ALA B 569 -11.39 11.09 24.46
N GLY B 570 -11.31 10.03 25.27
CA GLY B 570 -11.78 8.72 24.87
C GLY B 570 -10.85 7.95 23.95
N LEU B 571 -9.65 8.47 23.69
CA LEU B 571 -8.74 7.84 22.73
C LEU B 571 -8.13 6.56 23.31
N ILE B 572 -7.92 5.56 22.45
CA ILE B 572 -7.22 4.34 22.84
C ILE B 572 -6.15 4.03 21.82
N THR B 573 -5.15 3.28 22.28
CA THR B 573 -4.15 2.69 21.40
C THR B 573 -4.83 1.98 20.23
N GLY B 574 -4.35 2.25 19.02
CA GLY B 574 -4.96 1.71 17.83
C GLY B 574 -5.81 2.71 17.06
N ASN B 575 -6.37 3.70 17.73
CA ASN B 575 -6.93 4.84 17.02
C ASN B 575 -5.82 5.57 16.27
N THR B 576 -6.20 6.38 15.29
CA THR B 576 -5.24 7.06 14.45
C THR B 576 -5.50 8.56 14.51
N ILE B 577 -4.44 9.34 14.74
CA ILE B 577 -4.54 10.79 14.61
C ILE B 577 -4.36 11.12 13.14
N VAL B 578 -5.45 11.51 12.48
CA VAL B 578 -5.40 11.76 11.04
C VAL B 578 -4.89 13.17 10.75
N ALA B 579 -5.35 14.15 11.53
CA ALA B 579 -4.99 15.54 11.28
C ALA B 579 -4.91 16.30 12.59
N VAL B 580 -4.16 17.39 12.56
CA VAL B 580 -3.97 18.27 13.69
C VAL B 580 -4.29 19.69 13.25
N ASN B 581 -5.35 20.28 13.83
CA ASN B 581 -5.83 21.59 13.42
C ASN B 581 -6.07 21.65 11.91
N GLY B 582 -6.57 20.54 11.36
CA GLY B 582 -6.89 20.46 9.95
C GLY B 582 -5.76 20.02 9.05
N ARG B 583 -4.54 19.95 9.55
CA ARG B 583 -3.37 19.59 8.75
C ARG B 583 -3.02 18.11 8.93
N ALA B 584 -2.72 17.45 7.81
CA ALA B 584 -2.36 16.04 7.84
C ALA B 584 -1.28 15.77 8.89
N PHE B 585 -1.47 14.69 9.65
CA PHE B 585 -0.61 14.44 10.79
C PHE B 585 0.83 14.19 10.38
N SER B 586 1.75 14.76 11.16
CA SER B 586 3.13 14.29 11.25
C SER B 586 3.59 14.57 12.67
N SER B 587 4.71 13.96 13.05
CA SER B 587 5.24 14.20 14.39
C SER B 587 5.58 15.68 14.59
N ASP B 588 6.21 16.30 13.59
CA ASP B 588 6.49 17.74 13.69
C ASP B 588 5.20 18.54 13.77
N VAL B 589 4.18 18.13 13.00
CA VAL B 589 2.93 18.90 12.98
C VAL B 589 2.28 18.89 14.36
N ILE B 590 2.21 17.72 15.00
CA ILE B 590 1.53 17.67 16.29
C ILE B 590 2.36 18.35 17.37
N LYS B 591 3.69 18.21 17.31
CA LYS B 591 4.54 18.90 18.28
C LYS B 591 4.43 20.42 18.13
N ASP B 592 4.42 20.91 16.90
CA ASP B 592 4.26 22.35 16.68
C ASP B 592 2.92 22.83 17.24
N ALA B 593 1.87 22.01 17.08
CA ALA B 593 0.56 22.41 17.60
C ALA B 593 0.55 22.44 19.13
N ILE B 594 1.25 21.51 19.78
CA ILE B 594 1.32 21.52 21.24
C ILE B 594 2.01 22.79 21.72
N THR B 595 3.14 23.14 21.11
CA THR B 595 3.82 24.37 21.45
C THR B 595 2.95 25.60 21.16
N ALA B 596 2.23 25.58 20.03
CA ALA B 596 1.37 26.72 19.68
C ALA B 596 0.22 26.89 20.67
N ALA B 597 -0.21 25.81 21.32
CA ALA B 597 -1.29 25.86 22.30
C ALA B 597 -0.82 26.25 23.69
N LYS B 598 0.48 26.40 23.89
CA LYS B 598 0.99 26.70 25.23
C LYS B 598 0.50 28.06 25.70
N GLY B 599 -0.22 28.08 26.82
CA GLY B 599 -0.69 29.30 27.43
C GLY B 599 -1.93 29.92 26.82
N THR B 600 -2.56 29.28 25.83
CA THR B 600 -3.75 29.82 25.21
C THR B 600 -4.99 29.11 25.74
N THR B 601 -6.16 29.48 25.21
CA THR B 601 -7.41 28.80 25.53
C THR B 601 -8.04 28.15 24.32
N VAL B 602 -7.29 28.01 23.22
CA VAL B 602 -7.79 27.41 22.00
C VAL B 602 -7.41 25.91 22.03
N PRO B 603 -8.36 25.01 22.11
CA PRO B 603 -8.01 23.58 22.21
C PRO B 603 -7.34 23.09 20.93
N ILE B 604 -6.55 22.03 21.08
CA ILE B 604 -5.94 21.39 19.93
C ILE B 604 -6.98 20.49 19.28
N GLU B 605 -7.21 20.69 17.98
CA GLU B 605 -8.23 19.91 17.29
C GLU B 605 -7.56 18.73 16.61
N LEU B 606 -7.91 17.53 17.06
CA LEU B 606 -7.37 16.30 16.50
C LEU B 606 -8.49 15.61 15.75
N LEU B 607 -8.28 15.39 14.45
CA LEU B 607 -9.15 14.55 13.66
C LEU B 607 -8.70 13.12 13.89
N VAL B 608 -9.62 12.27 14.38
CA VAL B 608 -9.27 10.94 14.84
C VAL B 608 -10.04 9.91 14.04
N LYS B 609 -9.36 8.82 13.66
CA LYS B 609 -10.02 7.66 13.11
C LYS B 609 -10.14 6.60 14.19
N ARG B 610 -11.36 6.22 14.53
CA ARG B 610 -11.66 5.15 15.48
C ARG B 610 -12.39 4.07 14.70
N LEU B 611 -11.71 2.94 14.46
CA LEU B 611 -12.23 1.91 13.57
C LEU B 611 -12.61 2.57 12.24
N ASP B 612 -13.88 2.50 11.86
CA ASP B 612 -14.35 3.05 10.59
C ASP B 612 -15.04 4.40 10.74
N ARG B 613 -14.79 5.13 11.82
CA ARG B 613 -15.43 6.42 12.06
C ARG B 613 -14.38 7.50 12.27
N TYR B 614 -14.73 8.71 11.84
CA TYR B 614 -13.88 9.89 11.97
C TYR B 614 -14.59 10.90 12.84
N ASP B 615 -13.87 11.47 13.80
CA ASP B 615 -14.41 12.55 14.60
C ASP B 615 -13.29 13.49 14.96
N THR B 616 -13.66 14.71 15.36
CA THR B 616 -12.69 15.70 15.81
C THR B 616 -12.86 15.90 17.30
N VAL B 617 -11.76 15.78 18.04
CA VAL B 617 -11.77 16.00 19.48
C VAL B 617 -11.01 17.28 19.74
N ARG B 618 -11.42 17.99 20.77
CA ARG B 618 -10.82 19.26 21.16
C ARG B 618 -10.13 19.02 22.49
N ILE B 619 -8.79 19.14 22.49
CA ILE B 619 -8.00 18.84 23.67
C ILE B 619 -7.50 20.15 24.26
N ASP B 620 -7.95 20.45 25.48
CA ASP B 620 -7.59 21.69 26.19
C ASP B 620 -6.29 21.48 26.97
N TYR B 621 -5.21 21.23 26.24
CA TYR B 621 -3.90 21.06 26.85
C TYR B 621 -3.02 22.24 26.46
N HIS B 622 -2.50 22.95 27.46
CA HIS B 622 -1.76 24.18 27.22
C HIS B 622 -0.45 24.23 27.98
N GLY B 623 0.11 23.07 28.36
CA GLY B 623 1.38 23.03 29.05
C GLY B 623 2.61 22.93 28.17
N GLY B 624 2.44 22.76 26.87
CA GLY B 624 3.56 22.63 25.96
C GLY B 624 4.22 21.26 26.04
N LEU B 625 5.30 21.10 25.27
CA LEU B 625 6.06 19.86 25.28
C LEU B 625 6.83 19.73 26.59
N LEU B 626 6.81 18.53 27.17
CA LEU B 626 7.42 18.29 28.49
C LEU B 626 8.20 16.99 28.46
N TYR B 627 9.52 17.07 28.65
CA TYR B 627 10.41 15.93 28.72
C TYR B 627 11.23 15.95 30.00
N PRO B 628 11.50 14.80 30.60
CA PRO B 628 12.16 14.77 31.92
C PRO B 628 13.67 14.91 31.82
N HIS B 629 14.25 15.61 32.80
CA HIS B 629 15.69 15.74 32.97
C HIS B 629 15.99 15.83 34.45
N LEU B 630 17.27 15.67 34.79
CA LEU B 630 17.75 15.89 36.15
C LEU B 630 18.58 17.17 36.18
N GLU B 631 18.38 17.97 37.22
CA GLU B 631 19.16 19.17 37.45
C GLU B 631 19.75 19.15 38.85
N ARG B 632 20.94 19.73 38.98
CA ARG B 632 21.63 19.75 40.25
C ARG B 632 20.87 20.58 41.29
N ILE B 633 20.92 20.14 42.54
CA ILE B 633 20.55 20.94 43.69
C ILE B 633 21.85 21.54 44.21
N ALA B 634 22.05 22.83 43.96
CA ALA B 634 23.36 23.47 44.17
C ALA B 634 23.89 23.29 45.59
N GLY B 635 23.02 23.35 46.60
CA GLY B 635 23.50 23.32 47.97
C GLY B 635 23.92 21.96 48.49
N LYS B 636 23.44 20.85 47.84
CA LYS B 636 23.70 19.49 48.32
C LYS B 636 24.88 18.84 47.60
N PRO B 637 25.59 17.93 48.28
CA PRO B 637 26.66 17.19 47.62
C PRO B 637 26.12 16.34 46.47
N ASP B 638 26.91 16.26 45.40
CA ASP B 638 26.53 15.49 44.23
C ASP B 638 27.01 14.06 44.41
N ARG B 639 26.23 13.28 45.17
CA ARG B 639 26.50 11.86 45.31
C ARG B 639 26.12 11.08 44.06
N LEU B 640 25.19 11.59 43.26
CA LEU B 640 24.75 10.87 42.07
C LEU B 640 25.91 10.68 41.10
N SER B 641 26.67 11.75 40.86
CA SER B 641 27.81 11.63 39.95
C SER B 641 28.88 10.71 40.51
N GLU B 642 29.07 10.68 41.83
CA GLU B 642 29.99 9.71 42.42
C GLU B 642 29.53 8.29 42.12
N LEU B 643 28.23 8.03 42.30
CA LEU B 643 27.68 6.70 42.04
C LEU B 643 27.94 6.24 40.62
N TYR B 644 27.77 7.14 39.65
CA TYR B 644 27.89 6.82 38.25
C TYR B 644 29.32 6.93 37.71
N LYS B 645 30.28 7.24 38.57
CA LYS B 645 31.67 7.43 38.16
C LYS B 645 32.42 6.10 38.14
N ALA B 646 33.28 5.94 37.14
CA ALA B 646 34.12 4.76 37.05
C ALA B 646 35.01 4.63 38.28
N ARG B 647 35.14 3.41 38.79
CA ARG B 647 36.02 3.12 39.92
C ARG B 647 37.38 2.59 39.45
N ALA C 43 -1.09 -21.26 48.03
CA ALA C 43 -1.99 -22.40 48.17
C ALA C 43 -3.37 -21.96 48.65
N THR C 44 -4.37 -22.05 47.77
CA THR C 44 -5.73 -21.69 48.13
C THR C 44 -6.46 -22.93 48.62
N ALA C 45 -7.11 -22.81 49.79
CA ALA C 45 -7.86 -23.93 50.35
C ALA C 45 -8.90 -24.44 49.36
N ALA C 46 -9.12 -25.75 49.40
CA ALA C 46 -10.04 -26.38 48.46
C ALA C 46 -11.48 -25.96 48.74
N PRO C 47 -12.31 -25.80 47.73
CA PRO C 47 -13.72 -25.46 47.96
C PRO C 47 -14.47 -26.64 48.58
N GLN C 48 -15.35 -26.31 49.53
CA GLN C 48 -16.15 -27.28 50.25
C GLN C 48 -17.63 -27.06 49.95
N ASP C 49 -18.39 -28.14 49.92
CA ASP C 49 -19.84 -28.08 49.69
C ASP C 49 -20.54 -27.72 51.00
N VAL C 50 -20.42 -26.44 51.37
CA VAL C 50 -20.97 -25.93 52.62
C VAL C 50 -21.83 -24.71 52.30
N PRO C 51 -22.81 -24.40 53.15
CA PRO C 51 -23.67 -23.25 52.88
C PRO C 51 -22.89 -21.95 52.87
N PHE C 52 -23.31 -21.05 51.97
CA PHE C 52 -22.79 -19.69 51.91
C PHE C 52 -23.84 -18.75 52.49
N GLU C 53 -23.45 -17.99 53.51
CA GLU C 53 -24.37 -17.08 54.19
C GLU C 53 -24.46 -15.77 53.41
N GLY C 54 -25.67 -15.37 53.07
CA GLY C 54 -25.86 -14.08 52.43
C GLY C 54 -25.86 -14.17 50.91
N THR C 55 -25.62 -13.02 50.28
CA THR C 55 -25.67 -12.90 48.84
C THR C 55 -24.44 -12.14 48.34
N LEU C 56 -23.85 -12.64 47.25
CA LEU C 56 -22.76 -11.96 46.56
C LEU C 56 -23.36 -11.00 45.54
N LYS C 57 -23.27 -9.70 45.80
CA LYS C 57 -23.78 -8.69 44.89
C LYS C 57 -22.71 -8.26 43.91
N ILE C 58 -23.05 -8.27 42.62
CA ILE C 58 -22.12 -7.93 41.56
C ILE C 58 -22.79 -6.83 40.72
N ASP C 59 -22.27 -5.61 40.80
CA ASP C 59 -22.82 -4.47 40.09
C ASP C 59 -21.80 -4.01 39.05
N VAL C 60 -22.21 -3.97 37.79
CA VAL C 60 -21.32 -3.68 36.67
C VAL C 60 -21.81 -2.43 35.95
N ASP C 61 -20.90 -1.50 35.73
CA ASP C 61 -21.15 -0.34 34.88
C ASP C 61 -20.47 -0.64 33.53
N ALA C 62 -21.28 -0.77 32.48
CA ALA C 62 -20.77 -1.10 31.16
C ALA C 62 -20.95 0.06 30.18
N THR C 63 -20.72 1.29 30.63
CA THR C 63 -20.96 2.46 29.79
C THR C 63 -19.71 3.01 29.11
N ASP C 64 -18.51 2.64 29.55
CA ASP C 64 -17.29 3.20 28.97
C ASP C 64 -16.88 2.39 27.73
N LEU C 65 -17.64 2.60 26.66
CA LEU C 65 -17.37 1.91 25.40
C LEU C 65 -16.07 2.39 24.76
N GLN C 66 -15.72 3.66 24.97
CA GLN C 66 -14.52 4.20 24.31
C GLN C 66 -13.26 3.52 24.81
N HIS C 67 -13.09 3.44 26.14
CA HIS C 67 -11.96 2.73 26.70
C HIS C 67 -12.19 1.22 26.78
N ARG C 68 -13.43 0.78 26.57
CA ARG C 68 -13.82 -0.63 26.65
C ARG C 68 -13.61 -1.19 28.06
N ILE C 69 -14.05 -0.42 29.05
CA ILE C 69 -13.85 -0.74 30.46
C ILE C 69 -15.18 -1.12 31.08
N PHE C 70 -15.20 -2.25 31.80
CA PHE C 70 -16.31 -2.61 32.67
C PHE C 70 -15.92 -2.27 34.10
N LYS C 71 -16.70 -1.40 34.75
CA LYS C 71 -16.45 -1.03 36.14
C LYS C 71 -17.28 -1.93 37.05
N VAL C 72 -16.66 -2.43 38.11
CA VAL C 72 -17.23 -3.51 38.89
C VAL C 72 -17.20 -3.15 40.38
N LYS C 73 -18.28 -3.48 41.08
CA LYS C 73 -18.30 -3.46 42.53
C LYS C 73 -18.91 -4.78 42.99
N THR C 74 -18.17 -5.52 43.82
CA THR C 74 -18.65 -6.78 44.38
C THR C 74 -18.80 -6.63 45.89
N THR C 75 -19.96 -7.02 46.41
CA THR C 75 -20.28 -6.90 47.82
C THR C 75 -20.65 -8.27 48.38
N MET C 76 -20.12 -8.59 49.57
CA MET C 76 -20.32 -9.91 50.15
C MET C 76 -20.10 -9.81 51.66
N PRO C 77 -20.65 -10.75 52.43
CA PRO C 77 -20.36 -10.76 53.87
C PRO C 77 -18.87 -10.99 54.10
N ALA C 78 -18.37 -10.43 55.18
CA ALA C 78 -16.94 -10.50 55.49
C ALA C 78 -16.75 -11.45 56.65
N THR C 79 -15.88 -12.46 56.45
CA THR C 79 -15.58 -13.39 57.54
C THR C 79 -14.28 -13.00 58.22
N PRO C 80 -14.31 -12.84 59.54
CA PRO C 80 -13.11 -12.41 60.28
C PRO C 80 -11.96 -13.37 60.08
N GLY C 81 -10.76 -12.81 60.09
CA GLY C 81 -9.56 -13.58 59.84
C GLY C 81 -9.09 -13.35 58.42
N PRO C 82 -8.13 -14.15 57.97
CA PRO C 82 -7.70 -14.03 56.57
C PRO C 82 -8.84 -14.44 55.66
N MET C 83 -9.05 -13.67 54.61
CA MET C 83 -10.13 -13.94 53.66
C MET C 83 -9.54 -13.86 52.26
N THR C 84 -9.81 -14.88 51.46
CA THR C 84 -9.29 -14.98 50.11
C THR C 84 -10.44 -14.84 49.12
N LEU C 85 -10.27 -13.94 48.16
CA LEU C 85 -11.22 -13.73 47.09
C LEU C 85 -10.62 -14.27 45.80
N LEU C 86 -11.46 -14.87 44.96
CA LEU C 86 -11.00 -15.53 43.75
C LEU C 86 -11.56 -14.84 42.52
N TYR C 87 -10.70 -14.61 41.56
CA TYR C 87 -11.12 -14.25 40.21
C TYR C 87 -11.25 -15.53 39.38
N PRO C 88 -12.39 -15.78 38.73
CA PRO C 88 -12.57 -17.04 38.01
C PRO C 88 -11.45 -17.30 37.02
N GLN C 89 -10.92 -18.52 37.06
CA GLN C 89 -9.75 -18.93 36.29
C GLN C 89 -10.10 -19.91 35.19
N TRP C 90 -10.62 -21.08 35.54
CA TRP C 90 -11.09 -22.07 34.57
C TRP C 90 -12.56 -21.78 34.26
N ILE C 91 -12.87 -21.49 33.00
CA ILE C 91 -14.17 -20.99 32.62
C ILE C 91 -14.92 -22.09 31.89
N PRO C 92 -16.09 -22.50 32.39
CA PRO C 92 -16.82 -23.61 31.75
C PRO C 92 -17.10 -23.34 30.28
N GLY C 93 -16.83 -24.34 29.46
CA GLY C 93 -16.90 -24.20 28.03
C GLY C 93 -15.60 -23.81 27.36
N ASN C 94 -14.64 -23.31 28.13
CA ASN C 94 -13.30 -23.05 27.60
C ASN C 94 -12.32 -24.17 27.90
N HIS C 95 -12.62 -25.02 28.87
CA HIS C 95 -11.82 -26.21 29.17
C HIS C 95 -10.37 -25.88 29.47
N SER C 96 -10.10 -24.65 29.92
CA SER C 96 -8.75 -24.15 30.07
C SER C 96 -8.79 -22.91 30.94
N PRO C 97 -7.65 -22.50 31.51
CA PRO C 97 -7.69 -21.33 32.42
C PRO C 97 -7.64 -19.99 31.69
N THR C 98 -8.77 -19.63 31.08
CA THR C 98 -8.89 -18.44 30.25
C THR C 98 -9.24 -17.17 31.03
N GLY C 99 -9.50 -17.28 32.34
CA GLY C 99 -9.80 -16.10 33.14
C GLY C 99 -8.75 -15.02 32.93
N PRO C 100 -9.19 -13.81 32.53
CA PRO C 100 -8.22 -12.76 32.13
C PRO C 100 -7.69 -11.98 33.32
N ILE C 101 -6.86 -12.65 34.14
CA ILE C 101 -6.45 -12.08 35.42
C ILE C 101 -5.70 -10.77 35.24
N ASP C 102 -4.91 -10.63 34.17
CA ASP C 102 -4.11 -9.41 34.04
C ASP C 102 -4.93 -8.22 33.53
N LYS C 103 -6.21 -8.40 33.24
CA LYS C 103 -7.10 -7.32 32.88
C LYS C 103 -7.93 -6.81 34.05
N LEU C 104 -7.72 -7.36 35.24
CA LEU C 104 -8.33 -6.86 36.47
C LEU C 104 -7.44 -5.75 37.03
N ALA C 105 -7.94 -4.52 37.04
CA ALA C 105 -7.16 -3.36 37.47
C ALA C 105 -7.97 -2.49 38.43
N GLY C 106 -7.28 -1.59 39.11
CA GLY C 106 -7.94 -0.65 40.01
C GLY C 106 -8.56 -1.28 41.24
N LEU C 107 -8.04 -2.43 41.68
CA LEU C 107 -8.68 -3.16 42.78
C LEU C 107 -8.47 -2.45 44.11
N VAL C 108 -9.57 -2.07 44.75
CA VAL C 108 -9.58 -1.53 46.11
C VAL C 108 -10.60 -2.32 46.92
N ILE C 109 -10.18 -2.84 48.06
CA ILE C 109 -11.04 -3.64 48.93
C ILE C 109 -11.24 -2.90 50.24
N LYS C 110 -12.51 -2.77 50.65
CA LYS C 110 -12.87 -2.11 51.89
C LYS C 110 -13.73 -3.05 52.71
N VAL C 111 -13.44 -3.13 54.01
CA VAL C 111 -14.26 -3.88 54.95
C VAL C 111 -14.94 -2.86 55.85
N ASP C 112 -16.28 -2.83 55.81
CA ASP C 112 -17.03 -1.88 56.61
C ASP C 112 -16.57 -0.45 56.34
N GLY C 113 -16.26 -0.16 55.07
CA GLY C 113 -15.89 1.17 54.65
C GLY C 113 -14.43 1.52 54.83
N LYS C 114 -13.61 0.64 55.40
N LYS C 114 -13.62 0.66 55.42
CA LYS C 114 -12.21 0.93 55.66
CA LYS C 114 -12.21 0.92 55.67
C LYS C 114 -11.34 0.10 54.72
C LYS C 114 -11.36 0.11 54.70
N VAL C 115 -10.48 0.80 53.96
CA VAL C 115 -9.58 0.11 53.03
C VAL C 115 -8.73 -0.89 53.77
N VAL C 116 -8.64 -2.11 53.24
CA VAL C 116 -7.73 -3.14 53.74
C VAL C 116 -6.76 -3.47 52.64
N PRO C 117 -5.46 -3.56 52.91
CA PRO C 117 -4.50 -3.91 51.85
C PRO C 117 -4.68 -5.35 51.43
N TRP C 118 -4.51 -5.62 50.14
CA TRP C 118 -4.62 -7.00 49.65
C TRP C 118 -3.26 -7.52 49.19
N THR C 119 -3.12 -8.85 49.28
CA THR C 119 -1.91 -9.56 48.90
C THR C 119 -2.30 -10.70 47.97
N ARG C 120 -1.72 -10.75 46.79
CA ARG C 120 -1.94 -11.84 45.86
C ARG C 120 -1.08 -13.05 46.24
N ASP C 121 -1.64 -14.24 46.05
CA ASP C 121 -0.88 -15.48 46.27
C ASP C 121 0.05 -15.68 45.07
N GLN C 122 1.36 -15.62 45.31
CA GLN C 122 2.29 -15.76 44.19
C GLN C 122 2.23 -17.14 43.55
N PHE C 123 1.68 -18.13 44.24
CA PHE C 123 1.49 -19.46 43.67
C PHE C 123 0.04 -19.69 43.23
N ASP C 124 -0.80 -18.66 43.30
CA ASP C 124 -2.18 -18.72 42.79
C ASP C 124 -2.56 -17.26 42.50
N VAL C 125 -2.21 -16.80 41.29
CA VAL C 125 -2.27 -15.37 41.01
C VAL C 125 -3.71 -14.90 40.82
N TYR C 126 -4.66 -15.83 40.87
CA TYR C 126 -6.07 -15.48 40.85
C TYR C 126 -6.65 -15.28 42.25
N ALA C 127 -5.85 -15.39 43.30
CA ALA C 127 -6.34 -15.37 44.67
C ALA C 127 -5.82 -14.14 45.40
N PHE C 128 -6.73 -13.32 45.92
CA PHE C 128 -6.41 -12.09 46.64
C PHE C 128 -6.79 -12.29 48.10
N LYS C 129 -5.86 -11.96 49.01
CA LYS C 129 -6.06 -12.17 50.43
C LYS C 129 -6.10 -10.84 51.17
N VAL C 130 -7.08 -10.69 52.07
CA VAL C 130 -7.13 -9.55 52.99
C VAL C 130 -7.32 -10.09 54.40
N ASP C 131 -7.09 -9.23 55.37
CA ASP C 131 -7.33 -9.55 56.77
C ASP C 131 -8.59 -8.82 57.21
N VAL C 132 -9.61 -9.60 57.55
CA VAL C 132 -10.89 -9.06 57.98
C VAL C 132 -10.89 -8.95 59.50
N PRO C 133 -11.13 -7.77 60.07
CA PRO C 133 -11.10 -7.64 61.52
C PRO C 133 -12.23 -8.41 62.19
N GLN C 134 -12.01 -8.74 63.46
CA GLN C 134 -13.07 -9.34 64.26
C GLN C 134 -14.25 -8.38 64.30
N GLY C 135 -15.47 -8.91 64.29
CA GLY C 135 -16.64 -8.05 64.36
C GLY C 135 -17.06 -7.39 63.06
N ALA C 136 -16.41 -7.71 61.94
CA ALA C 136 -16.73 -7.08 60.67
C ALA C 136 -18.07 -7.59 60.12
N SER C 137 -18.64 -6.81 59.21
CA SER C 137 -19.93 -7.17 58.61
C SER C 137 -19.84 -7.40 57.11
N GLU C 138 -19.20 -6.50 56.37
CA GLU C 138 -19.35 -6.50 54.92
C GLU C 138 -18.04 -6.14 54.24
N LEU C 139 -17.75 -6.83 53.14
CA LEU C 139 -16.59 -6.53 52.31
C LEU C 139 -17.08 -6.04 50.96
N VAL C 140 -16.47 -4.96 50.47
CA VAL C 140 -16.74 -4.43 49.15
C VAL C 140 -15.42 -4.37 48.40
N ALA C 141 -15.39 -4.97 47.21
CA ALA C 141 -14.24 -4.89 46.32
C ALA C 141 -14.67 -4.17 45.05
N GLU C 142 -13.94 -3.14 44.67
CA GLU C 142 -14.19 -2.41 43.43
C GLU C 142 -12.97 -2.55 42.53
N PHE C 143 -13.23 -2.75 41.25
CA PHE C 143 -12.15 -2.87 40.27
C PHE C 143 -12.74 -2.62 38.90
N LYS C 144 -11.87 -2.65 37.90
CA LYS C 144 -12.26 -2.44 36.51
C LYS C 144 -11.75 -3.61 35.70
N PHE C 145 -12.59 -4.10 34.78
CA PHE C 145 -12.17 -5.10 33.81
C PHE C 145 -11.81 -4.35 32.53
N LEU C 146 -10.52 -4.36 32.17
CA LEU C 146 -10.04 -3.65 30.98
C LEU C 146 -10.12 -4.62 29.81
N SER C 147 -11.27 -4.64 29.14
CA SER C 147 -11.50 -5.59 28.07
C SER C 147 -10.64 -5.24 26.85
N PRO C 148 -10.45 -6.20 25.93
CA PRO C 148 -9.47 -6.00 24.84
C PRO C 148 -9.74 -4.76 24.01
N GLN C 149 -8.70 -3.93 23.87
CA GLN C 149 -8.75 -2.76 22.99
C GLN C 149 -8.33 -3.11 21.57
N ALA C 150 -7.84 -4.32 21.35
CA ALA C 150 -7.55 -4.88 20.04
C ALA C 150 -7.53 -6.39 20.20
N SER C 151 -7.69 -7.10 19.08
N SER C 151 -7.68 -7.10 19.07
CA SER C 151 -7.76 -8.56 19.13
CA SER C 151 -7.75 -8.56 19.11
C SER C 151 -6.48 -9.19 19.64
C SER C 151 -6.48 -9.17 19.69
N SER C 152 -5.35 -8.46 19.61
CA SER C 152 -4.12 -8.97 20.18
C SER C 152 -4.21 -9.19 21.68
N GLN C 153 -5.16 -8.54 22.35
CA GLN C 153 -5.35 -8.68 23.79
C GLN C 153 -6.42 -9.71 24.15
N GLY C 154 -7.05 -10.34 23.17
CA GLY C 154 -8.21 -11.18 23.37
C GLY C 154 -9.37 -10.69 22.51
N ARG C 155 -10.49 -11.39 22.63
CA ARG C 155 -11.63 -11.03 21.78
C ARG C 155 -12.31 -9.76 22.30
N VAL C 156 -12.64 -8.87 21.38
CA VAL C 156 -13.22 -7.58 21.71
C VAL C 156 -14.65 -7.77 22.23
N MET C 157 -14.98 -7.08 23.32
CA MET C 157 -16.26 -7.23 23.99
C MET C 157 -17.10 -5.96 24.01
N MET C 158 -16.58 -4.84 23.52
CA MET C 158 -17.35 -3.60 23.45
C MET C 158 -17.12 -2.95 22.09
N THR C 159 -18.20 -2.41 21.50
CA THR C 159 -18.15 -1.68 20.24
C THR C 159 -19.05 -0.45 20.37
N PRO C 160 -19.05 0.48 19.42
CA PRO C 160 -19.99 1.60 19.51
C PRO C 160 -21.44 1.18 19.42
N GLU C 161 -21.74 -0.04 18.97
CA GLU C 161 -23.11 -0.48 18.79
C GLU C 161 -23.53 -1.66 19.65
N MET C 162 -22.60 -2.41 20.23
CA MET C 162 -22.99 -3.58 21.00
C MET C 162 -21.91 -3.90 22.03
N LEU C 163 -22.25 -4.76 22.98
CA LEU C 163 -21.29 -5.21 23.98
C LEU C 163 -21.64 -6.62 24.41
N ASN C 164 -20.64 -7.30 24.97
CA ASN C 164 -20.74 -8.68 25.42
C ASN C 164 -20.25 -8.72 26.86
N LEU C 165 -21.15 -8.99 27.81
CA LEU C 165 -20.79 -9.06 29.21
C LEU C 165 -20.72 -10.51 29.64
N GLN C 166 -19.53 -10.95 30.03
CA GLN C 166 -19.31 -12.29 30.60
C GLN C 166 -19.01 -12.08 32.08
N TRP C 167 -19.91 -12.56 32.94
CA TRP C 167 -19.87 -12.19 34.36
C TRP C 167 -18.63 -12.71 35.06
N ASN C 168 -17.98 -13.76 34.56
CA ASN C 168 -16.73 -14.21 35.17
C ASN C 168 -15.64 -13.15 35.07
N THR C 169 -15.68 -12.30 34.03
CA THR C 169 -14.69 -11.24 33.92
C THR C 169 -14.93 -10.12 34.92
N THR C 170 -16.13 -10.05 35.50
CA THR C 170 -16.50 -8.98 36.40
C THR C 170 -16.93 -9.54 37.75
N ALA C 171 -16.17 -10.46 38.31
CA ALA C 171 -16.57 -11.11 39.56
C ALA C 171 -15.36 -11.49 40.39
N LEU C 172 -15.48 -11.26 41.70
CA LEU C 172 -14.64 -11.87 42.72
C LEU C 172 -15.57 -12.60 43.69
N TYR C 173 -15.16 -13.79 44.14
CA TYR C 173 -16.00 -14.56 45.04
C TYR C 173 -15.13 -15.25 46.09
N PRO C 174 -15.68 -15.52 47.28
CA PRO C 174 -14.86 -16.09 48.35
C PRO C 174 -14.39 -17.50 48.05
N ALA C 175 -13.13 -17.76 48.37
CA ALA C 175 -12.62 -19.12 48.30
C ALA C 175 -13.27 -19.96 49.39
N GLY C 176 -13.24 -21.28 49.18
CA GLY C 176 -13.72 -22.22 50.16
C GLY C 176 -15.11 -22.77 49.94
N TYR C 177 -15.79 -22.36 48.87
CA TYR C 177 -17.17 -22.74 48.63
C TYR C 177 -17.34 -23.30 47.22
N PHE C 178 -18.13 -24.36 47.09
CA PHE C 178 -18.68 -24.71 45.79
C PHE C 178 -19.41 -23.49 45.23
N ALA C 179 -19.15 -23.19 43.95
CA ALA C 179 -19.74 -22.00 43.35
C ALA C 179 -21.26 -22.04 43.40
N ARG C 180 -21.86 -23.22 43.25
CA ARG C 180 -23.32 -23.33 43.23
C ARG C 180 -23.95 -23.00 44.57
N ASN C 181 -23.17 -22.98 45.65
CA ASN C 181 -23.70 -22.66 46.96
C ASN C 181 -23.79 -21.16 47.24
N ILE C 182 -23.20 -20.34 46.38
CA ILE C 182 -23.15 -18.90 46.57
C ILE C 182 -24.35 -18.28 45.86
N LYS C 183 -25.28 -17.72 46.63
CA LYS C 183 -26.35 -16.96 46.01
C LYS C 183 -25.81 -15.61 45.56
N ALA C 184 -26.11 -15.23 44.32
CA ALA C 184 -25.62 -13.99 43.77
C ALA C 184 -26.79 -13.14 43.30
N GLN C 185 -26.55 -11.83 43.17
CA GLN C 185 -27.52 -10.95 42.55
C GLN C 185 -26.78 -9.89 41.76
N ALA C 186 -27.06 -9.80 40.46
CA ALA C 186 -26.30 -8.97 39.55
C ALA C 186 -27.12 -7.76 39.12
N SER C 187 -26.42 -6.70 38.76
CA SER C 187 -27.00 -5.55 38.09
C SER C 187 -26.00 -5.02 37.08
N VAL C 188 -26.51 -4.34 36.06
CA VAL C 188 -25.66 -3.75 35.03
C VAL C 188 -26.26 -2.42 34.58
N THR C 189 -25.40 -1.42 34.42
CA THR C 189 -25.78 -0.15 33.82
C THR C 189 -25.30 -0.15 32.37
N LEU C 190 -26.23 0.03 31.45
CA LEU C 190 -26.01 -0.09 30.02
C LEU C 190 -25.78 1.28 29.41
N PRO C 191 -25.14 1.33 28.24
CA PRO C 191 -25.17 2.57 27.45
C PRO C 191 -26.61 3.02 27.24
N ALA C 192 -26.80 4.33 27.20
CA ALA C 192 -28.15 4.92 27.24
C ALA C 192 -29.03 4.34 26.14
N GLY C 193 -30.18 3.81 26.53
CA GLY C 193 -31.19 3.33 25.60
C GLY C 193 -30.94 1.97 24.98
N TRP C 194 -29.84 1.30 25.32
CA TRP C 194 -29.54 0.02 24.68
C TRP C 194 -30.50 -1.07 25.14
N SER C 195 -30.79 -1.99 24.23
CA SER C 195 -31.49 -3.23 24.54
C SER C 195 -30.49 -4.28 25.02
N TYR C 196 -31.00 -5.31 25.67
CA TYR C 196 -30.14 -6.36 26.20
C TYR C 196 -30.87 -7.68 26.14
N ALA C 197 -30.11 -8.77 26.22
CA ALA C 197 -30.69 -10.10 26.26
C ALA C 197 -29.79 -11.04 27.05
N THR C 198 -30.40 -11.89 27.86
CA THR C 198 -29.72 -12.84 28.71
C THR C 198 -30.77 -13.84 29.22
N ALA C 199 -30.31 -15.05 29.53
CA ALA C 199 -31.19 -16.05 30.13
C ALA C 199 -31.53 -15.70 31.58
N MET C 200 -30.71 -14.86 32.22
CA MET C 200 -30.94 -14.47 33.61
C MET C 200 -32.14 -13.55 33.71
N GLU C 201 -33.02 -13.81 34.67
CA GLU C 201 -34.28 -13.09 34.75
C GLU C 201 -34.08 -11.71 35.34
N THR C 202 -34.71 -10.71 34.72
CA THR C 202 -34.66 -9.33 35.18
C THR C 202 -35.66 -9.08 36.30
N GLU C 203 -35.22 -8.35 37.33
CA GLU C 203 -36.13 -7.88 38.37
C GLU C 203 -36.78 -6.56 37.97
N ARG C 204 -35.96 -5.58 37.55
CA ARG C 204 -36.48 -4.30 37.08
C ARG C 204 -35.40 -3.59 36.30
N ARG C 205 -35.82 -2.71 35.38
CA ARG C 205 -34.93 -1.77 34.72
C ARG C 205 -35.35 -0.35 35.12
N VAL C 206 -34.41 0.38 35.71
CA VAL C 206 -34.63 1.77 36.10
C VAL C 206 -33.70 2.63 35.27
N GLY C 207 -34.26 3.36 34.32
CA GLY C 207 -33.43 4.07 33.36
C GLY C 207 -32.65 3.06 32.56
N ASP C 208 -31.33 3.08 32.70
CA ASP C 208 -30.45 2.15 32.00
C ASP C 208 -29.76 1.18 32.95
N THR C 209 -30.22 1.08 34.19
CA THR C 209 -29.66 0.15 35.16
C THR C 209 -30.60 -1.02 35.33
N VAL C 210 -30.15 -2.21 34.96
CA VAL C 210 -30.94 -3.43 35.02
C VAL C 210 -30.54 -4.17 36.30
N THR C 211 -31.52 -4.45 37.14
CA THR C 211 -31.33 -5.29 38.32
C THR C 211 -31.92 -6.66 38.03
N PHE C 212 -31.10 -7.70 38.19
CA PHE C 212 -31.56 -9.06 37.96
C PHE C 212 -32.03 -9.72 39.25
N LYS C 213 -32.89 -10.72 39.10
CA LYS C 213 -33.31 -11.52 40.24
C LYS C 213 -32.13 -12.35 40.76
N PRO C 214 -32.14 -12.71 42.04
CA PRO C 214 -31.05 -13.53 42.57
C PRO C 214 -30.91 -14.83 41.79
N ILE C 215 -29.67 -15.31 41.71
CA ILE C 215 -29.35 -16.53 40.96
C ILE C 215 -28.10 -17.13 41.57
N ASP C 216 -27.96 -18.45 41.49
CA ASP C 216 -26.76 -19.10 41.99
C ASP C 216 -25.55 -18.63 41.20
N PHE C 217 -24.41 -18.50 41.89
CA PHE C 217 -23.24 -17.87 41.27
C PHE C 217 -22.74 -18.64 40.07
N ASP C 218 -22.85 -19.97 40.06
CA ASP C 218 -22.42 -20.72 38.88
C ASP C 218 -23.31 -20.39 37.68
N ASP C 219 -24.62 -20.29 37.91
CA ASP C 219 -25.52 -19.87 36.83
C ASP C 219 -25.31 -18.42 36.41
N LEU C 220 -24.91 -17.55 37.34
CA LEU C 220 -24.59 -16.18 36.97
C LEU C 220 -23.48 -16.16 35.93
N VAL C 221 -22.38 -16.86 36.22
CA VAL C 221 -21.29 -16.95 35.24
C VAL C 221 -21.80 -17.57 33.94
N ASP C 222 -22.77 -18.47 34.03
CA ASP C 222 -23.29 -19.15 32.85
C ASP C 222 -24.41 -18.37 32.15
N SER C 223 -24.65 -17.12 32.54
CA SER C 223 -25.73 -16.30 31.99
C SER C 223 -25.20 -15.00 31.40
N PRO C 224 -24.40 -15.07 30.34
CA PRO C 224 -23.86 -13.84 29.74
C PRO C 224 -24.97 -12.97 29.18
N MET C 225 -24.61 -11.72 28.89
CA MET C 225 -25.56 -10.76 28.33
C MET C 225 -24.95 -10.16 27.08
N PHE C 226 -25.76 -10.07 26.02
CA PHE C 226 -25.49 -9.20 24.90
C PHE C 226 -26.33 -7.95 25.04
N ALA C 227 -25.80 -6.82 24.59
CA ALA C 227 -26.55 -5.58 24.56
C ALA C 227 -26.13 -4.79 23.34
N GLY C 228 -27.03 -3.95 22.84
CA GLY C 228 -26.73 -3.17 21.65
C GLY C 228 -27.90 -2.31 21.25
N LYS C 229 -27.64 -1.41 20.31
CA LYS C 229 -28.67 -0.48 19.84
C LYS C 229 -29.48 -1.02 18.67
N TYR C 230 -28.99 -2.04 17.96
CA TYR C 230 -29.71 -2.62 16.83
C TYR C 230 -30.05 -4.07 17.18
N TYR C 231 -31.30 -4.29 17.60
CA TYR C 231 -31.69 -5.54 18.25
C TYR C 231 -33.01 -6.04 17.67
N LYS C 232 -33.08 -7.36 17.45
CA LYS C 232 -34.31 -8.02 17.05
C LYS C 232 -34.48 -9.30 17.84
N ARG C 233 -35.65 -9.48 18.42
CA ARG C 233 -35.99 -10.67 19.20
C ARG C 233 -37.01 -11.50 18.42
N VAL C 234 -36.70 -12.78 18.21
CA VAL C 234 -37.51 -13.66 17.40
C VAL C 234 -37.82 -14.92 18.19
N GLU C 235 -39.11 -15.25 18.30
CA GLU C 235 -39.50 -16.49 18.95
C GLU C 235 -39.24 -17.67 18.03
N LEU C 236 -38.50 -18.66 18.51
CA LEU C 236 -38.24 -19.87 17.75
C LEU C 236 -39.12 -21.03 18.18
N SER C 237 -39.57 -21.03 19.43
CA SER C 237 -40.45 -22.08 19.94
C SER C 237 -41.28 -21.50 21.07
N ALA C 238 -42.59 -21.70 20.99
CA ALA C 238 -43.51 -21.37 22.07
C ALA C 238 -43.58 -22.54 23.04
N GLY C 239 -44.44 -22.40 24.04
CA GLY C 239 -44.67 -23.46 24.99
C GLY C 239 -44.14 -23.11 26.36
N LYS C 240 -44.05 -24.14 27.20
CA LYS C 240 -43.61 -24.01 28.57
C LYS C 240 -42.10 -23.84 28.70
N GLN C 241 -41.35 -24.26 27.69
CA GLN C 241 -39.89 -24.14 27.68
C GLN C 241 -39.49 -23.41 26.41
N PRO C 242 -39.82 -22.13 26.29
CA PRO C 242 -39.68 -21.43 25.01
C PRO C 242 -38.23 -21.14 24.67
N VAL C 243 -38.00 -20.95 23.37
CA VAL C 243 -36.68 -20.68 22.81
C VAL C 243 -36.78 -19.43 21.96
N TYR C 244 -35.84 -18.50 22.17
CA TYR C 244 -35.85 -17.22 21.46
C TYR C 244 -34.49 -16.99 20.82
N LEU C 245 -34.50 -16.21 19.74
CA LEU C 245 -33.29 -15.79 19.06
C LEU C 245 -33.14 -14.29 19.25
N ASN C 246 -32.03 -13.87 19.85
CA ASN C 246 -31.75 -12.47 20.14
C ASN C 246 -30.59 -12.01 19.26
N VAL C 247 -30.87 -11.14 18.30
CA VAL C 247 -29.90 -10.75 17.29
C VAL C 247 -29.51 -9.29 17.53
N PHE C 248 -28.21 -9.05 17.63
CA PHE C 248 -27.64 -7.71 17.69
C PHE C 248 -26.70 -7.55 16.49
N ALA C 249 -26.68 -6.35 15.91
CA ALA C 249 -25.91 -6.16 14.68
C ALA C 249 -25.19 -4.81 14.71
N ASP C 250 -24.11 -4.74 13.93
CA ASP C 250 -23.43 -3.45 13.71
C ASP C 250 -24.37 -2.46 13.06
N GLU C 251 -25.22 -2.93 12.15
CA GLU C 251 -26.18 -2.10 11.43
C GLU C 251 -27.51 -2.82 11.38
N ALA C 252 -28.61 -2.05 11.51
CA ALA C 252 -29.94 -2.64 11.63
C ALA C 252 -30.32 -3.47 10.40
N LYS C 253 -29.79 -3.13 9.22
CA LYS C 253 -30.16 -3.85 8.01
C LYS C 253 -29.80 -5.33 8.09
N SER C 254 -28.81 -5.70 8.91
CA SER C 254 -28.44 -7.11 9.03
C SER C 254 -29.48 -7.93 9.76
N LEU C 255 -30.44 -7.30 10.43
CA LEU C 255 -31.46 -8.01 11.20
C LEU C 255 -32.61 -8.50 10.34
N ASP C 256 -32.59 -8.24 9.03
CA ASP C 256 -33.73 -8.52 8.17
C ASP C 256 -33.74 -10.00 7.79
N ALA C 257 -34.00 -10.84 8.78
CA ALA C 257 -34.12 -12.27 8.55
C ALA C 257 -35.41 -12.57 7.78
N LYS C 258 -35.28 -13.37 6.72
CA LYS C 258 -36.43 -13.75 5.90
C LYS C 258 -37.17 -14.90 6.57
N PRO C 259 -38.45 -15.07 6.25
CA PRO C 259 -39.24 -16.11 6.94
C PRO C 259 -38.64 -17.51 6.83
N GLU C 260 -38.14 -17.89 5.65
CA GLU C 260 -37.56 -19.23 5.51
C GLU C 260 -36.28 -19.36 6.32
N GLN C 261 -35.56 -18.26 6.53
CA GLN C 261 -34.34 -18.32 7.33
C GLN C 261 -34.68 -18.47 8.81
N ILE C 262 -35.68 -17.73 9.29
CA ILE C 262 -36.16 -17.93 10.66
C ILE C 262 -36.67 -19.35 10.83
N LYS C 263 -37.35 -19.88 9.80
CA LYS C 263 -37.90 -21.23 9.86
C LYS C 263 -36.81 -22.26 10.08
N ALA C 264 -35.64 -22.07 9.46
CA ALA C 264 -34.55 -23.03 9.65
C ALA C 264 -34.08 -23.07 11.09
N HIS C 265 -34.07 -21.91 11.76
CA HIS C 265 -33.70 -21.89 13.17
C HIS C 265 -34.79 -22.49 14.04
N ALA C 266 -36.07 -22.23 13.69
CA ALA C 266 -37.16 -22.90 14.39
C ALA C 266 -37.11 -24.40 14.17
N ALA C 267 -36.73 -24.81 12.96
CA ALA C 267 -36.60 -26.24 12.66
C ALA C 267 -35.48 -26.88 13.46
N LEU C 268 -34.41 -26.14 13.72
CA LEU C 268 -33.34 -26.64 14.58
C LEU C 268 -33.88 -27.09 15.94
N VAL C 269 -34.72 -26.26 16.56
CA VAL C 269 -35.31 -26.62 17.85
C VAL C 269 -36.18 -27.86 17.70
N GLN C 270 -36.94 -27.94 16.61
CA GLN C 270 -37.81 -29.10 16.39
C GLN C 270 -36.99 -30.38 16.24
N GLN C 271 -35.89 -30.31 15.48
CA GLN C 271 -35.08 -31.50 15.27
C GLN C 271 -34.36 -31.94 16.55
N MET C 272 -33.96 -30.99 17.39
CA MET C 272 -33.39 -31.37 18.69
C MET C 272 -34.42 -32.06 19.57
N ASP C 273 -35.67 -31.60 19.55
CA ASP C 273 -36.72 -32.30 20.29
C ASP C 273 -36.84 -33.75 19.83
N LYS C 274 -36.83 -33.97 18.51
CA LYS C 274 -36.96 -35.32 17.98
C LYS C 274 -35.80 -36.20 18.42
N LEU C 275 -34.59 -35.64 18.45
CA LEU C 275 -33.42 -36.44 18.85
C LEU C 275 -33.46 -36.78 20.34
N TYR C 276 -33.67 -35.77 21.18
CA TYR C 276 -33.49 -35.93 22.61
C TYR C 276 -34.78 -36.19 23.37
N GLY C 277 -35.91 -35.66 22.90
CA GLY C 277 -37.16 -35.83 23.61
C GLY C 277 -37.25 -35.06 24.91
N ALA C 278 -36.32 -34.14 25.16
CA ALA C 278 -36.33 -33.34 26.37
C ALA C 278 -35.54 -32.06 26.12
N ARG C 279 -35.81 -31.05 26.93
CA ARG C 279 -35.10 -29.78 26.87
C ARG C 279 -34.55 -29.47 28.26
N HIS C 280 -33.25 -29.23 28.34
CA HIS C 280 -32.61 -29.01 29.63
C HIS C 280 -32.47 -27.52 29.90
N PHE C 281 -33.64 -26.89 30.08
CA PHE C 281 -33.78 -25.49 30.42
C PHE C 281 -35.25 -25.18 30.66
N ASP C 282 -35.54 -24.13 31.45
CA ASP C 282 -36.91 -23.63 31.51
C ASP C 282 -37.20 -22.66 30.37
N HIS C 283 -36.17 -22.05 29.81
CA HIS C 283 -36.26 -21.28 28.57
C HIS C 283 -34.84 -21.14 28.03
N TYR C 284 -34.72 -20.81 26.75
CA TYR C 284 -33.42 -20.72 26.12
C TYR C 284 -33.34 -19.44 25.29
N GLU C 285 -32.22 -18.73 25.44
CA GLU C 285 -32.01 -17.46 24.76
C GLU C 285 -30.75 -17.55 23.90
N PHE C 286 -30.92 -17.73 22.59
CA PHE C 286 -29.80 -17.56 21.67
C PHE C 286 -29.34 -16.11 21.70
N LEU C 287 -28.03 -15.90 21.84
CA LEU C 287 -27.45 -14.57 21.69
C LEU C 287 -26.58 -14.59 20.44
N LEU C 288 -26.93 -13.77 19.44
CA LEU C 288 -26.25 -13.77 18.16
C LEU C 288 -25.87 -12.35 17.78
N ALA C 289 -24.58 -12.12 17.60
CA ALA C 289 -24.05 -10.82 17.22
C ALA C 289 -23.57 -10.90 15.77
N LEU C 290 -24.19 -10.10 14.90
CA LEU C 290 -23.82 -10.02 13.49
C LEU C 290 -22.94 -8.79 13.31
N THR C 291 -21.64 -9.01 13.11
CA THR C 291 -20.70 -7.94 13.41
C THR C 291 -19.37 -8.19 12.73
N LYS C 292 -18.63 -7.11 12.50
CA LYS C 292 -17.21 -7.18 12.20
C LYS C 292 -16.37 -6.53 13.28
N LYS C 293 -16.98 -6.16 14.40
CA LYS C 293 -16.32 -5.42 15.46
C LYS C 293 -16.20 -6.23 16.75
N LEU C 294 -17.28 -6.88 17.18
CA LEU C 294 -17.18 -7.76 18.34
C LEU C 294 -16.29 -8.95 18.00
N GLY C 295 -15.50 -9.39 18.98
CA GLY C 295 -14.68 -10.56 18.76
C GLY C 295 -15.53 -11.79 18.53
N GLY C 296 -15.10 -12.64 17.59
CA GLY C 296 -15.85 -13.83 17.28
C GLY C 296 -16.03 -14.70 18.51
N ILE C 297 -17.17 -15.39 18.58
CA ILE C 297 -17.46 -16.22 19.75
C ILE C 297 -18.43 -17.31 19.38
N GLY C 298 -18.21 -18.49 19.97
CA GLY C 298 -19.19 -19.53 20.08
C GLY C 298 -19.02 -20.13 21.46
N LEU C 299 -19.92 -19.83 22.38
CA LEU C 299 -19.78 -20.30 23.77
C LEU C 299 -21.14 -20.75 24.26
N GLU C 300 -21.20 -22.01 24.69
CA GLU C 300 -22.43 -22.64 25.11
C GLU C 300 -22.75 -22.33 26.57
N HIS C 301 -24.04 -22.39 26.90
CA HIS C 301 -24.51 -22.31 28.27
C HIS C 301 -25.76 -23.17 28.40
N HIS C 302 -26.20 -23.34 29.65
CA HIS C 302 -27.39 -24.16 29.92
C HIS C 302 -28.61 -23.62 29.18
N ARG C 303 -28.88 -22.32 29.33
CA ARG C 303 -30.09 -21.70 28.83
C ARG C 303 -29.83 -20.61 27.80
N SER C 304 -28.64 -20.61 27.21
CA SER C 304 -28.27 -19.58 26.24
C SER C 304 -26.98 -20.03 25.55
N SER C 305 -26.63 -19.30 24.50
CA SER C 305 -25.31 -19.43 23.89
C SER C 305 -24.91 -18.07 23.32
N GLU C 306 -23.60 -17.82 23.34
CA GLU C 306 -23.03 -16.62 22.75
C GLU C 306 -22.50 -16.98 21.37
N ASN C 307 -23.00 -16.31 20.35
CA ASN C 307 -22.66 -16.65 18.98
C ASN C 307 -22.39 -15.37 18.19
N SER C 308 -21.44 -15.45 17.27
CA SER C 308 -21.18 -14.35 16.36
C SER C 308 -21.24 -14.86 14.94
N GLY C 309 -21.70 -13.99 14.05
CA GLY C 309 -21.64 -14.25 12.62
C GLY C 309 -21.34 -12.97 11.88
N ALA C 310 -21.11 -13.10 10.58
CA ALA C 310 -20.85 -11.93 9.77
C ALA C 310 -22.12 -11.10 9.62
N PRO C 311 -22.00 -9.81 9.31
CA PRO C 311 -23.20 -8.99 9.08
C PRO C 311 -24.14 -9.56 8.01
N ASN C 312 -23.64 -10.39 7.09
CA ASN C 312 -24.47 -10.96 6.03
C ASN C 312 -24.97 -12.36 6.37
N TYR C 313 -25.05 -12.69 7.66
CA TYR C 313 -25.57 -13.97 8.12
C TYR C 313 -26.92 -14.29 7.48
N PHE C 314 -27.82 -13.31 7.45
CA PHE C 314 -29.11 -13.47 6.80
C PHE C 314 -29.14 -12.89 5.40
N THR C 315 -28.56 -11.71 5.20
CA THR C 315 -28.74 -10.98 3.95
C THR C 315 -28.01 -11.62 2.77
N GLU C 316 -26.98 -12.44 3.02
CA GLU C 316 -26.32 -13.21 1.97
C GLU C 316 -26.24 -14.67 2.41
N TRP C 317 -27.42 -15.27 2.57
CA TRP C 317 -27.57 -16.61 3.13
C TRP C 317 -26.71 -17.65 2.40
N ASP C 318 -26.64 -17.55 1.07
CA ASP C 318 -25.90 -18.53 0.29
C ASP C 318 -24.40 -18.34 0.34
N LYS C 319 -23.92 -17.19 0.80
CA LYS C 319 -22.48 -16.95 0.92
C LYS C 319 -21.95 -17.20 2.33
N SER C 320 -22.81 -17.12 3.35
CA SER C 320 -22.38 -17.18 4.74
C SER C 320 -22.68 -18.52 5.37
N TRP C 321 -22.70 -19.59 4.57
CA TRP C 321 -23.26 -20.84 5.06
C TRP C 321 -22.27 -21.69 5.86
N THR C 322 -20.96 -21.59 5.56
CA THR C 322 -20.02 -22.52 6.18
C THR C 322 -19.99 -22.41 7.69
N GLY C 323 -20.36 -21.25 8.24
CA GLY C 323 -20.39 -21.04 9.67
C GLY C 323 -21.73 -21.21 10.32
N ARG C 324 -22.78 -21.55 9.56
CA ARG C 324 -24.13 -21.60 10.10
C ARG C 324 -24.42 -22.84 10.93
N ASP C 325 -23.47 -23.77 11.06
CA ASP C 325 -23.65 -24.83 12.05
C ASP C 325 -23.45 -24.30 13.47
N LEU C 326 -23.01 -23.05 13.62
CA LEU C 326 -22.63 -22.52 14.92
C LEU C 326 -23.75 -22.63 15.95
N LEU C 327 -24.93 -22.09 15.62
CA LEU C 327 -26.02 -22.13 16.60
C LEU C 327 -26.48 -23.55 16.87
N ALA C 328 -26.48 -24.41 15.86
CA ALA C 328 -26.80 -25.83 16.09
C ALA C 328 -25.78 -26.46 17.02
N HIS C 329 -24.50 -26.15 16.82
CA HIS C 329 -23.43 -26.67 17.67
C HIS C 329 -23.62 -26.24 19.11
N GLU C 330 -23.66 -24.94 19.37
CA GLU C 330 -23.72 -24.46 20.75
C GLU C 330 -25.03 -24.86 21.42
N PHE C 331 -26.13 -24.86 20.66
CA PHE C 331 -27.41 -25.33 21.21
C PHE C 331 -27.31 -26.77 21.68
N ASN C 332 -26.68 -27.64 20.88
CA ASN C 332 -26.54 -29.03 21.27
C ASN C 332 -25.81 -29.19 22.61
N HIS C 333 -24.90 -28.26 22.92
CA HIS C 333 -24.16 -28.35 24.18
C HIS C 333 -25.07 -28.21 25.39
N SER C 334 -26.23 -27.55 25.25
CA SER C 334 -27.17 -27.50 26.36
C SER C 334 -27.49 -28.90 26.87
N TRP C 335 -27.58 -29.86 25.95
CA TRP C 335 -27.65 -31.26 26.30
C TRP C 335 -26.26 -31.83 26.58
N ASN C 336 -25.36 -31.76 25.61
CA ASN C 336 -24.09 -32.47 25.64
C ASN C 336 -22.99 -31.50 26.03
N GLY C 337 -22.74 -31.40 27.33
CA GLY C 337 -21.68 -30.53 27.80
C GLY C 337 -22.09 -29.73 29.00
N LYS C 338 -23.23 -29.05 28.89
CA LYS C 338 -23.77 -28.30 30.01
C LYS C 338 -24.56 -29.23 30.94
N TYR C 339 -25.59 -29.89 30.42
CA TYR C 339 -26.37 -30.79 31.26
C TYR C 339 -25.58 -32.06 31.61
N ARG C 340 -25.15 -32.83 30.60
CA ARG C 340 -24.28 -33.97 30.84
C ARG C 340 -22.84 -33.52 30.65
N ARG C 341 -22.01 -33.77 31.65
CA ARG C 341 -20.63 -33.30 31.65
C ARG C 341 -19.74 -34.35 32.27
N GLY C 342 -18.53 -34.50 31.72
CA GLY C 342 -17.59 -35.44 32.31
C GLY C 342 -17.27 -35.09 33.75
N ALA C 343 -17.16 -36.12 34.59
CA ALA C 343 -16.96 -35.90 36.02
C ALA C 343 -15.67 -35.13 36.30
N ASP C 344 -14.62 -35.37 35.53
CA ASP C 344 -13.37 -34.65 35.76
C ASP C 344 -13.41 -33.23 35.22
N LEU C 345 -14.42 -32.90 34.40
CA LEU C 345 -14.62 -31.54 33.92
C LEU C 345 -15.56 -30.73 34.83
N ALA C 346 -16.44 -31.41 35.57
CA ALA C 346 -17.44 -30.75 36.40
C ALA C 346 -16.83 -30.38 37.76
N THR C 347 -16.06 -29.29 37.75
CA THR C 347 -15.30 -28.83 38.90
C THR C 347 -16.18 -28.06 39.88
N PRO C 348 -15.80 -28.00 41.16
CA PRO C 348 -16.67 -27.38 42.18
C PRO C 348 -16.65 -25.85 42.18
N ASN C 349 -15.57 -25.22 41.73
CA ASN C 349 -15.57 -23.77 41.52
C ASN C 349 -14.72 -23.48 40.29
N PHE C 350 -14.46 -22.19 40.04
CA PHE C 350 -13.75 -21.76 38.85
C PHE C 350 -12.24 -21.67 39.06
N ASN C 351 -11.71 -22.24 40.15
CA ASN C 351 -10.31 -22.00 40.45
C ASN C 351 -9.59 -23.28 40.86
N VAL C 352 -10.05 -24.41 40.35
CA VAL C 352 -9.32 -25.69 40.42
C VAL C 352 -9.28 -26.23 39.00
N PRO C 353 -8.27 -27.02 38.63
CA PRO C 353 -8.11 -27.38 37.22
C PRO C 353 -9.19 -28.35 36.73
N MET C 354 -9.52 -28.20 35.44
CA MET C 354 -10.49 -29.05 34.76
C MET C 354 -9.77 -30.19 34.05
N GLY C 355 -10.37 -31.38 34.11
CA GLY C 355 -9.89 -32.53 33.37
C GLY C 355 -10.70 -32.69 32.09
N ASP C 356 -10.00 -32.61 30.96
CA ASP C 356 -10.62 -32.56 29.63
C ASP C 356 -10.70 -33.92 28.94
N SER C 357 -10.45 -35.01 29.66
CA SER C 357 -10.27 -36.32 29.02
C SER C 357 -11.46 -36.73 28.16
N LEU C 358 -12.66 -36.26 28.48
CA LEU C 358 -13.86 -36.69 27.77
C LEU C 358 -14.36 -35.65 26.78
N LEU C 359 -13.47 -34.75 26.31
CA LEU C 359 -13.91 -33.74 25.36
C LEU C 359 -14.24 -34.33 23.99
N TRP C 360 -13.77 -35.55 23.68
CA TRP C 360 -14.21 -36.13 22.42
C TRP C 360 -15.68 -36.51 22.43
N LEU C 361 -16.34 -36.52 23.59
CA LEU C 361 -17.80 -36.57 23.64
C LEU C 361 -18.39 -35.15 23.70
N TYR C 362 -18.01 -34.39 24.73
CA TYR C 362 -18.45 -33.01 24.91
C TYR C 362 -18.43 -32.22 23.61
N GLU C 363 -17.25 -32.08 23.02
CA GLU C 363 -17.11 -31.34 21.77
C GLU C 363 -17.23 -32.24 20.54
N GLY C 364 -16.67 -33.45 20.60
CA GLY C 364 -16.64 -34.31 19.44
C GLY C 364 -18.03 -34.68 18.94
N GLN C 365 -18.89 -35.15 19.83
CA GLN C 365 -20.23 -35.50 19.36
C GLN C 365 -21.06 -34.26 19.09
N THR C 366 -20.75 -33.13 19.74
CA THR C 366 -21.45 -31.88 19.40
C THR C 366 -21.03 -31.38 18.03
N GLN C 367 -19.74 -31.47 17.69
CA GLN C 367 -19.33 -31.14 16.33
C GLN C 367 -20.11 -31.98 15.32
N PHE C 368 -20.27 -33.28 15.63
CA PHE C 368 -21.06 -34.18 14.79
C PHE C 368 -22.51 -33.71 14.65
N TRP C 369 -23.18 -33.46 15.78
CA TRP C 369 -24.60 -33.07 15.73
C TRP C 369 -24.79 -31.68 15.15
N GLY C 370 -23.84 -30.77 15.36
CA GLY C 370 -23.95 -29.45 14.76
C GLY C 370 -24.08 -29.50 13.25
N GLU C 371 -23.28 -30.35 12.61
CA GLU C 371 -23.35 -30.48 11.16
C GLU C 371 -24.58 -31.27 10.73
N VAL C 372 -24.87 -32.38 11.43
CA VAL C 372 -26.06 -33.16 11.10
C VAL C 372 -27.32 -32.34 11.26
N MET C 373 -27.43 -31.60 12.37
CA MET C 373 -28.63 -30.82 12.62
C MET C 373 -28.75 -29.64 11.67
N SER C 374 -27.63 -29.13 11.17
CA SER C 374 -27.70 -28.10 10.13
C SER C 374 -28.41 -28.64 8.90
N ALA C 375 -28.12 -29.88 8.51
CA ALA C 375 -28.80 -30.49 7.36
C ALA C 375 -30.24 -30.83 7.68
N ARG C 376 -30.49 -31.40 8.87
CA ARG C 376 -31.85 -31.78 9.23
C ARG C 376 -32.77 -30.58 9.33
N SER C 377 -32.23 -29.41 9.71
CA SER C 377 -33.03 -28.22 9.94
C SER C 377 -33.13 -27.31 8.73
N GLY C 378 -32.31 -27.51 7.72
CA GLY C 378 -32.28 -26.62 6.59
C GLY C 378 -31.35 -25.45 6.73
N LEU C 379 -30.59 -25.36 7.83
CA LEU C 379 -29.53 -24.37 7.91
C LEU C 379 -28.48 -24.59 6.83
N TRP C 380 -28.22 -25.85 6.48
CA TRP C 380 -27.38 -26.23 5.36
C TRP C 380 -28.20 -27.04 4.37
N THR C 381 -27.83 -26.98 3.10
CA THR C 381 -28.39 -27.96 2.17
C THR C 381 -27.70 -29.30 2.37
N GLN C 382 -28.35 -30.36 1.86
CA GLN C 382 -27.77 -31.69 1.98
C GLN C 382 -26.44 -31.80 1.25
N GLU C 383 -26.32 -31.12 0.10
CA GLU C 383 -25.07 -31.11 -0.65
C GLU C 383 -23.97 -30.40 0.13
N GLN C 384 -24.32 -29.29 0.78
CA GLN C 384 -23.38 -28.55 1.59
C GLN C 384 -22.88 -29.40 2.76
N ALA C 385 -23.80 -30.07 3.47
CA ALA C 385 -23.39 -30.90 4.61
C ALA C 385 -22.52 -32.05 4.16
N ARG C 386 -22.79 -32.62 2.98
CA ARG C 386 -22.03 -33.76 2.50
C ARG C 386 -20.61 -33.37 2.13
N ASP C 387 -20.44 -32.24 1.44
CA ASP C 387 -19.09 -31.79 1.10
C ASP C 387 -18.33 -31.34 2.34
N MET C 388 -19.03 -30.80 3.35
CA MET C 388 -18.36 -30.51 4.61
C MET C 388 -17.85 -31.80 5.25
N LEU C 389 -18.69 -32.83 5.28
CA LEU C 389 -18.26 -34.12 5.84
C LEU C 389 -17.10 -34.70 5.04
N ALA C 390 -17.13 -34.55 3.71
CA ALA C 390 -16.01 -34.99 2.89
C ALA C 390 -14.71 -34.29 3.30
N GLY C 391 -14.79 -33.00 3.61
CA GLY C 391 -13.61 -32.28 4.05
C GLY C 391 -13.08 -32.79 5.37
N VAL C 392 -13.97 -33.15 6.29
CA VAL C 392 -13.53 -33.71 7.57
C VAL C 392 -12.84 -35.05 7.35
N ALA C 393 -13.43 -35.92 6.52
CA ALA C 393 -12.85 -37.23 6.27
C ALA C 393 -11.46 -37.10 5.64
N ALA C 394 -11.31 -36.17 4.69
CA ALA C 394 -10.00 -35.97 4.08
C ALA C 394 -9.00 -35.46 5.11
N GLN C 395 -9.47 -34.61 6.04
CA GLN C 395 -8.57 -34.10 7.08
C GLN C 395 -7.90 -35.24 7.84
N TYR C 396 -8.64 -36.31 8.12
CA TYR C 396 -8.03 -37.41 8.86
C TYR C 396 -7.45 -38.51 7.97
N GLU C 397 -7.89 -38.60 6.71
CA GLU C 397 -7.24 -39.56 5.82
C GLU C 397 -5.87 -39.06 5.34
N ARG C 398 -5.78 -37.79 4.94
CA ARG C 398 -4.54 -37.25 4.37
C ARG C 398 -4.07 -35.95 5.01
N GLY C 399 -4.93 -35.23 5.72
CA GLY C 399 -4.57 -33.93 6.24
C GLY C 399 -4.05 -33.92 7.67
N ARG C 400 -3.81 -35.08 8.26
CA ARG C 400 -3.35 -35.16 9.65
C ARG C 400 -2.21 -36.17 9.77
N PRO C 401 -1.07 -35.90 9.14
CA PRO C 401 0.09 -36.80 9.30
C PRO C 401 0.57 -36.90 10.74
N GLY C 402 0.22 -35.93 11.60
CA GLY C 402 0.58 -36.03 13.00
C GLY C 402 -0.09 -37.18 13.74
N MET C 403 -1.13 -37.77 13.15
CA MET C 403 -1.77 -38.93 13.77
C MET C 403 -0.83 -40.14 13.85
N ALA C 404 0.27 -40.12 13.09
CA ALA C 404 1.23 -41.22 13.14
C ALA C 404 1.89 -41.32 14.52
N TRP C 405 1.96 -40.20 15.25
CA TRP C 405 2.62 -40.18 16.55
C TRP C 405 1.75 -39.70 17.70
N ARG C 406 0.67 -38.96 17.43
CA ARG C 406 -0.17 -38.40 18.47
C ARG C 406 -1.59 -38.95 18.35
N THR C 407 -2.21 -39.25 19.49
CA THR C 407 -3.57 -39.76 19.50
C THR C 407 -4.57 -38.62 19.61
N VAL C 408 -5.80 -38.88 19.16
CA VAL C 408 -6.86 -37.88 19.35
C VAL C 408 -7.09 -37.64 20.84
N GLN C 409 -7.00 -38.70 21.65
CA GLN C 409 -7.17 -38.54 23.08
C GLN C 409 -6.19 -37.51 23.65
N ASP C 410 -4.94 -37.54 23.19
CA ASP C 410 -3.97 -36.58 23.71
C ASP C 410 -4.32 -35.14 23.34
N THR C 411 -5.06 -34.93 22.25
CA THR C 411 -5.42 -33.56 21.88
C THR C 411 -6.44 -32.94 22.82
N THR C 412 -7.08 -33.72 23.69
CA THR C 412 -7.92 -33.08 24.69
C THR C 412 -7.10 -32.22 25.66
N ASN C 413 -5.78 -32.33 25.62
CA ASN C 413 -4.91 -31.47 26.40
C ASN C 413 -4.52 -30.19 25.68
N ASP C 414 -4.89 -30.05 24.40
CA ASP C 414 -4.55 -28.83 23.67
C ASP C 414 -5.11 -27.54 24.25
N PRO C 415 -6.32 -27.49 24.83
CA PRO C 415 -6.78 -26.22 25.42
C PRO C 415 -5.79 -25.65 26.42
N THR C 416 -5.28 -26.48 27.34
CA THR C 416 -4.33 -26.02 28.34
C THR C 416 -2.90 -25.90 27.78
N MET C 417 -2.53 -26.78 26.84
CA MET C 417 -1.20 -26.70 26.23
C MET C 417 -1.02 -25.44 25.40
N SER C 418 -2.03 -25.10 24.58
CA SER C 418 -1.86 -24.07 23.57
C SER C 418 -2.70 -22.83 23.78
N MET C 419 -3.85 -22.93 24.45
CA MET C 419 -4.75 -21.79 24.62
C MET C 419 -5.08 -21.16 23.27
N ARG C 420 -5.11 -21.99 22.22
CA ARG C 420 -5.38 -21.56 20.85
C ARG C 420 -4.40 -20.50 20.34
N ARG C 421 -3.18 -20.51 20.88
CA ARG C 421 -2.11 -19.68 20.33
C ARG C 421 -1.63 -20.25 19.00
N PRO C 422 -0.95 -19.45 18.17
CA PRO C 422 -0.54 -19.94 16.84
C PRO C 422 0.37 -21.15 16.91
N LYS C 423 0.12 -22.12 16.02
CA LYS C 423 1.04 -23.25 15.87
C LYS C 423 1.42 -23.43 14.40
N ALA C 424 2.65 -23.89 14.21
CA ALA C 424 3.24 -23.97 12.87
C ALA C 424 2.57 -25.03 12.01
N TYR C 425 2.28 -26.21 12.59
CA TYR C 425 1.73 -27.33 11.83
C TYR C 425 0.54 -27.91 12.58
N ARG C 426 -0.64 -27.31 12.42
CA ARG C 426 -1.82 -27.95 13.00
C ARG C 426 -1.97 -29.38 12.49
N ASN C 427 -1.50 -29.64 11.26
CA ASN C 427 -1.64 -30.95 10.66
C ASN C 427 -0.65 -31.97 11.22
N TYR C 428 0.42 -31.53 11.88
CA TYR C 428 1.39 -32.46 12.46
C TYR C 428 1.46 -32.40 13.97
N GLN C 429 1.41 -31.20 14.57
CA GLN C 429 1.26 -31.12 16.02
C GLN C 429 -0.11 -31.60 16.46
N MET C 430 -1.08 -31.62 15.54
CA MET C 430 -2.50 -31.85 15.83
C MET C 430 -3.06 -30.61 16.50
N SER C 431 -4.39 -30.48 16.53
CA SER C 431 -4.97 -29.25 17.07
C SER C 431 -6.44 -29.54 17.43
N GLU C 432 -6.67 -29.92 18.69
CA GLU C 432 -8.01 -30.12 19.22
C GLU C 432 -8.84 -31.04 18.32
N ASP C 433 -8.20 -32.12 17.87
CA ASP C 433 -8.87 -33.06 16.98
C ASP C 433 -9.95 -33.87 17.67
N TYR C 434 -10.09 -33.75 18.99
CA TYR C 434 -11.27 -34.31 19.64
C TYR C 434 -12.56 -33.71 19.09
N TYR C 435 -12.47 -32.56 18.40
CA TYR C 435 -13.62 -32.04 17.66
C TYR C 435 -13.92 -32.90 16.44
N SER C 436 -13.14 -32.72 15.37
CA SER C 436 -13.47 -33.30 14.07
C SER C 436 -13.07 -34.76 13.99
N GLY C 437 -11.96 -35.15 14.62
CA GLY C 437 -11.66 -36.56 14.75
C GLY C 437 -12.69 -37.28 15.59
N GLY C 438 -13.12 -36.65 16.69
CA GLY C 438 -14.22 -37.20 17.47
C GLY C 438 -15.49 -37.32 16.64
N GLN C 439 -15.80 -36.30 15.85
CA GLN C 439 -16.95 -36.35 14.95
C GLN C 439 -16.89 -37.59 14.06
N MET C 440 -15.72 -37.86 13.47
CA MET C 440 -15.60 -39.04 12.61
C MET C 440 -15.81 -40.32 13.41
N MET C 441 -15.29 -40.38 14.64
CA MET C 441 -15.55 -41.56 15.47
C MET C 441 -17.04 -41.73 15.71
N TRP C 442 -17.75 -40.64 16.02
CA TRP C 442 -19.18 -40.74 16.27
C TRP C 442 -19.95 -41.14 15.02
N LEU C 443 -19.48 -40.73 13.83
CA LEU C 443 -20.08 -41.24 12.59
C LEU C 443 -19.91 -42.76 12.50
N GLU C 444 -18.72 -43.27 12.86
CA GLU C 444 -18.52 -44.72 12.82
C GLU C 444 -19.35 -45.42 13.88
N VAL C 445 -19.51 -44.80 15.06
CA VAL C 445 -20.40 -45.36 16.09
C VAL C 445 -21.81 -45.50 15.54
N ASP C 446 -22.31 -44.45 14.87
CA ASP C 446 -23.62 -44.54 14.22
C ASP C 446 -23.66 -45.70 13.23
N SER C 447 -22.63 -45.82 12.39
CA SER C 447 -22.62 -46.89 11.39
C SER C 447 -22.57 -48.26 12.06
N LYS C 448 -21.85 -48.37 13.18
CA LYS C 448 -21.75 -49.64 13.88
C LYS C 448 -23.07 -50.00 14.57
N LEU C 449 -23.73 -49.01 15.19
CA LEU C 449 -25.04 -49.25 15.77
C LEU C 449 -26.04 -49.74 14.72
N ARG C 450 -26.02 -49.14 13.53
CA ARG C 450 -26.90 -49.58 12.46
C ARG C 450 -26.55 -51.01 12.02
N ALA C 451 -25.26 -51.30 11.87
CA ALA C 451 -24.85 -52.62 11.41
C ALA C 451 -25.20 -53.71 12.41
N LEU C 452 -25.04 -53.42 13.71
CA LEU C 452 -25.35 -54.42 14.73
C LEU C 452 -26.84 -54.71 14.83
N THR C 453 -27.70 -53.79 14.37
CA THR C 453 -29.14 -53.90 14.58
C THR C 453 -29.92 -53.89 13.27
N ASN C 454 -29.26 -54.10 12.14
CA ASN C 454 -29.91 -54.07 10.82
C ASN C 454 -30.65 -52.74 10.64
N ASN C 455 -30.00 -51.64 11.04
CA ASN C 455 -30.49 -50.27 10.89
C ASN C 455 -31.70 -49.97 11.77
N LYS C 456 -31.99 -50.80 12.76
CA LYS C 456 -33.08 -50.51 13.68
C LYS C 456 -32.68 -49.47 14.74
N ARG C 457 -31.39 -49.38 15.03
CA ARG C 457 -30.86 -48.41 15.97
C ARG C 457 -29.78 -47.58 15.28
N SER C 458 -29.56 -46.38 15.80
CA SER C 458 -28.56 -45.45 15.28
C SER C 458 -28.05 -44.61 16.44
N ILE C 459 -27.21 -43.63 16.13
CA ILE C 459 -26.70 -42.75 17.18
C ILE C 459 -27.81 -41.90 17.78
N ASP C 460 -28.91 -41.68 17.04
CA ASP C 460 -30.06 -40.98 17.61
C ASP C 460 -30.53 -41.64 18.89
N ASP C 461 -30.46 -42.98 18.96
CA ASP C 461 -30.88 -43.68 20.16
C ASP C 461 -29.92 -43.46 21.32
N PHE C 462 -28.62 -43.29 21.04
CA PHE C 462 -27.70 -42.91 22.11
C PHE C 462 -28.01 -41.50 22.61
N GLY C 463 -28.27 -40.57 21.69
CA GLY C 463 -28.58 -39.22 22.10
C GLY C 463 -29.76 -39.15 23.06
N LYS C 464 -30.85 -39.85 22.73
CA LYS C 464 -32.02 -39.86 23.61
C LYS C 464 -31.72 -40.55 24.94
N ALA C 465 -31.02 -41.68 24.91
CA ALA C 465 -30.78 -42.42 26.14
C ALA C 465 -29.81 -41.68 27.06
N PHE C 466 -28.79 -41.02 26.49
CA PHE C 466 -27.76 -40.41 27.31
C PHE C 466 -28.09 -39.00 27.77
N PHE C 467 -28.85 -38.24 26.97
CA PHE C 467 -29.15 -36.85 27.28
C PHE C 467 -30.64 -36.55 27.43
N GLY C 468 -31.52 -37.52 27.17
CA GLY C 468 -32.94 -37.25 27.12
C GLY C 468 -33.71 -37.41 28.42
N MET C 469 -33.04 -37.78 29.50
CA MET C 469 -33.71 -37.93 30.79
C MET C 469 -33.99 -36.57 31.42
N LYS C 470 -34.94 -36.56 32.35
CA LYS C 470 -35.16 -35.44 33.27
C LYS C 470 -35.37 -34.11 32.55
N ASN C 471 -36.44 -34.06 31.76
CA ASN C 471 -36.80 -32.84 31.05
C ASN C 471 -36.96 -31.68 32.03
N GLY C 472 -36.44 -30.52 31.64
CA GLY C 472 -36.52 -29.33 32.45
C GLY C 472 -35.38 -29.14 33.42
N ASP C 473 -34.63 -30.20 33.75
CA ASP C 473 -33.47 -30.07 34.63
C ASP C 473 -32.34 -29.39 33.87
N TRP C 474 -31.74 -28.37 34.50
CA TRP C 474 -30.52 -27.77 33.96
C TRP C 474 -29.44 -27.66 35.03
N ASP C 475 -29.42 -28.61 35.96
CA ASP C 475 -28.27 -28.87 36.81
C ASP C 475 -27.29 -29.79 36.07
N VAL C 476 -26.14 -30.04 36.68
CA VAL C 476 -25.10 -30.85 36.06
C VAL C 476 -25.36 -32.33 36.38
N ASN C 477 -25.37 -33.17 35.35
CA ASN C 477 -25.54 -34.61 35.48
C ASN C 477 -24.24 -35.26 35.01
N PRO C 478 -23.30 -35.56 35.91
CA PRO C 478 -21.96 -35.97 35.48
C PRO C 478 -21.96 -37.39 34.92
N TYR C 479 -20.90 -37.68 34.15
CA TYR C 479 -20.71 -39.02 33.62
C TYR C 479 -19.22 -39.34 33.59
N THR C 480 -18.93 -40.64 33.51
CA THR C 480 -17.58 -41.16 33.31
C THR C 480 -17.54 -41.91 31.98
N PHE C 481 -16.32 -42.33 31.61
CA PHE C 481 -16.15 -43.15 30.41
C PHE C 481 -17.04 -44.39 30.45
N ASP C 482 -17.07 -45.07 31.60
CA ASP C 482 -17.87 -46.28 31.73
C ASP C 482 -19.35 -46.01 31.50
N ASP C 483 -19.83 -44.81 31.87
CA ASP C 483 -21.23 -44.48 31.60
C ASP C 483 -21.51 -44.41 30.10
N ILE C 484 -20.56 -43.86 29.34
CA ILE C 484 -20.71 -43.82 27.88
C ILE C 484 -20.82 -45.23 27.33
N VAL C 485 -19.92 -46.12 27.75
CA VAL C 485 -19.91 -47.50 27.27
C VAL C 485 -21.25 -48.18 27.60
N SER C 486 -21.72 -48.02 28.83
N SER C 486 -21.70 -48.03 28.84
CA SER C 486 -22.93 -48.71 29.26
CA SER C 486 -22.93 -48.69 29.28
C SER C 486 -24.14 -48.26 28.46
C SER C 486 -24.12 -48.26 28.44
N THR C 487 -24.25 -46.95 28.18
CA THR C 487 -25.39 -46.47 27.42
C THR C 487 -25.34 -46.95 25.97
N LEU C 488 -24.14 -46.93 25.37
CA LEU C 488 -23.98 -47.49 24.03
C LEU C 488 -24.34 -48.97 24.02
N ASN C 489 -23.84 -49.73 24.99
CA ASN C 489 -24.15 -51.15 25.05
C ASN C 489 -25.64 -51.40 25.21
N GLY C 490 -26.34 -50.50 25.91
CA GLY C 490 -27.78 -50.64 26.06
C GLY C 490 -28.53 -50.43 24.76
N VAL C 491 -27.99 -49.62 23.85
CA VAL C 491 -28.60 -49.47 22.53
C VAL C 491 -28.34 -50.73 21.70
N ALA C 492 -27.10 -51.22 21.71
CA ALA C 492 -26.74 -52.44 21.00
C ALA C 492 -25.49 -53.03 21.64
N ALA C 493 -25.58 -54.29 22.03
CA ALA C 493 -24.48 -54.94 22.74
C ALA C 493 -23.25 -55.07 21.85
N PHE C 494 -22.08 -54.69 22.37
CA PHE C 494 -20.80 -54.68 21.67
C PHE C 494 -19.75 -54.19 22.67
N ASP C 495 -18.49 -54.53 22.38
CA ASP C 495 -17.37 -54.10 23.23
C ASP C 495 -17.06 -52.64 22.88
N TRP C 496 -17.92 -51.74 23.38
CA TRP C 496 -17.76 -50.33 23.07
C TRP C 496 -16.54 -49.73 23.74
N ALA C 497 -16.13 -50.26 24.89
CA ALA C 497 -14.93 -49.76 25.55
C ALA C 497 -13.70 -49.92 24.67
N SER C 498 -13.52 -51.11 24.09
CA SER C 498 -12.39 -51.32 23.20
C SER C 498 -12.53 -50.49 21.92
N PHE C 499 -13.75 -50.37 21.41
CA PHE C 499 -13.94 -49.58 20.19
C PHE C 499 -13.55 -48.12 20.41
N LEU C 500 -14.06 -47.50 21.48
CA LEU C 500 -13.74 -46.11 21.74
C LEU C 500 -12.25 -45.92 21.99
N ARG C 501 -11.65 -46.80 22.80
CA ARG C 501 -10.23 -46.67 23.12
C ARG C 501 -9.36 -46.85 21.87
N SER C 502 -9.67 -47.85 21.03
CA SER C 502 -8.84 -48.08 19.85
C SER C 502 -8.84 -46.88 18.92
N ARG C 503 -9.94 -46.13 18.86
CA ARG C 503 -9.99 -44.97 17.98
C ARG C 503 -9.35 -43.75 18.62
N MET C 504 -9.64 -43.51 19.90
CA MET C 504 -9.10 -42.32 20.55
C MET C 504 -7.65 -42.51 21.03
N ASP C 505 -7.25 -43.74 21.31
CA ASP C 505 -5.88 -44.03 21.73
C ASP C 505 -5.03 -44.61 20.60
N GLY C 506 -5.57 -44.69 19.40
CA GLY C 506 -4.88 -45.31 18.28
C GLY C 506 -4.29 -44.30 17.32
N HIS C 507 -3.64 -44.83 16.29
CA HIS C 507 -3.06 -44.04 15.21
C HIS C 507 -3.63 -44.40 13.85
N GLY C 508 -4.65 -45.26 13.79
CA GLY C 508 -5.19 -45.75 12.55
C GLY C 508 -6.36 -44.91 12.05
N SER C 509 -7.06 -45.46 11.06
CA SER C 509 -8.09 -44.71 10.35
C SER C 509 -9.27 -44.38 11.25
N LEU C 510 -9.78 -43.16 11.09
CA LEU C 510 -10.97 -42.71 11.78
C LEU C 510 -12.18 -42.58 10.87
N ILE C 511 -12.03 -42.85 9.58
CA ILE C 511 -13.06 -42.52 8.59
C ILE C 511 -13.91 -43.75 8.24
N GLY C 512 -13.83 -44.81 9.03
CA GLY C 512 -14.57 -46.04 8.72
C GLY C 512 -16.07 -45.87 8.64
N GLY C 513 -16.63 -44.86 9.31
CA GLY C 513 -18.06 -44.62 9.26
C GLY C 513 -18.57 -44.18 7.91
N ILE C 514 -17.70 -43.59 7.08
CA ILE C 514 -18.10 -43.19 5.73
C ILE C 514 -18.46 -44.42 4.92
N GLU C 515 -17.51 -45.37 4.82
CA GLU C 515 -17.77 -46.58 4.05
C GLU C 515 -18.90 -47.40 4.66
N ALA C 516 -18.90 -47.56 5.98
CA ALA C 516 -19.91 -48.40 6.63
C ALA C 516 -21.31 -47.86 6.41
N ASN C 517 -21.47 -46.55 6.26
CA ASN C 517 -22.78 -45.96 6.02
C ASN C 517 -23.07 -45.72 4.54
N GLY C 518 -22.28 -46.32 3.64
CA GLY C 518 -22.67 -46.43 2.25
C GLY C 518 -22.00 -45.48 1.27
N TRP C 519 -20.96 -44.76 1.69
CA TRP C 519 -20.31 -43.81 0.80
C TRP C 519 -18.79 -44.02 0.83
N LYS C 520 -18.11 -43.30 -0.06
CA LYS C 520 -16.66 -43.43 -0.23
C LYS C 520 -16.05 -42.05 -0.39
N LEU C 521 -14.96 -41.81 0.34
CA LEU C 521 -14.21 -40.57 0.20
C LEU C 521 -13.37 -40.63 -1.08
N VAL C 522 -13.58 -39.66 -1.98
CA VAL C 522 -12.83 -39.56 -3.22
C VAL C 522 -12.29 -38.14 -3.36
N TYR C 523 -11.34 -37.97 -4.28
CA TYR C 523 -10.75 -36.67 -4.60
C TYR C 523 -10.77 -36.47 -6.11
N ASN C 524 -11.08 -35.26 -6.54
CA ASN C 524 -11.08 -34.92 -7.97
C ASN C 524 -10.88 -33.42 -8.11
N ASP C 525 -10.95 -32.94 -9.35
CA ASP C 525 -10.71 -31.52 -9.58
C ASP C 525 -11.95 -30.66 -9.40
N GLU C 526 -13.07 -31.25 -9.02
CA GLU C 526 -14.27 -30.46 -8.72
C GLU C 526 -14.12 -29.78 -7.36
N PRO C 527 -14.29 -28.47 -7.26
CA PRO C 527 -14.10 -27.79 -5.97
C PRO C 527 -15.04 -28.34 -4.90
N ASN C 528 -14.53 -28.43 -3.69
CA ASN C 528 -15.37 -28.72 -2.54
C ASN C 528 -16.17 -27.48 -2.18
N LEU C 529 -17.48 -27.66 -1.95
CA LEU C 529 -18.36 -26.51 -1.73
C LEU C 529 -17.87 -25.63 -0.58
N ALA C 530 -17.40 -26.26 0.50
CA ALA C 530 -16.89 -25.48 1.64
C ALA C 530 -15.61 -24.75 1.26
N THR C 531 -14.66 -25.47 0.65
CA THR C 531 -13.41 -24.85 0.23
C THR C 531 -13.67 -23.72 -0.74
N LYS C 532 -14.55 -23.94 -1.71
CA LYS C 532 -14.89 -22.90 -2.68
C LYS C 532 -15.40 -21.65 -1.99
N THR C 533 -16.37 -21.81 -1.08
CA THR C 533 -16.92 -20.66 -0.37
C THR C 533 -15.87 -20.01 0.52
N ASP C 534 -15.05 -20.82 1.21
CA ASP C 534 -14.06 -20.28 2.12
C ASP C 534 -12.90 -19.61 1.39
N GLU C 535 -12.60 -20.05 0.15
CA GLU C 535 -11.53 -19.42 -0.61
C GLU C 535 -11.97 -18.07 -1.16
N SER C 536 -13.20 -18.01 -1.68
CA SER C 536 -13.67 -16.96 -2.57
C SER C 536 -13.79 -15.62 -1.84
N ASP C 537 -14.08 -14.58 -2.63
CA ASP C 537 -14.15 -13.19 -2.22
C ASP C 537 -12.75 -12.62 -1.90
N ASP C 538 -11.88 -13.40 -1.24
CA ASP C 538 -10.49 -13.00 -1.09
C ASP C 538 -9.58 -13.63 -2.14
N LYS C 539 -10.11 -14.54 -2.96
CA LYS C 539 -9.36 -15.19 -4.04
C LYS C 539 -8.18 -16.00 -3.51
N ASP C 540 -8.39 -16.75 -2.43
CA ASP C 540 -7.32 -17.57 -1.87
C ASP C 540 -7.23 -18.92 -2.59
N ALA C 541 -6.22 -19.71 -2.22
CA ALA C 541 -5.95 -20.99 -2.87
C ALA C 541 -5.68 -22.03 -1.80
N SER C 542 -6.64 -22.93 -1.59
CA SER C 542 -6.46 -24.09 -0.72
C SER C 542 -5.98 -25.26 -1.58
N LEU C 543 -4.74 -25.70 -1.36
CA LEU C 543 -4.09 -26.73 -2.18
C LEU C 543 -3.55 -27.87 -1.32
N THR C 544 -4.26 -28.19 -0.23
CA THR C 544 -3.72 -29.13 0.74
C THR C 544 -3.39 -30.48 0.13
N TYR C 545 -4.25 -30.98 -0.75
CA TYR C 545 -4.13 -32.34 -1.26
C TYR C 545 -3.45 -32.40 -2.63
N SER C 546 -2.97 -31.27 -3.15
CA SER C 546 -2.14 -31.28 -4.34
C SER C 546 -0.72 -30.85 -3.98
N LEU C 547 -0.47 -29.54 -3.84
CA LEU C 547 0.87 -29.08 -3.50
C LEU C 547 1.16 -29.12 -2.01
N GLY C 548 0.17 -29.43 -1.17
CA GLY C 548 0.42 -29.49 0.27
C GLY C 548 0.61 -28.16 0.93
N MET C 549 -0.15 -27.14 0.52
CA MET C 549 -0.09 -25.84 1.16
C MET C 549 -1.36 -25.07 0.84
N SER C 550 -1.56 -23.99 1.58
CA SER C 550 -2.59 -23.00 1.29
C SER C 550 -1.92 -21.64 1.15
N LEU C 551 -2.48 -20.80 0.30
CA LEU C 551 -1.92 -19.49 0.00
C LEU C 551 -3.00 -18.43 0.04
N LYS C 552 -2.61 -17.22 0.43
CA LYS C 552 -3.47 -16.07 0.24
C LYS C 552 -3.36 -15.59 -1.21
N ALA C 553 -4.31 -14.74 -1.61
CA ALA C 553 -4.27 -14.20 -2.97
C ALA C 553 -2.94 -13.49 -3.25
N SER C 554 -2.31 -12.94 -2.21
CA SER C 554 -1.02 -12.27 -2.34
C SER C 554 0.11 -13.22 -2.71
N GLY C 555 -0.07 -14.52 -2.58
CA GLY C 555 1.01 -15.46 -2.72
C GLY C 555 1.66 -15.87 -1.42
N ASP C 556 1.34 -15.19 -0.31
CA ASP C 556 1.85 -15.61 0.98
C ASP C 556 1.30 -16.99 1.34
N ILE C 557 2.19 -17.89 1.73
CA ILE C 557 1.77 -19.22 2.18
C ILE C 557 1.16 -19.10 3.57
N SER C 558 -0.05 -19.64 3.74
CA SER C 558 -0.77 -19.57 5.01
C SER C 558 -0.75 -20.89 5.79
N ASP C 559 -0.38 -21.99 5.15
CA ASP C 559 -0.31 -23.28 5.83
C ASP C 559 0.49 -24.22 4.95
N VAL C 560 1.23 -25.13 5.59
CA VAL C 560 2.04 -26.11 4.87
C VAL C 560 1.80 -27.47 5.50
N LEU C 561 1.44 -28.45 4.68
CA LEU C 561 1.19 -29.81 5.12
C LEU C 561 2.52 -30.54 5.34
N TRP C 562 2.71 -31.07 6.54
CA TRP C 562 3.90 -31.85 6.88
C TRP C 562 4.11 -32.98 5.87
N ASP C 563 5.35 -33.11 5.39
CA ASP C 563 5.80 -34.13 4.44
C ASP C 563 5.16 -34.01 3.07
N GLY C 564 4.45 -32.91 2.78
CA GLY C 564 3.89 -32.70 1.47
C GLY C 564 4.88 -32.07 0.52
N PRO C 565 4.43 -31.86 -0.74
CA PRO C 565 5.36 -31.32 -1.75
C PRO C 565 5.96 -29.97 -1.38
N ALA C 566 5.14 -29.02 -0.91
CA ALA C 566 5.68 -27.72 -0.50
C ALA C 566 6.64 -27.86 0.67
N PHE C 567 6.26 -28.67 1.67
CA PHE C 567 7.15 -28.95 2.79
C PHE C 567 8.49 -29.49 2.30
N ASN C 568 8.48 -30.39 1.31
CA ASN C 568 9.71 -31.01 0.84
C ASN C 568 10.58 -30.06 0.01
N ALA C 569 10.05 -28.90 -0.38
CA ALA C 569 10.87 -27.86 -0.99
C ALA C 569 11.40 -26.87 0.05
N GLY C 570 11.26 -27.18 1.34
CA GLY C 570 11.72 -26.29 2.39
C GLY C 570 10.81 -25.14 2.71
N LEU C 571 9.62 -25.08 2.10
CA LEU C 571 8.74 -23.94 2.26
C LEU C 571 8.08 -23.95 3.63
N ILE C 572 7.90 -22.75 4.19
CA ILE C 572 7.16 -22.59 5.43
C ILE C 572 6.15 -21.47 5.25
N THR C 573 5.10 -21.53 6.05
CA THR C 573 4.15 -20.45 6.18
C THR C 573 4.88 -19.12 6.39
N GLY C 574 4.48 -18.10 5.63
CA GLY C 574 5.14 -16.81 5.64
C GLY C 574 6.05 -16.56 4.45
N ASN C 575 6.62 -17.62 3.86
CA ASN C 575 7.25 -17.46 2.55
C ASN C 575 6.17 -17.06 1.53
N THR C 576 6.63 -16.54 0.40
CA THR C 576 5.72 -16.04 -0.62
C THR C 576 6.02 -16.71 -1.94
N ILE C 577 4.99 -17.24 -2.60
CA ILE C 577 5.14 -17.70 -3.98
C ILE C 577 4.98 -16.48 -4.86
N VAL C 578 6.09 -16.04 -5.48
CA VAL C 578 6.10 -14.82 -6.28
C VAL C 578 5.61 -15.09 -7.70
N ALA C 579 6.03 -16.22 -8.29
CA ALA C 579 5.65 -16.53 -9.66
C ALA C 579 5.54 -18.04 -9.81
N VAL C 580 4.76 -18.45 -10.82
CA VAL C 580 4.53 -19.85 -11.15
C VAL C 580 4.85 -20.03 -12.63
N ASN C 581 5.87 -20.83 -12.92
CA ASN C 581 6.37 -21.00 -14.28
C ASN C 581 6.67 -19.63 -14.91
N GLY C 582 7.19 -18.72 -14.10
CA GLY C 582 7.58 -17.40 -14.56
C GLY C 582 6.48 -16.36 -14.53
N ARG C 583 5.23 -16.74 -14.28
CA ARG C 583 4.11 -15.82 -14.30
C ARG C 583 3.76 -15.38 -12.87
N ALA C 584 3.54 -14.07 -12.70
CA ALA C 584 3.20 -13.52 -11.39
C ALA C 584 2.06 -14.31 -10.76
N PHE C 585 2.19 -14.57 -9.46
CA PHE C 585 1.27 -15.47 -8.79
C PHE C 585 -0.16 -14.96 -8.81
N SER C 586 -1.10 -15.87 -9.03
CA SER C 586 -2.47 -15.70 -8.62
C SER C 586 -3.01 -17.09 -8.29
N SER C 587 -4.14 -17.12 -7.58
CA SER C 587 -4.76 -18.40 -7.28
C SER C 587 -5.12 -19.15 -8.56
N ASP C 588 -5.67 -18.44 -9.55
CA ASP C 588 -5.97 -19.08 -10.82
C ASP C 588 -4.71 -19.57 -11.51
N VAL C 589 -3.64 -18.78 -11.45
CA VAL C 589 -2.40 -19.12 -12.14
C VAL C 589 -1.80 -20.41 -11.58
N ILE C 590 -1.76 -20.54 -10.25
CA ILE C 590 -1.12 -21.72 -9.67
C ILE C 590 -2.01 -22.95 -9.88
N LYS C 591 -3.34 -22.77 -9.80
CA LYS C 591 -4.23 -23.89 -10.06
C LYS C 591 -4.11 -24.37 -11.50
N ASP C 592 -4.03 -23.43 -12.45
CA ASP C 592 -3.84 -23.82 -13.85
C ASP C 592 -2.53 -24.56 -14.05
N ALA C 593 -1.47 -24.13 -13.36
CA ALA C 593 -0.19 -24.82 -13.51
C ALA C 593 -0.26 -26.22 -12.93
N ILE C 594 -0.98 -26.40 -11.82
CA ILE C 594 -1.15 -27.73 -11.24
C ILE C 594 -1.88 -28.63 -12.23
N THR C 595 -2.97 -28.13 -12.81
CA THR C 595 -3.69 -28.90 -13.82
C THR C 595 -2.81 -29.17 -15.04
N ALA C 596 -2.03 -28.17 -15.47
CA ALA C 596 -1.16 -28.38 -16.62
C ALA C 596 -0.09 -29.42 -16.34
N ALA C 597 0.28 -29.60 -15.07
CA ALA C 597 1.30 -30.60 -14.71
C ALA C 597 0.72 -31.99 -14.50
N LYS C 598 -0.60 -32.15 -14.55
CA LYS C 598 -1.22 -33.44 -14.29
C LYS C 598 -0.85 -34.44 -15.38
N GLY C 599 -0.25 -35.55 -14.99
CA GLY C 599 0.09 -36.63 -15.90
C GLY C 599 1.35 -36.44 -16.70
N THR C 600 2.07 -35.34 -16.53
CA THR C 600 3.30 -35.07 -17.26
C THR C 600 4.52 -35.32 -16.37
N THR C 601 5.70 -35.05 -16.93
CA THR C 601 6.95 -35.15 -16.19
C THR C 601 7.65 -33.79 -16.08
N VAL C 602 6.95 -32.70 -16.37
CA VAL C 602 7.52 -31.35 -16.32
C VAL C 602 7.18 -30.76 -14.96
N PRO C 603 8.16 -30.51 -14.09
CA PRO C 603 7.85 -29.98 -12.75
C PRO C 603 7.30 -28.57 -12.78
N ILE C 604 6.55 -28.23 -11.74
CA ILE C 604 6.03 -26.88 -11.56
C ILE C 604 7.13 -26.00 -10.99
N GLU C 605 7.40 -24.89 -11.67
CA GLU C 605 8.48 -23.98 -11.29
C GLU C 605 7.90 -22.86 -10.42
N LEU C 606 8.32 -22.82 -9.16
CA LEU C 606 7.86 -21.80 -8.22
C LEU C 606 9.00 -20.85 -7.88
N LEU C 607 8.81 -19.57 -8.16
CA LEU C 607 9.70 -18.51 -7.68
C LEU C 607 9.25 -18.13 -6.28
N VAL C 608 10.16 -18.26 -5.31
CA VAL C 608 9.82 -18.14 -3.90
C VAL C 608 10.63 -17.01 -3.27
N LYS C 609 9.96 -16.22 -2.44
CA LYS C 609 10.64 -15.25 -1.58
C LYS C 609 10.65 -15.81 -0.15
N ARG C 610 11.84 -16.02 0.38
CA ARG C 610 12.04 -16.45 1.77
C ARG C 610 12.80 -15.33 2.47
N LEU C 611 12.11 -14.60 3.35
CA LEU C 611 12.63 -13.37 3.92
C LEU C 611 13.07 -12.45 2.78
N ASP C 612 14.35 -12.07 2.73
CA ASP C 612 14.84 -11.16 1.70
C ASP C 612 15.58 -11.88 0.56
N ARG C 613 15.32 -13.17 0.37
CA ARG C 613 16.01 -13.95 -0.64
C ARG C 613 15.00 -14.55 -1.61
N TYR C 614 15.40 -14.68 -2.87
CA TYR C 614 14.57 -15.27 -3.92
C TYR C 614 15.25 -16.52 -4.45
N ASP C 615 14.46 -17.59 -4.61
CA ASP C 615 14.97 -18.81 -5.23
C ASP C 615 13.84 -19.47 -6.01
N THR C 616 14.22 -20.35 -6.93
CA THR C 616 13.27 -21.13 -7.72
C THR C 616 13.35 -22.59 -7.32
N VAL C 617 12.20 -23.18 -7.00
CA VAL C 617 12.10 -24.60 -6.68
C VAL C 617 11.29 -25.27 -7.77
N ARG C 618 11.62 -26.54 -8.03
CA ARG C 618 10.91 -27.35 -9.00
C ARG C 618 10.19 -28.46 -8.26
N ILE C 619 8.86 -28.48 -8.36
CA ILE C 619 8.03 -29.42 -7.63
C ILE C 619 7.49 -30.45 -8.62
N ASP C 620 7.86 -31.72 -8.38
CA ASP C 620 7.45 -32.83 -9.25
C ASP C 620 6.11 -33.39 -8.78
N TYR C 621 5.07 -32.57 -8.88
CA TYR C 621 3.72 -33.01 -8.52
C TYR C 621 2.86 -33.07 -9.77
N HIS C 622 2.29 -34.25 -10.03
CA HIS C 622 1.57 -34.50 -11.26
C HIS C 622 0.22 -35.16 -11.03
N GLY C 623 -0.33 -35.02 -9.82
CA GLY C 623 -1.64 -35.55 -9.51
C GLY C 623 -2.80 -34.64 -9.81
N GLY C 624 -2.52 -33.40 -10.21
CA GLY C 624 -3.57 -32.45 -10.52
C GLY C 624 -4.24 -31.93 -9.25
N LEU C 625 -5.25 -31.08 -9.46
CA LEU C 625 -6.03 -30.53 -8.36
C LEU C 625 -6.88 -31.62 -7.73
N LEU C 626 -6.89 -31.67 -6.39
CA LEU C 626 -7.57 -32.74 -5.67
C LEU C 626 -8.37 -32.16 -4.50
N TYR C 627 -9.69 -32.25 -4.59
CA TYR C 627 -10.58 -31.81 -3.54
C TYR C 627 -11.49 -32.95 -3.10
N PRO C 628 -11.81 -33.06 -1.81
CA PRO C 628 -12.54 -34.23 -1.33
C PRO C 628 -14.04 -34.14 -1.59
N HIS C 629 -14.62 -35.30 -1.88
CA HIS C 629 -16.06 -35.47 -2.00
C HIS C 629 -16.44 -36.86 -1.52
N LEU C 630 -17.74 -37.06 -1.30
CA LEU C 630 -18.28 -38.38 -1.03
C LEU C 630 -19.04 -38.88 -2.24
N GLU C 631 -18.86 -40.15 -2.56
CA GLU C 631 -19.59 -40.81 -3.63
C GLU C 631 -20.26 -42.07 -3.09
N ARG C 632 -21.44 -42.37 -3.64
CA ARG C 632 -22.19 -43.54 -3.18
C ARG C 632 -21.44 -44.82 -3.51
N ILE C 633 -21.52 -45.80 -2.62
CA ILE C 633 -21.06 -47.15 -2.92
C ILE C 633 -22.27 -47.95 -3.41
N ALA C 634 -22.33 -48.14 -4.72
CA ALA C 634 -23.43 -48.90 -5.30
C ALA C 634 -23.41 -50.32 -4.75
N GLY C 635 -24.55 -50.78 -4.23
CA GLY C 635 -24.68 -52.07 -3.61
C GLY C 635 -24.83 -52.01 -2.10
N LYS C 636 -24.39 -50.94 -1.49
CA LYS C 636 -24.49 -50.78 -0.05
C LYS C 636 -25.68 -49.88 0.28
N PRO C 637 -26.37 -50.14 1.39
CA PRO C 637 -27.45 -49.24 1.81
C PRO C 637 -26.92 -47.85 2.16
N ASP C 638 -27.70 -46.84 1.79
CA ASP C 638 -27.33 -45.44 2.05
C ASP C 638 -27.84 -45.04 3.44
N ARG C 639 -27.08 -45.44 4.46
CA ARG C 639 -27.39 -45.02 5.82
C ARG C 639 -27.02 -43.56 6.06
N LEU C 640 -26.06 -43.03 5.31
CA LEU C 640 -25.59 -41.68 5.57
C LEU C 640 -26.71 -40.65 5.32
N SER C 641 -27.42 -40.80 4.20
CA SER C 641 -28.52 -39.88 3.92
C SER C 641 -29.63 -39.99 4.96
N GLU C 642 -29.86 -41.20 5.49
CA GLU C 642 -30.84 -41.35 6.56
C GLU C 642 -30.44 -40.54 7.78
N LEU C 643 -29.16 -40.63 8.16
CA LEU C 643 -28.65 -39.88 9.33
C LEU C 643 -28.87 -38.38 9.15
N TYR C 644 -28.62 -37.86 7.95
CA TYR C 644 -28.70 -36.43 7.71
C TYR C 644 -30.10 -35.98 7.33
N LYS C 645 -31.07 -36.89 7.34
CA LYS C 645 -32.44 -36.59 6.94
C LYS C 645 -33.23 -35.98 8.08
N ALA C 646 -34.04 -34.97 7.76
CA ALA C 646 -34.92 -34.37 8.76
C ALA C 646 -35.87 -35.42 9.32
N ARG C 647 -36.06 -35.41 10.63
CA ARG C 647 -37.00 -36.31 11.28
C ARG C 647 -38.36 -35.64 11.47
N ALA D 43 -7.60 30.66 -42.19
CA ALA D 43 -6.29 31.21 -41.86
C ALA D 43 -6.41 32.66 -41.39
N THR D 44 -5.53 33.04 -40.46
CA THR D 44 -5.52 34.39 -39.92
C THR D 44 -4.57 35.28 -40.70
N ALA D 45 -5.06 36.45 -41.11
CA ALA D 45 -4.23 37.41 -41.84
C ALA D 45 -2.97 37.76 -41.04
N ALA D 46 -1.89 38.06 -41.76
CA ALA D 46 -0.61 38.32 -41.10
C ALA D 46 -0.68 39.60 -40.28
N PRO D 47 -0.03 39.65 -39.12
CA PRO D 47 -0.02 40.89 -38.34
C PRO D 47 0.81 41.96 -39.02
N GLN D 48 0.29 43.19 -38.98
CA GLN D 48 0.90 44.33 -39.65
C GLN D 48 1.45 45.32 -38.63
N ASP D 49 2.55 45.98 -39.01
CA ASP D 49 3.15 47.00 -38.17
C ASP D 49 2.39 48.32 -38.38
N VAL D 50 1.17 48.35 -37.86
CA VAL D 50 0.30 49.52 -37.97
C VAL D 50 -0.20 49.86 -36.58
N PRO D 51 -0.57 51.11 -36.31
CA PRO D 51 -1.02 51.47 -34.97
C PRO D 51 -2.33 50.78 -34.59
N PHE D 52 -2.45 50.45 -33.32
CA PHE D 52 -3.70 49.98 -32.75
C PHE D 52 -4.34 51.14 -32.00
N GLU D 53 -5.56 51.51 -32.39
CA GLU D 53 -6.24 52.62 -31.75
C GLU D 53 -6.90 52.16 -30.47
N GLY D 54 -6.59 52.85 -29.38
CA GLY D 54 -7.19 52.58 -28.10
C GLY D 54 -6.34 51.67 -27.23
N THR D 55 -7.01 51.09 -26.24
CA THR D 55 -6.33 50.30 -25.22
C THR D 55 -7.02 48.96 -25.07
N LEU D 56 -6.23 47.90 -25.01
CA LEU D 56 -6.74 46.57 -24.70
C LEU D 56 -6.77 46.44 -23.18
N LYS D 57 -7.97 46.46 -22.60
CA LYS D 57 -8.15 46.31 -21.16
C LYS D 57 -8.31 44.85 -20.79
N ILE D 58 -7.50 44.39 -19.84
CA ILE D 58 -7.50 43.01 -19.38
C ILE D 58 -7.65 43.02 -17.87
N ASP D 59 -8.81 42.56 -17.39
CA ASP D 59 -9.11 42.51 -15.96
C ASP D 59 -9.24 41.05 -15.54
N VAL D 60 -8.46 40.65 -14.52
CA VAL D 60 -8.41 39.25 -14.10
C VAL D 60 -8.85 39.16 -12.65
N ASP D 61 -9.78 38.25 -12.38
CA ASP D 61 -10.14 37.90 -11.00
C ASP D 61 -9.43 36.60 -10.70
N ALA D 62 -8.48 36.64 -9.77
CA ALA D 62 -7.68 35.47 -9.42
C ALA D 62 -8.00 34.97 -8.01
N THR D 63 -9.28 34.97 -7.63
CA THR D 63 -9.67 34.60 -6.26
C THR D 63 -10.18 33.18 -6.10
N ASP D 64 -10.58 32.50 -7.19
CA ASP D 64 -11.13 31.15 -7.06
C ASP D 64 -9.98 30.16 -6.99
N LEU D 65 -9.33 30.12 -5.83
CA LEU D 65 -8.22 29.19 -5.63
C LEU D 65 -8.69 27.75 -5.58
N GLN D 66 -9.90 27.51 -5.09
CA GLN D 66 -10.39 26.13 -4.93
C GLN D 66 -10.54 25.44 -6.28
N HIS D 67 -11.23 26.09 -7.22
CA HIS D 67 -11.35 25.55 -8.56
C HIS D 67 -10.13 25.85 -9.43
N ARG D 68 -9.26 26.76 -8.99
CA ARG D 68 -8.07 27.17 -9.73
C ARG D 68 -8.43 27.86 -11.05
N ILE D 69 -9.40 28.75 -10.97
CA ILE D 69 -9.96 29.44 -12.13
C ILE D 69 -9.55 30.89 -12.09
N PHE D 70 -9.03 31.39 -13.22
CA PHE D 70 -8.80 32.81 -13.45
C PHE D 70 -9.97 33.32 -14.30
N LYS D 71 -10.72 34.29 -13.77
CA LYS D 71 -11.82 34.90 -14.49
C LYS D 71 -11.33 36.15 -15.22
N VAL D 72 -11.73 36.32 -16.48
CA VAL D 72 -11.12 37.31 -17.35
C VAL D 72 -12.19 38.13 -18.06
N LYS D 73 -11.95 39.43 -18.16
CA LYS D 73 -12.72 40.33 -19.01
C LYS D 73 -11.74 41.15 -19.83
N THR D 74 -11.87 41.09 -21.16
CA THR D 74 -11.04 41.88 -22.05
C THR D 74 -11.93 42.88 -22.77
N THR D 75 -11.54 44.15 -22.77
CA THR D 75 -12.29 45.22 -23.38
C THR D 75 -11.42 45.94 -24.40
N MET D 76 -11.97 46.21 -25.58
CA MET D 76 -11.19 46.84 -26.64
C MET D 76 -12.15 47.55 -27.58
N PRO D 77 -11.67 48.54 -28.34
CA PRO D 77 -12.52 49.13 -29.36
C PRO D 77 -12.93 48.09 -30.38
N ALA D 78 -14.11 48.29 -30.96
CA ALA D 78 -14.68 47.34 -31.89
C ALA D 78 -14.73 48.03 -33.24
N THR D 79 -14.13 47.42 -34.23
CA THR D 79 -14.19 47.97 -35.56
C THR D 79 -15.25 47.24 -36.37
N PRO D 80 -16.17 47.97 -37.01
CA PRO D 80 -17.24 47.31 -37.75
C PRO D 80 -16.67 46.39 -38.82
N GLY D 81 -17.41 45.30 -39.07
CA GLY D 81 -16.96 44.30 -39.99
C GLY D 81 -16.44 43.09 -39.24
N PRO D 82 -15.81 42.16 -39.95
CA PRO D 82 -15.26 40.98 -39.28
C PRO D 82 -14.12 41.36 -38.36
N MET D 83 -14.09 40.73 -37.19
CA MET D 83 -13.03 40.97 -36.24
C MET D 83 -12.59 39.64 -35.67
N THR D 84 -11.28 39.39 -35.70
CA THR D 84 -10.70 38.14 -35.22
C THR D 84 -9.87 38.42 -33.98
N LEU D 85 -10.15 37.66 -32.90
CA LEU D 85 -9.41 37.74 -31.65
C LEU D 85 -8.54 36.51 -31.49
N LEU D 86 -7.35 36.70 -30.93
CA LEU D 86 -6.35 35.65 -30.82
C LEU D 86 -6.04 35.36 -29.36
N TYR D 87 -5.98 34.07 -29.04
CA TYR D 87 -5.40 33.59 -27.79
C TYR D 87 -3.93 33.26 -28.03
N PRO D 88 -3.01 33.81 -27.23
CA PRO D 88 -1.58 33.60 -27.50
C PRO D 88 -1.24 32.12 -27.61
N GLN D 89 -0.50 31.80 -28.66
CA GLN D 89 -0.18 30.42 -29.02
C GLN D 89 1.30 30.11 -28.81
N TRP D 90 2.18 30.82 -29.49
CA TRP D 90 3.62 30.69 -29.33
C TRP D 90 4.07 31.67 -28.26
N ILE D 91 4.63 31.15 -27.17
CA ILE D 91 4.89 31.94 -25.97
C ILE D 91 6.40 32.18 -25.87
N PRO D 92 6.85 33.43 -25.85
CA PRO D 92 8.30 33.71 -25.77
C PRO D 92 8.93 33.03 -24.55
N GLY D 93 10.07 32.38 -24.78
CA GLY D 93 10.70 31.59 -23.75
C GLY D 93 10.30 30.12 -23.75
N ASN D 94 9.19 29.76 -24.40
CA ASN D 94 8.82 28.36 -24.57
C ASN D 94 9.20 27.80 -25.93
N HIS D 95 9.45 28.65 -26.92
CA HIS D 95 9.96 28.24 -28.24
C HIS D 95 9.05 27.24 -28.93
N SER D 96 7.77 27.22 -28.58
CA SER D 96 6.84 26.20 -29.02
C SER D 96 5.42 26.71 -28.78
N PRO D 97 4.43 26.12 -29.43
CA PRO D 97 3.05 26.64 -29.25
C PRO D 97 2.38 26.08 -28.00
N THR D 98 2.79 26.60 -26.85
CA THR D 98 2.33 26.10 -25.55
C THR D 98 1.06 26.78 -25.04
N GLY D 99 0.55 27.79 -25.73
CA GLY D 99 -0.68 28.45 -25.29
C GLY D 99 -1.77 27.43 -25.03
N PRO D 100 -2.34 27.45 -23.82
CA PRO D 100 -3.28 26.38 -23.41
C PRO D 100 -4.71 26.63 -23.90
N ILE D 101 -4.89 26.51 -25.22
CA ILE D 101 -6.15 26.93 -25.84
C ILE D 101 -7.34 26.15 -25.27
N ASP D 102 -7.14 24.88 -24.93
CA ASP D 102 -8.30 24.11 -24.47
C ASP D 102 -8.69 24.40 -23.03
N LYS D 103 -7.95 25.28 -22.35
CA LYS D 103 -8.32 25.71 -21.01
C LYS D 103 -9.05 27.04 -21.01
N LEU D 104 -9.33 27.61 -22.18
CA LEU D 104 -10.16 28.81 -22.31
C LEU D 104 -11.61 28.36 -22.41
N ALA D 105 -12.42 28.70 -21.40
CA ALA D 105 -13.80 28.26 -21.36
C ALA D 105 -14.72 29.42 -21.00
N GLY D 106 -16.01 29.21 -21.25
CA GLY D 106 -17.01 30.21 -20.89
C GLY D 106 -16.95 31.48 -21.69
N LEU D 107 -16.43 31.42 -22.92
CA LEU D 107 -16.22 32.61 -23.72
C LEU D 107 -17.55 33.18 -24.21
N VAL D 108 -17.84 34.42 -23.81
CA VAL D 108 -18.98 35.17 -24.28
C VAL D 108 -18.48 36.53 -24.74
N ILE D 109 -18.85 36.92 -25.96
CA ILE D 109 -18.42 38.18 -26.55
C ILE D 109 -19.65 39.06 -26.75
N LYS D 110 -19.57 40.30 -26.27
CA LYS D 110 -20.64 41.26 -26.45
C LYS D 110 -20.08 42.52 -27.10
N VAL D 111 -20.81 43.06 -28.06
CA VAL D 111 -20.48 44.34 -28.68
C VAL D 111 -21.55 45.33 -28.27
N ASP D 112 -21.13 46.39 -27.57
CA ASP D 112 -22.06 47.41 -27.09
C ASP D 112 -23.20 46.79 -26.30
N GLY D 113 -22.87 45.76 -25.51
CA GLY D 113 -23.81 45.12 -24.61
C GLY D 113 -24.66 44.02 -25.21
N LYS D 114 -24.54 43.74 -26.51
CA LYS D 114 -25.30 42.69 -27.17
C LYS D 114 -24.40 41.51 -27.47
N VAL D 115 -24.85 40.30 -27.13
CA VAL D 115 -24.06 39.10 -27.42
C VAL D 115 -23.95 38.92 -28.93
N VAL D 116 -22.73 38.65 -29.40
CA VAL D 116 -22.47 38.29 -30.79
C VAL D 116 -21.86 36.91 -30.80
N PRO D 117 -22.30 36.00 -31.66
CA PRO D 117 -21.72 34.66 -31.69
C PRO D 117 -20.32 34.67 -32.26
N TRP D 118 -19.47 33.80 -31.73
CA TRP D 118 -18.12 33.66 -32.25
C TRP D 118 -18.00 32.33 -32.98
N THR D 119 -17.09 32.30 -33.95
CA THR D 119 -16.79 31.12 -34.74
C THR D 119 -15.27 30.94 -34.72
N ARG D 120 -14.82 29.76 -34.28
CA ARG D 120 -13.40 29.46 -34.28
C ARG D 120 -12.94 29.08 -35.68
N ASP D 121 -11.72 29.48 -36.04
CA ASP D 121 -11.12 29.08 -37.31
C ASP D 121 -10.67 27.63 -37.18
N GLN D 122 -11.28 26.72 -37.95
CA GLN D 122 -10.89 25.32 -37.81
C GLN D 122 -9.46 25.08 -38.27
N PHE D 123 -8.86 26.00 -39.04
CA PHE D 123 -7.46 25.90 -39.42
C PHE D 123 -6.58 26.80 -38.58
N ASP D 124 -7.15 27.43 -37.54
CA ASP D 124 -6.34 28.20 -36.58
C ASP D 124 -7.18 28.26 -35.30
N VAL D 125 -7.05 27.23 -34.47
CA VAL D 125 -7.97 27.03 -33.35
C VAL D 125 -7.75 28.05 -32.24
N TYR D 126 -6.73 28.90 -32.39
CA TYR D 126 -6.53 30.00 -31.44
C TYR D 126 -7.22 31.29 -31.86
N ALA D 127 -7.95 31.28 -32.98
CA ALA D 127 -8.53 32.49 -33.57
C ALA D 127 -10.05 32.41 -33.50
N PHE D 128 -10.67 33.42 -32.90
CA PHE D 128 -12.11 33.53 -32.76
C PHE D 128 -12.60 34.72 -33.57
N LYS D 129 -13.58 34.49 -34.43
CA LYS D 129 -14.09 35.55 -35.31
C LYS D 129 -15.51 35.93 -34.92
N VAL D 130 -15.76 37.24 -34.85
CA VAL D 130 -17.11 37.75 -34.67
C VAL D 130 -17.36 38.78 -35.76
N ASP D 131 -18.64 39.11 -35.94
CA ASP D 131 -19.06 40.15 -36.85
C ASP D 131 -19.51 41.35 -36.03
N VAL D 132 -18.80 42.45 -36.17
CA VAL D 132 -19.08 43.68 -35.44
C VAL D 132 -20.08 44.50 -36.25
N PRO D 133 -21.23 44.87 -35.70
CA PRO D 133 -22.21 45.62 -36.48
C PRO D 133 -21.69 47.02 -36.83
N GLN D 134 -22.28 47.57 -37.89
CA GLN D 134 -21.98 48.94 -38.26
C GLN D 134 -22.37 49.87 -37.11
N GLY D 135 -21.57 50.92 -36.90
CA GLY D 135 -21.85 51.87 -35.86
C GLY D 135 -21.44 51.45 -34.46
N ALA D 136 -20.82 50.29 -34.31
CA ALA D 136 -20.44 49.78 -33.00
C ALA D 136 -19.24 50.55 -32.44
N SER D 137 -19.09 50.48 -31.12
CA SER D 137 -17.99 51.16 -30.43
C SER D 137 -17.06 50.23 -29.67
N GLU D 138 -17.58 49.25 -28.95
CA GLU D 138 -16.76 48.55 -27.98
C GLU D 138 -17.08 47.06 -27.99
N LEU D 139 -16.04 46.24 -27.88
CA LEU D 139 -16.15 44.80 -27.77
C LEU D 139 -15.69 44.37 -26.38
N VAL D 140 -16.45 43.48 -25.76
CA VAL D 140 -16.09 42.89 -24.48
C VAL D 140 -16.10 41.38 -24.61
N ALA D 141 -14.99 40.75 -24.25
CA ALA D 141 -14.90 39.30 -24.20
C ALA D 141 -14.67 38.88 -22.75
N GLU D 142 -15.53 38.00 -22.25
CA GLU D 142 -15.38 37.45 -20.93
C GLU D 142 -15.16 35.95 -21.06
N PHE D 143 -14.23 35.42 -20.27
CA PHE D 143 -13.94 34.00 -20.30
C PHE D 143 -13.23 33.62 -19.01
N LYS D 144 -12.95 32.33 -18.89
CA LYS D 144 -12.22 31.77 -17.76
C LYS D 144 -11.07 30.94 -18.26
N PHE D 145 -9.93 31.09 -17.60
CA PHE D 145 -8.78 30.22 -17.81
C PHE D 145 -8.83 29.16 -16.71
N LEU D 146 -9.08 27.91 -17.09
CA LEU D 146 -9.20 26.82 -16.12
C LEU D 146 -7.82 26.22 -15.93
N SER D 147 -7.07 26.77 -14.97
CA SER D 147 -5.69 26.36 -14.78
C SER D 147 -5.64 24.93 -14.22
N PRO D 148 -4.49 24.26 -14.34
CA PRO D 148 -4.43 22.83 -14.00
C PRO D 148 -4.88 22.52 -12.58
N GLN D 149 -5.79 21.55 -12.47
CA GLN D 149 -6.22 21.03 -11.19
C GLN D 149 -5.35 19.87 -10.71
N ALA D 150 -4.46 19.38 -11.58
CA ALA D 150 -3.43 18.40 -11.26
C ALA D 150 -2.32 18.54 -12.29
N SER D 151 -1.14 18.02 -11.96
N SER D 151 -1.13 18.03 -11.95
CA SER D 151 0.01 18.17 -12.84
CA SER D 151 0.01 18.17 -12.84
C SER D 151 -0.19 17.48 -14.19
C SER D 151 -0.22 17.51 -14.20
N SER D 152 -1.12 16.53 -14.28
CA SER D 152 -1.42 15.90 -15.57
C SER D 152 -1.99 16.90 -16.57
N GLN D 153 -2.55 18.01 -16.12
CA GLN D 153 -3.11 19.02 -17.01
C GLN D 153 -2.11 20.13 -17.36
N GLY D 154 -0.92 20.09 -16.81
CA GLY D 154 0.04 21.16 -16.91
C GLY D 154 0.48 21.61 -15.53
N ARG D 155 1.36 22.60 -15.50
CA ARG D 155 1.89 23.00 -14.20
C ARG D 155 0.85 23.79 -13.40
N VAL D 156 0.77 23.47 -12.10
CA VAL D 156 -0.22 24.09 -11.23
C VAL D 156 0.14 25.55 -11.00
N MET D 157 -0.88 26.42 -11.08
CA MET D 157 -0.68 27.86 -10.97
C MET D 157 -1.43 28.50 -9.81
N MET D 158 -2.23 27.74 -9.06
CA MET D 158 -2.91 28.26 -7.88
C MET D 158 -2.81 27.26 -6.74
N THR D 159 -2.56 27.77 -5.54
CA THR D 159 -2.49 26.97 -4.33
C THR D 159 -3.18 27.73 -3.21
N PRO D 160 -3.37 27.12 -2.02
CA PRO D 160 -3.97 27.88 -0.91
C PRO D 160 -3.08 29.00 -0.40
N GLU D 161 -1.79 29.04 -0.76
CA GLU D 161 -0.90 30.07 -0.27
C GLU D 161 -0.29 30.97 -1.34
N MET D 162 -0.31 30.58 -2.61
CA MET D 162 0.31 31.41 -3.63
C MET D 162 -0.33 31.13 -4.98
N LEU D 163 -0.06 32.02 -5.93
CA LEU D 163 -0.56 31.84 -7.29
C LEU D 163 0.42 32.46 -8.26
N ASN D 164 0.32 32.02 -9.52
CA ASN D 164 1.20 32.43 -10.60
C ASN D 164 0.30 32.86 -11.74
N LEU D 165 0.31 34.15 -12.07
CA LEU D 165 -0.50 34.69 -13.15
C LEU D 165 0.39 34.96 -14.34
N GLN D 166 0.15 34.23 -15.44
CA GLN D 166 0.83 34.46 -16.70
C GLN D 166 -0.18 35.07 -17.64
N TRP D 167 0.04 36.33 -18.03
CA TRP D 167 -1.01 37.10 -18.70
C TRP D 167 -1.39 36.51 -20.06
N ASN D 168 -0.51 35.73 -20.70
CA ASN D 168 -0.90 35.10 -21.96
C ASN D 168 -2.05 34.13 -21.75
N THR D 169 -2.18 33.52 -20.56
CA THR D 169 -3.29 32.61 -20.30
C THR D 169 -4.61 33.33 -20.10
N THR D 170 -4.55 34.63 -19.83
CA THR D 170 -5.75 35.43 -19.55
C THR D 170 -5.86 36.60 -20.51
N ALA D 171 -5.68 36.36 -21.81
CA ALA D 171 -5.69 37.45 -22.76
C ALA D 171 -6.24 36.98 -24.10
N LEU D 172 -7.08 37.82 -24.69
CA LEU D 172 -7.42 37.75 -26.11
C LEU D 172 -7.05 39.09 -26.72
N TYR D 173 -6.48 39.08 -27.91
CA TYR D 173 -6.03 40.32 -28.51
C TYR D 173 -6.34 40.31 -30.00
N PRO D 174 -6.55 41.47 -30.61
CA PRO D 174 -6.97 41.50 -32.01
C PRO D 174 -5.89 41.01 -32.97
N ALA D 175 -6.31 40.19 -33.93
CA ALA D 175 -5.42 39.82 -35.02
C ALA D 175 -5.17 41.03 -35.91
N GLY D 176 -4.06 40.98 -36.64
CA GLY D 176 -3.74 41.99 -37.64
C GLY D 176 -2.74 43.03 -37.18
N TYR D 177 -2.24 42.93 -35.96
CA TYR D 177 -1.35 43.94 -35.38
C TYR D 177 -0.11 43.27 -34.79
N PHE D 178 1.04 43.91 -34.99
CA PHE D 178 2.21 43.62 -34.16
C PHE D 178 1.83 43.76 -32.70
N ALA D 179 2.22 42.78 -31.88
CA ALA D 179 1.83 42.81 -30.47
C ALA D 179 2.35 44.05 -29.77
N ARG D 180 3.54 44.53 -30.15
CA ARG D 180 4.10 45.70 -29.48
C ARG D 180 3.31 46.98 -29.77
N ASN D 181 2.48 46.99 -30.81
CA ASN D 181 1.69 48.17 -31.15
C ASN D 181 0.39 48.28 -30.37
N ILE D 182 0.03 47.24 -29.62
CA ILE D 182 -1.22 47.21 -28.88
C ILE D 182 -0.92 47.72 -27.47
N LYS D 183 -1.44 48.89 -27.12
CA LYS D 183 -1.34 49.36 -25.75
C LYS D 183 -2.35 48.60 -24.89
N ALA D 184 -1.90 48.08 -23.76
CA ALA D 184 -2.76 47.32 -22.86
C ALA D 184 -2.77 47.97 -21.49
N GLN D 185 -3.82 47.69 -20.72
N GLN D 185 -3.81 47.63 -20.73
CA GLN D 185 -3.84 48.08 -19.31
CA GLN D 185 -3.96 48.06 -19.35
C GLN D 185 -4.54 46.99 -18.51
C GLN D 185 -4.53 46.87 -18.59
N ALA D 186 -3.80 46.40 -17.58
CA ALA D 186 -4.21 45.21 -16.85
C ALA D 186 -4.60 45.55 -15.42
N SER D 187 -5.48 44.73 -14.87
CA SER D 187 -5.78 44.76 -13.45
C SER D 187 -6.01 43.32 -12.98
N VAL D 188 -5.81 43.09 -11.69
CA VAL D 188 -6.03 41.77 -11.11
C VAL D 188 -6.59 41.94 -9.71
N THR D 189 -7.59 41.13 -9.38
CA THR D 189 -8.14 41.04 -8.03
C THR D 189 -7.54 39.80 -7.36
N LEU D 190 -6.86 40.02 -6.23
CA LEU D 190 -6.10 39.00 -5.50
C LEU D 190 -6.92 38.44 -4.34
N PRO D 191 -6.59 37.24 -3.87
CA PRO D 191 -7.11 36.79 -2.58
C PRO D 191 -6.80 37.82 -1.50
N ALA D 192 -7.72 37.94 -0.54
CA ALA D 192 -7.69 39.03 0.43
C ALA D 192 -6.34 39.16 1.12
N GLY D 193 -5.74 40.34 1.03
CA GLY D 193 -4.52 40.62 1.76
C GLY D 193 -3.25 40.04 1.18
N TRP D 194 -3.32 39.32 0.05
CA TRP D 194 -2.10 38.71 -0.48
C TRP D 194 -1.14 39.77 -1.00
N SER D 195 0.15 39.48 -0.86
CA SER D 195 1.19 40.28 -1.48
C SER D 195 1.40 39.80 -2.92
N TYR D 196 2.03 40.66 -3.72
CA TYR D 196 2.26 40.32 -5.13
C TYR D 196 3.56 40.96 -5.59
N ALA D 197 4.09 40.44 -6.70
CA ALA D 197 5.29 41.00 -7.29
C ALA D 197 5.27 40.78 -8.80
N THR D 198 5.72 41.79 -9.54
CA THR D 198 5.78 41.76 -11.00
C THR D 198 6.65 42.92 -11.44
N ALA D 199 7.29 42.78 -12.60
CA ALA D 199 8.04 43.90 -13.16
C ALA D 199 7.11 45.00 -13.65
N MET D 200 5.86 44.67 -13.92
CA MET D 200 4.91 45.65 -14.44
C MET D 200 4.57 46.67 -13.35
N GLU D 201 4.56 47.94 -13.74
N GLU D 201 4.60 47.95 -13.72
CA GLU D 201 4.42 49.02 -12.77
CA GLU D 201 4.44 49.01 -12.74
C GLU D 201 2.98 49.15 -12.30
C GLU D 201 2.98 49.13 -12.29
N THR D 202 2.78 49.25 -10.98
CA THR D 202 1.47 49.41 -10.41
C THR D 202 1.03 50.87 -10.48
N GLU D 203 -0.22 51.08 -10.86
CA GLU D 203 -0.82 52.41 -10.77
C GLU D 203 -1.42 52.63 -9.39
N ARG D 204 -2.23 51.69 -8.92
CA ARG D 204 -2.82 51.76 -7.59
C ARG D 204 -3.34 50.39 -7.20
N ARG D 205 -3.37 50.14 -5.88
CA ARG D 205 -4.06 49.00 -5.31
C ARG D 205 -5.18 49.54 -4.41
N VAL D 206 -6.41 49.17 -4.72
CA VAL D 206 -7.57 49.57 -3.93
C VAL D 206 -8.16 48.31 -3.34
N GLY D 207 -8.00 48.13 -2.04
CA GLY D 207 -8.35 46.87 -1.43
C GLY D 207 -7.45 45.78 -1.98
N ASP D 208 -8.04 44.82 -2.67
CA ASP D 208 -7.30 43.71 -3.26
C ASP D 208 -7.31 43.72 -4.78
N THR D 209 -7.71 44.82 -5.38
CA THR D 209 -7.69 44.98 -6.84
C THR D 209 -6.51 45.87 -7.20
N VAL D 210 -5.56 45.30 -7.95
CA VAL D 210 -4.37 46.01 -8.38
C VAL D 210 -4.60 46.49 -9.80
N THR D 211 -4.50 47.80 -10.01
CA THR D 211 -4.56 48.38 -11.35
C THR D 211 -3.14 48.73 -11.77
N PHE D 212 -2.71 48.20 -12.91
CA PHE D 212 -1.38 48.49 -13.41
C PHE D 212 -1.42 49.65 -14.39
N LYS D 213 -0.28 50.31 -14.55
CA LYS D 213 -0.16 51.36 -15.52
C LYS D 213 -0.22 50.76 -16.93
N PRO D 214 -0.62 51.54 -17.92
CA PRO D 214 -0.63 51.03 -19.29
C PRO D 214 0.74 50.52 -19.70
N ILE D 215 0.75 49.51 -20.56
CA ILE D 215 1.99 48.87 -20.99
C ILE D 215 1.70 48.23 -22.34
N ASP D 216 2.74 48.14 -23.17
CA ASP D 216 2.56 47.48 -24.46
C ASP D 216 2.21 46.01 -24.26
N PHE D 217 1.37 45.48 -25.14
CA PHE D 217 0.83 44.14 -24.92
C PHE D 217 1.93 43.07 -24.89
N ASP D 218 3.00 43.23 -25.68
CA ASP D 218 4.06 42.25 -25.62
C ASP D 218 4.76 42.24 -24.27
N ASP D 219 4.98 43.42 -23.68
CA ASP D 219 5.55 43.48 -22.34
C ASP D 219 4.58 42.96 -21.28
N LEU D 220 3.27 43.14 -21.47
CA LEU D 220 2.31 42.58 -20.52
C LEU D 220 2.46 41.07 -20.44
N VAL D 221 2.46 40.38 -21.58
CA VAL D 221 2.69 38.94 -21.59
C VAL D 221 4.03 38.61 -20.94
N ASP D 222 5.00 39.49 -21.08
CA ASP D 222 6.34 39.30 -20.53
C ASP D 222 6.48 39.77 -19.10
N SER D 223 5.38 40.15 -18.43
CA SER D 223 5.41 40.67 -17.07
C SER D 223 4.54 39.82 -16.14
N PRO D 224 4.91 38.57 -15.91
CA PRO D 224 4.10 37.70 -15.03
C PRO D 224 4.07 38.24 -13.61
N MET D 225 3.13 37.70 -12.84
CA MET D 225 2.96 38.07 -11.44
C MET D 225 2.94 36.82 -10.57
N PHE D 226 3.69 36.85 -9.46
CA PHE D 226 3.49 35.93 -8.36
C PHE D 226 2.73 36.67 -7.26
N ALA D 227 1.89 35.93 -6.53
CA ALA D 227 1.20 36.48 -5.38
C ALA D 227 1.10 35.40 -4.31
N GLY D 228 1.00 35.83 -3.06
CA GLY D 228 0.94 34.85 -1.99
C GLY D 228 0.86 35.51 -0.63
N LYS D 229 0.58 34.68 0.37
CA LYS D 229 0.43 35.19 1.72
C LYS D 229 1.74 35.22 2.51
N TYR D 230 2.76 34.44 2.10
CA TYR D 230 4.04 34.39 2.81
C TYR D 230 5.11 34.93 1.87
N TYR D 231 5.51 36.18 2.08
CA TYR D 231 6.27 36.93 1.09
C TYR D 231 7.44 37.66 1.74
N LYS D 232 8.57 37.65 1.05
CA LYS D 232 9.72 38.44 1.48
C LYS D 232 10.35 39.10 0.26
N ARG D 233 10.60 40.40 0.36
CA ARG D 233 11.24 41.18 -0.69
C ARG D 233 12.64 41.53 -0.22
N VAL D 234 13.65 41.21 -1.04
CA VAL D 234 15.05 41.41 -0.69
C VAL D 234 15.71 42.21 -1.80
N GLU D 235 16.36 43.31 -1.43
CA GLU D 235 17.10 44.09 -2.40
C GLU D 235 18.42 43.39 -2.71
N LEU D 236 18.67 43.13 -4.00
CA LEU D 236 19.93 42.55 -4.43
C LEU D 236 20.91 43.57 -4.99
N SER D 237 20.39 44.66 -5.55
CA SER D 237 21.21 45.73 -6.09
C SER D 237 20.41 47.01 -6.03
N ALA D 238 20.99 48.04 -5.42
CA ALA D 238 20.43 49.37 -5.44
C ALA D 238 20.90 50.09 -6.70
N GLY D 239 20.54 51.36 -6.83
CA GLY D 239 21.01 52.17 -7.94
C GLY D 239 19.89 52.52 -8.90
N LYS D 240 20.30 53.00 -10.09
CA LYS D 240 19.35 53.47 -11.08
C LYS D 240 18.62 52.32 -11.77
N GLN D 241 19.18 51.12 -11.77
CA GLN D 241 18.57 49.94 -12.38
C GLN D 241 18.51 48.82 -11.36
N PRO D 242 17.69 48.98 -10.33
CA PRO D 242 17.77 48.08 -9.18
C PRO D 242 17.23 46.69 -9.48
N VAL D 243 17.68 45.72 -8.68
CA VAL D 243 17.31 44.32 -8.83
C VAL D 243 16.82 43.81 -7.48
N TYR D 244 15.67 43.14 -7.48
CA TYR D 244 15.05 42.65 -6.25
C TYR D 244 14.75 41.17 -6.36
N LEU D 245 14.72 40.52 -5.21
CA LEU D 245 14.36 39.10 -5.09
C LEU D 245 13.03 39.02 -4.33
N ASN D 246 12.02 38.44 -4.98
CA ASN D 246 10.68 38.33 -4.41
C ASN D 246 10.42 36.85 -4.12
N VAL D 247 10.35 36.50 -2.85
CA VAL D 247 10.24 35.11 -2.43
C VAL D 247 8.84 34.88 -1.85
N PHE D 248 8.16 33.86 -2.37
CA PHE D 248 6.87 33.38 -1.85
C PHE D 248 7.06 31.92 -1.45
N ALA D 249 6.40 31.49 -0.37
CA ALA D 249 6.63 30.15 0.14
C ALA D 249 5.32 29.52 0.59
N ASP D 250 5.31 28.18 0.61
CA ASP D 250 4.19 27.45 1.21
C ASP D 250 4.07 27.79 2.69
N GLU D 251 5.20 27.96 3.37
CA GLU D 251 5.25 28.27 4.78
C GLU D 251 6.29 29.35 5.02
N ALA D 252 5.99 30.27 5.95
CA ALA D 252 6.83 31.44 6.17
C ALA D 252 8.25 31.06 6.59
N LYS D 253 8.42 29.91 7.25
CA LYS D 253 9.75 29.53 7.72
C LYS D 253 10.74 29.38 6.57
N SER D 254 10.27 29.11 5.36
CA SER D 254 11.16 28.96 4.22
C SER D 254 11.77 30.28 3.76
N LEU D 255 11.26 31.41 4.24
CA LEU D 255 11.75 32.72 3.81
C LEU D 255 13.00 33.17 4.55
N ASP D 256 13.49 32.38 5.51
CA ASP D 256 14.58 32.79 6.40
C ASP D 256 15.92 32.61 5.68
N ALA D 257 16.13 33.44 4.65
CA ALA D 257 17.40 33.43 3.94
C ALA D 257 18.49 34.03 4.83
N LYS D 258 19.60 33.32 4.93
CA LYS D 258 20.70 33.78 5.76
C LYS D 258 21.52 34.84 5.02
N PRO D 259 22.25 35.69 5.75
CA PRO D 259 22.97 36.79 5.07
C PRO D 259 23.92 36.33 3.98
N GLU D 260 24.68 35.26 4.20
CA GLU D 260 25.60 34.79 3.16
C GLU D 260 24.84 34.23 1.96
N GLN D 261 23.63 33.73 2.16
CA GLN D 261 22.83 33.21 1.05
C GLN D 261 22.26 34.34 0.20
N ILE D 262 21.76 35.39 0.85
CA ILE D 262 21.36 36.60 0.12
C ILE D 262 22.55 37.20 -0.61
N LYS D 263 23.72 37.21 0.03
CA LYS D 263 24.91 37.79 -0.59
C LYS D 263 25.28 37.08 -1.89
N ALA D 264 25.09 35.76 -1.93
CA ALA D 264 25.38 35.00 -3.14
C ALA D 264 24.49 35.42 -4.30
N HIS D 265 23.23 35.75 -4.00
CA HIS D 265 22.34 36.27 -5.03
C HIS D 265 22.71 37.70 -5.41
N ALA D 266 23.13 38.50 -4.44
CA ALA D 266 23.64 39.82 -4.76
C ALA D 266 24.92 39.73 -5.58
N ALA D 267 25.76 38.73 -5.29
CA ALA D 267 26.98 38.54 -6.06
C ALA D 267 26.68 38.13 -7.49
N LEU D 268 25.60 37.38 -7.71
CA LEU D 268 25.17 37.05 -9.07
C LEU D 268 24.99 38.32 -9.90
N VAL D 269 24.30 39.32 -9.34
CA VAL D 269 24.09 40.57 -10.08
C VAL D 269 25.43 41.24 -10.36
N GLN D 270 26.33 41.25 -9.37
CA GLN D 270 27.64 41.88 -9.56
C GLN D 270 28.44 41.17 -10.64
N GLN D 271 28.41 39.84 -10.65
CA GLN D 271 29.17 39.09 -11.64
C GLN D 271 28.61 39.27 -13.05
N MET D 272 27.29 39.41 -13.18
CA MET D 272 26.73 39.72 -14.49
C MET D 272 27.17 41.10 -14.96
N ASP D 273 27.24 42.07 -14.05
CA ASP D 273 27.76 43.40 -14.39
C ASP D 273 29.18 43.30 -14.94
N LYS D 274 30.04 42.51 -14.31
CA LYS D 274 31.41 42.37 -14.79
C LYS D 274 31.45 41.78 -16.20
N LEU D 275 30.58 40.79 -16.46
CA LEU D 275 30.58 40.12 -17.76
C LEU D 275 30.06 41.05 -18.86
N TYR D 276 28.90 41.67 -18.64
CA TYR D 276 28.22 42.38 -19.71
C TYR D 276 28.47 43.88 -19.71
N GLY D 277 28.69 44.49 -18.55
CA GLY D 277 28.87 45.92 -18.51
C GLY D 277 27.61 46.72 -18.76
N ALA D 278 26.45 46.08 -18.79
CA ALA D 278 25.18 46.75 -19.02
C ALA D 278 24.07 45.90 -18.43
N ARG D 279 22.93 46.55 -18.18
CA ARG D 279 21.72 45.89 -17.71
C ARG D 279 20.59 46.25 -18.65
N HIS D 280 19.93 45.23 -19.19
CA HIS D 280 18.88 45.45 -20.18
C HIS D 280 17.51 45.43 -19.50
N PHE D 281 17.31 46.45 -18.65
CA PHE D 281 16.09 46.69 -17.91
C PHE D 281 16.23 48.00 -17.15
N ASP D 282 15.09 48.63 -16.85
CA ASP D 282 15.12 49.75 -15.92
C ASP D 282 15.07 49.28 -14.47
N HIS D 283 14.55 48.08 -14.22
CA HIS D 283 14.63 47.40 -12.93
C HIS D 283 14.31 45.93 -13.19
N TYR D 284 14.68 45.08 -12.25
CA TYR D 284 14.51 43.64 -12.42
C TYR D 284 13.91 43.03 -11.16
N GLU D 285 12.95 42.14 -11.35
CA GLU D 285 12.22 41.50 -10.26
C GLU D 285 12.36 39.98 -10.39
N PHE D 286 13.24 39.37 -9.60
CA PHE D 286 13.22 37.92 -9.46
C PHE D 286 11.92 37.51 -8.78
N LEU D 287 11.23 36.51 -9.35
CA LEU D 287 10.08 35.90 -8.73
C LEU D 287 10.45 34.46 -8.37
N LEU D 288 10.43 34.14 -7.08
CA LEU D 288 10.88 32.84 -6.61
C LEU D 288 9.83 32.24 -5.70
N ALA D 289 9.32 31.06 -6.06
CA ALA D 289 8.32 30.33 -5.28
C ALA D 289 8.99 29.12 -4.64
N LEU D 290 8.98 29.07 -3.30
CA LEU D 290 9.54 27.96 -2.54
C LEU D 290 8.38 27.06 -2.12
N THR D 291 8.25 25.91 -2.76
CA THR D 291 6.96 25.26 -2.76
C THR D 291 7.08 23.79 -3.12
N LYS D 292 6.10 23.02 -2.66
CA LYS D 292 5.81 21.69 -3.17
C LYS D 292 4.44 21.65 -3.83
N LYS D 293 3.80 22.80 -4.01
CA LYS D 293 2.43 22.85 -4.52
C LYS D 293 2.33 23.54 -5.86
N LEU D 294 2.96 24.71 -6.02
CA LEU D 294 3.00 25.35 -7.33
C LEU D 294 3.80 24.49 -8.30
N GLY D 295 3.37 24.46 -9.56
CA GLY D 295 4.11 23.73 -10.56
C GLY D 295 5.49 24.35 -10.77
N GLY D 296 6.49 23.48 -10.95
CA GLY D 296 7.84 23.96 -11.14
C GLY D 296 7.94 24.86 -12.36
N ILE D 297 8.85 25.83 -12.29
CA ILE D 297 8.99 26.76 -13.40
C ILE D 297 10.37 27.38 -13.39
N GLY D 298 10.92 27.58 -14.58
CA GLY D 298 12.03 28.47 -14.82
C GLY D 298 11.72 29.16 -16.14
N LEU D 299 11.31 30.42 -16.11
CA LEU D 299 10.90 31.13 -17.32
C LEU D 299 11.43 32.55 -17.27
N GLU D 300 12.20 32.91 -18.29
CA GLU D 300 12.87 34.20 -18.34
C GLU D 300 11.95 35.29 -18.89
N HIS D 301 12.27 36.53 -18.52
CA HIS D 301 11.63 37.71 -19.09
C HIS D 301 12.65 38.84 -19.10
N HIS D 302 12.29 39.94 -19.78
CA HIS D 302 13.18 41.10 -19.87
C HIS D 302 13.54 41.64 -18.49
N ARG D 303 12.54 41.90 -17.65
CA ARG D 303 12.75 42.58 -16.39
C ARG D 303 12.35 41.72 -15.20
N SER D 304 12.24 40.42 -15.39
CA SER D 304 11.82 39.51 -14.32
C SER D 304 12.10 38.09 -14.77
N SER D 305 11.96 37.15 -13.84
CA SER D 305 11.94 35.74 -14.17
C SER D 305 11.04 35.02 -13.18
N GLU D 306 10.41 33.96 -13.66
CA GLU D 306 9.60 33.07 -12.83
C GLU D 306 10.43 31.86 -12.45
N ASN D 307 10.58 31.62 -11.15
CA ASN D 307 11.45 30.58 -10.65
C ASN D 307 10.74 29.84 -9.53
N SER D 308 10.97 28.53 -9.45
CA SER D 308 10.49 27.74 -8.33
C SER D 308 11.65 26.95 -7.74
N GLY D 309 11.59 26.75 -6.43
CA GLY D 309 12.50 25.85 -5.75
C GLY D 309 11.76 25.13 -4.64
N ALA D 310 12.47 24.18 -4.03
CA ALA D 310 11.90 23.46 -2.91
C ALA D 310 11.80 24.38 -1.68
N PRO D 311 10.93 24.03 -0.72
CA PRO D 311 10.85 24.83 0.51
C PRO D 311 12.18 24.99 1.23
N ASN D 312 13.13 24.08 1.01
CA ASN D 312 14.43 24.14 1.68
C ASN D 312 15.50 24.82 0.84
N TYR D 313 15.08 25.66 -0.13
CA TYR D 313 16.02 26.41 -0.96
C TYR D 313 17.07 27.12 -0.11
N PHE D 314 16.63 27.79 0.96
CA PHE D 314 17.51 28.46 1.90
C PHE D 314 17.77 27.64 3.16
N THR D 315 16.73 27.00 3.71
CA THR D 315 16.87 26.38 5.03
C THR D 315 17.74 25.13 5.02
N GLU D 316 17.92 24.48 3.87
CA GLU D 316 18.85 23.36 3.75
C GLU D 316 19.76 23.61 2.54
N TRP D 317 20.54 24.68 2.64
CA TRP D 317 21.35 25.17 1.54
C TRP D 317 22.26 24.10 0.95
N ASP D 318 22.82 23.24 1.79
CA ASP D 318 23.76 22.23 1.32
C ASP D 318 23.08 21.03 0.67
N LYS D 319 21.77 20.88 0.87
CA LYS D 319 21.01 19.79 0.27
C LYS D 319 20.34 20.20 -1.04
N SER D 320 20.07 21.49 -1.22
CA SER D 320 19.26 21.97 -2.34
C SER D 320 20.11 22.65 -3.41
N TRP D 321 21.37 22.23 -3.57
CA TRP D 321 22.29 23.02 -4.38
C TRP D 321 22.18 22.75 -5.87
N THR D 322 21.78 21.53 -6.28
CA THR D 322 21.88 21.16 -7.70
C THR D 322 21.00 22.03 -8.60
N GLY D 323 19.92 22.59 -8.05
CA GLY D 323 19.04 23.44 -8.83
C GLY D 323 19.31 24.92 -8.72
N ARG D 324 20.32 25.32 -7.94
CA ARG D 324 20.53 26.73 -7.64
C ARG D 324 21.16 27.51 -8.79
N ASP D 325 21.47 26.87 -9.91
CA ASP D 325 21.81 27.64 -11.10
C ASP D 325 20.58 28.28 -11.75
N LEU D 326 19.37 27.96 -11.26
CA LEU D 326 18.14 28.39 -11.92
C LEU D 326 18.10 29.91 -12.09
N LEU D 327 18.27 30.65 -10.99
CA LEU D 327 18.17 32.11 -11.07
C LEU D 327 19.28 32.70 -11.93
N ALA D 328 20.48 32.12 -11.86
CA ALA D 328 21.57 32.59 -12.73
C ALA D 328 21.22 32.37 -14.19
N HIS D 329 20.66 31.20 -14.50
CA HIS D 329 20.26 30.86 -15.87
C HIS D 329 19.22 31.85 -16.39
N GLU D 330 18.09 31.97 -15.69
CA GLU D 330 17.00 32.81 -16.19
C GLU D 330 17.40 34.28 -16.21
N PHE D 331 18.18 34.73 -15.22
CA PHE D 331 18.69 36.10 -15.23
C PHE D 331 19.54 36.37 -16.46
N ASN D 332 20.42 35.42 -16.81
CA ASN D 332 21.27 35.62 -17.98
C ASN D 332 20.46 35.84 -19.25
N HIS D 333 19.26 35.24 -19.32
CA HIS D 333 18.41 35.39 -20.49
C HIS D 333 17.96 36.83 -20.71
N SER D 334 17.94 37.66 -19.66
CA SER D 334 17.63 39.08 -19.85
C SER D 334 18.57 39.69 -20.89
N TRP D 335 19.83 39.28 -20.87
CA TRP D 335 20.76 39.62 -21.94
C TRP D 335 20.57 38.69 -23.14
N ASN D 336 20.72 37.39 -22.91
CA ASN D 336 20.81 36.40 -23.98
C ASN D 336 19.46 35.71 -24.13
N GLY D 337 18.61 36.27 -25.00
CA GLY D 337 17.33 35.66 -25.24
C GLY D 337 16.19 36.65 -25.29
N LYS D 338 16.09 37.48 -24.25
CA LYS D 338 15.09 38.54 -24.25
C LYS D 338 15.59 39.76 -25.01
N TYR D 339 16.72 40.34 -24.59
CA TYR D 339 17.24 41.50 -25.31
C TYR D 339 17.75 41.10 -26.70
N ARG D 340 18.70 40.17 -26.75
CA ARG D 340 19.17 39.64 -28.02
C ARG D 340 18.48 38.32 -28.31
N ARG D 341 17.88 38.23 -29.49
CA ARG D 341 17.05 37.10 -29.87
C ARG D 341 17.28 36.83 -31.35
N GLY D 342 17.28 35.56 -31.74
CA GLY D 342 17.40 35.23 -33.14
C GLY D 342 16.28 35.85 -33.96
N ALA D 343 16.63 36.33 -35.16
CA ALA D 343 15.64 37.02 -35.99
C ALA D 343 14.46 36.12 -36.33
N ASP D 344 14.70 34.82 -36.51
CA ASP D 344 13.62 33.90 -36.81
C ASP D 344 12.80 33.54 -35.57
N LEU D 345 13.30 33.85 -34.38
CA LEU D 345 12.57 33.65 -33.13
C LEU D 345 11.77 34.86 -32.70
N ALA D 346 12.21 36.07 -33.08
CA ALA D 346 11.58 37.34 -32.67
C ALA D 346 10.40 37.64 -33.59
N THR D 347 9.28 36.97 -33.30
CA THR D 347 8.06 37.02 -34.10
C THR D 347 7.23 38.27 -33.81
N PRO D 348 6.38 38.69 -34.77
CA PRO D 348 5.62 39.95 -34.59
C PRO D 348 4.43 39.84 -33.65
N ASN D 349 3.85 38.66 -33.49
CA ASN D 349 2.84 38.44 -32.45
C ASN D 349 2.99 37.02 -31.92
N PHE D 350 2.04 36.60 -31.08
CA PHE D 350 2.11 35.30 -30.42
C PHE D 350 1.42 34.20 -31.21
N ASN D 351 1.08 34.43 -32.48
CA ASN D 351 0.26 33.48 -33.19
C ASN D 351 0.79 33.22 -34.59
N VAL D 352 2.10 33.38 -34.77
CA VAL D 352 2.80 32.91 -35.96
C VAL D 352 3.97 32.07 -35.45
N PRO D 353 4.43 31.07 -36.20
CA PRO D 353 5.40 30.13 -35.64
C PRO D 353 6.77 30.74 -35.44
N MET D 354 7.45 30.26 -34.39
CA MET D 354 8.79 30.68 -34.04
C MET D 354 9.83 29.75 -34.68
N GLY D 355 10.93 30.34 -35.16
CA GLY D 355 12.05 29.59 -35.65
C GLY D 355 13.11 29.46 -34.58
N ASP D 356 13.42 28.21 -34.20
CA ASP D 356 14.28 27.94 -33.06
C ASP D 356 15.73 27.67 -33.45
N SER D 357 16.12 27.96 -34.69
CA SER D 357 17.42 27.50 -35.21
C SER D 357 18.60 27.94 -34.35
N LEU D 358 18.48 29.08 -33.67
CA LEU D 358 19.60 29.62 -32.92
C LEU D 358 19.47 29.40 -31.41
N LEU D 359 18.71 28.39 -30.97
CA LEU D 359 18.58 28.14 -29.54
C LEU D 359 19.87 27.63 -28.92
N TRP D 360 20.81 27.12 -29.71
CA TRP D 360 22.08 26.74 -29.11
C TRP D 360 22.89 27.94 -28.63
N LEU D 361 22.52 29.16 -29.02
CA LEU D 361 23.04 30.35 -28.35
C LEU D 361 22.08 30.79 -27.23
N TYR D 362 20.82 31.06 -27.57
CA TYR D 362 19.79 31.45 -26.61
C TYR D 362 19.85 30.60 -25.33
N GLU D 363 19.63 29.30 -25.47
CA GLU D 363 19.65 28.42 -24.31
C GLU D 363 21.03 27.82 -24.05
N GLY D 364 21.76 27.46 -25.12
CA GLY D 364 23.04 26.79 -24.93
C GLY D 364 24.05 27.62 -24.15
N GLN D 365 24.24 28.88 -24.57
CA GLN D 365 25.21 29.70 -23.87
C GLN D 365 24.67 30.16 -22.51
N THR D 366 23.34 30.23 -22.37
CA THR D 366 22.77 30.54 -21.07
C THR D 366 22.94 29.37 -20.10
N GLN D 367 22.78 28.13 -20.58
CA GLN D 367 23.10 26.98 -19.75
C GLN D 367 24.54 27.06 -19.28
N PHE D 368 25.44 27.43 -20.18
CA PHE D 368 26.85 27.61 -19.86
C PHE D 368 27.05 28.67 -18.78
N TRP D 369 26.48 29.87 -18.98
CA TRP D 369 26.70 30.96 -18.03
C TRP D 369 25.99 30.71 -16.70
N GLY D 370 24.85 30.03 -16.73
CA GLY D 370 24.17 29.71 -15.47
C GLY D 370 25.07 28.92 -14.52
N GLU D 371 25.80 27.94 -15.06
CA GLU D 371 26.69 27.15 -14.20
C GLU D 371 27.94 27.93 -13.84
N VAL D 372 28.54 28.64 -14.81
CA VAL D 372 29.71 29.46 -14.52
C VAL D 372 29.39 30.53 -13.48
N MET D 373 28.26 31.23 -13.67
CA MET D 373 27.92 32.31 -12.75
C MET D 373 27.53 31.77 -11.38
N SER D 374 27.00 30.54 -11.32
CA SER D 374 26.76 29.93 -10.02
C SER D 374 28.06 29.79 -9.24
N ALA D 375 29.14 29.41 -9.93
CA ALA D 375 30.44 29.32 -9.27
C ALA D 375 31.00 30.70 -8.95
N ARG D 376 30.89 31.65 -9.89
CA ARG D 376 31.44 32.98 -9.68
C ARG D 376 30.74 33.72 -8.53
N SER D 377 29.46 33.43 -8.31
CA SER D 377 28.66 34.13 -7.30
C SER D 377 28.65 33.44 -5.95
N GLY D 378 29.09 32.18 -5.88
CA GLY D 378 28.98 31.43 -4.65
C GLY D 378 27.67 30.71 -4.46
N LEU D 379 26.77 30.76 -5.45
CA LEU D 379 25.59 29.92 -5.39
C LEU D 379 25.98 28.45 -5.37
N TRP D 380 27.06 28.11 -6.09
CA TRP D 380 27.68 26.79 -6.06
C TRP D 380 29.11 26.94 -5.55
N THR D 381 29.61 25.89 -4.92
CA THR D 381 31.05 25.82 -4.69
C THR D 381 31.77 25.45 -5.99
N GLN D 382 33.07 25.72 -6.02
CA GLN D 382 33.86 25.37 -7.19
C GLN D 382 33.86 23.87 -7.43
N GLU D 383 33.91 23.08 -6.35
CA GLU D 383 33.87 21.63 -6.47
C GLU D 383 32.52 21.16 -7.01
N GLN D 384 31.43 21.78 -6.57
CA GLN D 384 30.11 21.44 -7.09
C GLN D 384 30.02 21.78 -8.58
N ALA D 385 30.49 22.97 -8.97
CA ALA D 385 30.41 23.37 -10.37
C ALA D 385 31.24 22.46 -11.26
N ARG D 386 32.40 22.03 -10.77
CA ARG D 386 33.28 21.20 -11.59
C ARG D 386 32.69 19.80 -11.77
N ASP D 387 32.12 19.21 -10.73
CA ASP D 387 31.48 17.90 -10.90
C ASP D 387 30.23 18.00 -11.76
N MET D 388 29.52 19.13 -11.72
CA MET D 388 28.40 19.30 -12.64
C MET D 388 28.89 19.32 -14.09
N LEU D 389 29.97 20.07 -14.35
CA LEU D 389 30.51 20.12 -15.71
C LEU D 389 30.98 18.74 -16.17
N ALA D 390 31.58 17.97 -15.26
CA ALA D 390 31.98 16.61 -15.60
C ALA D 390 30.78 15.76 -16.02
N GLY D 391 29.64 15.93 -15.33
CA GLY D 391 28.45 15.20 -15.71
C GLY D 391 27.94 15.59 -17.09
N VAL D 392 28.03 16.88 -17.43
CA VAL D 392 27.65 17.32 -18.77
C VAL D 392 28.58 16.70 -19.81
N ALA D 393 29.89 16.73 -19.55
CA ALA D 393 30.85 16.18 -20.50
C ALA D 393 30.63 14.69 -20.72
N ALA D 394 30.37 13.94 -19.63
CA ALA D 394 30.11 12.50 -19.78
C ALA D 394 28.83 12.25 -20.57
N GLN D 395 27.83 13.11 -20.39
CA GLN D 395 26.58 12.96 -21.14
C GLN D 395 26.86 12.93 -22.64
N TYR D 396 27.78 13.77 -23.11
CA TYR D 396 28.06 13.78 -24.53
C TYR D 396 29.21 12.86 -24.93
N GLU D 397 30.08 12.48 -24.00
CA GLU D 397 31.09 11.49 -24.36
C GLU D 397 30.49 10.09 -24.43
N ARG D 398 29.65 9.72 -23.46
CA ARG D 398 29.11 8.37 -23.37
C ARG D 398 27.60 8.29 -23.22
N GLY D 399 26.94 9.36 -22.80
CA GLY D 399 25.51 9.30 -22.53
C GLY D 399 24.60 9.71 -23.65
N ARG D 400 25.13 9.94 -24.86
CA ARG D 400 24.33 10.40 -26.00
C ARG D 400 24.69 9.61 -27.25
N PRO D 401 24.39 8.30 -27.28
CA PRO D 401 24.62 7.52 -28.50
C PRO D 401 23.79 8.00 -29.68
N GLY D 402 22.72 8.75 -29.46
CA GLY D 402 21.95 9.29 -30.56
C GLY D 402 22.72 10.30 -31.39
N MET D 403 23.82 10.80 -30.86
CA MET D 403 24.65 11.72 -31.62
C MET D 403 25.23 11.08 -32.89
N ALA D 404 25.23 9.75 -32.97
CA ALA D 404 25.73 9.08 -34.16
C ALA D 404 24.85 9.37 -35.37
N TRP D 405 23.58 9.69 -35.16
CA TRP D 405 22.65 9.90 -36.26
C TRP D 405 21.96 11.26 -36.23
N ARG D 406 21.90 11.94 -35.09
CA ARG D 406 21.20 13.21 -34.96
C ARG D 406 22.16 14.30 -34.52
N THR D 407 22.00 15.50 -35.07
CA THR D 407 22.86 16.62 -34.72
C THR D 407 22.23 17.44 -33.60
N VAL D 408 23.09 18.18 -32.89
CA VAL D 408 22.57 19.11 -31.89
C VAL D 408 21.70 20.17 -32.55
N GLN D 409 22.06 20.60 -33.76
CA GLN D 409 21.24 21.57 -34.47
C GLN D 409 19.81 21.08 -34.63
N ASP D 410 19.63 19.80 -34.99
CA ASP D 410 18.28 19.30 -35.19
C ASP D 410 17.47 19.27 -33.90
N THR D 411 18.13 19.21 -32.73
CA THR D 411 17.37 19.21 -31.49
C THR D 411 16.73 20.56 -31.18
N THR D 412 17.10 21.63 -31.89
CA THR D 412 16.35 22.86 -31.71
C THR D 412 14.90 22.74 -32.16
N ASN D 413 14.55 21.65 -32.85
CA ASN D 413 13.18 21.36 -33.23
C ASN D 413 12.43 20.55 -32.17
N ASP D 414 13.13 20.09 -31.13
CA ASP D 414 12.46 19.31 -30.09
C ASP D 414 11.33 20.03 -29.38
N PRO D 415 11.38 21.34 -29.10
CA PRO D 415 10.22 21.97 -28.45
C PRO D 415 8.92 21.76 -29.20
N THR D 416 8.92 21.94 -30.52
CA THR D 416 7.71 21.74 -31.32
C THR D 416 7.45 20.27 -31.60
N MET D 417 8.51 19.47 -31.78
CA MET D 417 8.33 18.04 -32.03
C MET D 417 7.72 17.33 -30.84
N SER D 418 8.20 17.64 -29.63
CA SER D 418 7.88 16.84 -28.45
C SER D 418 7.09 17.58 -27.38
N MET D 419 7.22 18.91 -27.30
CA MET D 419 6.54 19.68 -26.24
C MET D 419 6.87 19.11 -24.87
N ARG D 420 8.07 18.54 -24.73
CA ARG D 420 8.55 17.93 -23.48
C ARG D 420 7.66 16.78 -23.00
N ARG D 421 6.96 16.12 -23.93
CA ARG D 421 6.23 14.91 -23.58
C ARG D 421 7.21 13.76 -23.34
N PRO D 422 6.80 12.71 -22.62
CA PRO D 422 7.73 11.63 -22.29
C PRO D 422 8.32 10.98 -23.53
N LYS D 423 9.62 10.70 -23.50
CA LYS D 423 10.25 9.94 -24.56
C LYS D 423 11.03 8.78 -23.98
N ALA D 424 11.05 7.68 -24.74
CA ALA D 424 11.63 6.43 -24.26
C ALA D 424 13.13 6.54 -24.07
N TYR D 425 13.84 7.18 -25.01
CA TYR D 425 15.30 7.26 -24.97
C TYR D 425 15.74 8.68 -25.20
N ARG D 426 15.78 9.50 -24.16
CA ARG D 426 16.43 10.80 -24.29
C ARG D 426 17.85 10.67 -24.80
N ASN D 427 18.52 9.56 -24.47
CA ASN D 427 19.91 9.39 -24.86
C ASN D 427 20.09 9.00 -26.33
N TYR D 428 19.06 8.49 -26.98
CA TYR D 428 19.16 8.09 -28.37
C TYR D 428 18.29 8.91 -29.31
N GLN D 429 17.06 9.23 -28.92
CA GLN D 429 16.28 10.20 -29.68
C GLN D 429 16.89 11.59 -29.59
N MET D 430 17.67 11.86 -28.54
CA MET D 430 18.18 13.18 -28.14
C MET D 430 17.04 13.98 -27.52
N SER D 431 17.37 15.04 -26.79
CA SER D 431 16.34 15.81 -26.09
C SER D 431 16.88 17.20 -25.76
N GLU D 432 16.59 18.17 -26.63
CA GLU D 432 16.94 19.58 -26.38
C GLU D 432 18.40 19.75 -26.00
N ASP D 433 19.28 19.01 -26.71
CA ASP D 433 20.71 19.07 -26.44
C ASP D 433 21.34 20.39 -26.87
N TYR D 434 20.59 21.27 -27.55
CA TYR D 434 21.07 22.63 -27.76
C TYR D 434 21.34 23.33 -26.43
N TYR D 435 20.80 22.82 -25.32
CA TYR D 435 21.16 23.26 -23.98
C TYR D 435 22.57 22.81 -23.61
N SER D 436 22.70 21.54 -23.21
CA SER D 436 23.94 21.07 -22.60
C SER D 436 25.02 20.76 -23.61
N GLY D 437 24.64 20.27 -24.80
CA GLY D 437 25.59 20.18 -25.89
C GLY D 437 26.05 21.55 -26.35
N GLY D 438 25.11 22.50 -26.44
CA GLY D 438 25.50 23.87 -26.71
C GLY D 438 26.45 24.43 -25.69
N GLN D 439 26.19 24.16 -24.40
CA GLN D 439 27.10 24.57 -23.33
C GLN D 439 28.52 24.06 -23.58
N MET D 440 28.64 22.78 -23.97
CA MET D 440 29.97 22.22 -24.22
C MET D 440 30.64 22.91 -25.40
N MET D 441 29.88 23.21 -26.46
CA MET D 441 30.46 23.98 -27.55
C MET D 441 30.93 25.35 -27.08
N TRP D 442 30.13 26.02 -26.24
CA TRP D 442 30.55 27.34 -25.77
C TRP D 442 31.76 27.26 -24.86
N LEU D 443 31.90 26.18 -24.09
CA LEU D 443 33.14 25.94 -23.37
C LEU D 443 34.31 25.81 -24.34
N GLU D 444 34.10 25.09 -25.45
CA GLU D 444 35.18 24.98 -26.42
C GLU D 444 35.46 26.31 -27.11
N VAL D 445 34.40 27.10 -27.36
CA VAL D 445 34.59 28.45 -27.90
C VAL D 445 35.47 29.27 -26.97
N ASP D 446 35.19 29.23 -25.67
CA ASP D 446 36.02 29.92 -24.70
C ASP D 446 37.46 29.44 -24.80
N SER D 447 37.67 28.13 -24.85
CA SER D 447 39.03 27.60 -24.89
C SER D 447 39.76 28.02 -26.15
N LYS D 448 39.04 28.08 -27.29
CA LYS D 448 39.69 28.44 -28.54
C LYS D 448 40.03 29.93 -28.57
N LEU D 449 39.13 30.78 -28.05
CA LEU D 449 39.44 32.20 -27.93
C LEU D 449 40.70 32.43 -27.09
N ARG D 450 40.84 31.70 -25.99
CA ARG D 450 42.04 31.83 -25.17
C ARG D 450 43.28 31.39 -25.93
N ALA D 451 43.19 30.26 -26.64
CA ALA D 451 44.35 29.76 -27.37
C ALA D 451 44.77 30.71 -28.48
N LEU D 452 43.81 31.31 -29.17
CA LEU D 452 44.13 32.23 -30.25
C LEU D 452 44.78 33.52 -29.75
N THR D 453 44.59 33.88 -28.49
CA THR D 453 44.99 35.19 -27.98
C THR D 453 45.95 35.08 -26.79
N ASN D 454 46.55 33.92 -26.57
CA ASN D 454 47.45 33.71 -25.44
C ASN D 454 46.77 34.10 -24.14
N ASN D 455 45.48 33.73 -24.04
CA ASN D 455 44.63 33.92 -22.87
C ASN D 455 44.28 35.38 -22.60
N LYS D 456 44.54 36.29 -23.55
CA LYS D 456 44.08 37.66 -23.31
C LYS D 456 42.60 37.85 -23.59
N ARG D 457 42.01 36.99 -24.42
CA ARG D 457 40.59 37.03 -24.70
C ARG D 457 39.93 35.71 -24.31
N SER D 458 38.65 35.79 -23.97
CA SER D 458 37.89 34.62 -23.58
C SER D 458 36.44 34.83 -23.97
N ILE D 459 35.58 33.88 -23.61
CA ILE D 459 34.17 34.02 -23.96
C ILE D 459 33.54 35.21 -23.26
N ASP D 460 34.13 35.66 -22.14
CA ASP D 460 33.67 36.89 -21.50
C ASP D 460 33.69 38.06 -22.48
N ASP D 461 34.67 38.09 -23.37
CA ASP D 461 34.76 39.18 -24.34
C ASP D 461 33.65 39.09 -25.37
N PHE D 462 33.22 37.87 -25.74
CA PHE D 462 32.05 37.76 -26.61
C PHE D 462 30.80 38.25 -25.89
N GLY D 463 30.64 37.87 -24.62
CA GLY D 463 29.47 38.31 -23.87
C GLY D 463 29.33 39.82 -23.82
N LYS D 464 30.43 40.52 -23.51
CA LYS D 464 30.37 41.97 -23.48
C LYS D 464 30.12 42.53 -24.88
N ALA D 465 30.80 41.98 -25.89
CA ALA D 465 30.65 42.53 -27.24
C ALA D 465 29.27 42.27 -27.80
N PHE D 466 28.71 41.07 -27.54
CA PHE D 466 27.45 40.70 -28.17
C PHE D 466 26.24 41.19 -27.40
N PHE D 467 26.32 41.28 -26.07
CA PHE D 467 25.17 41.64 -25.26
C PHE D 467 25.34 42.94 -24.48
N GLY D 468 26.52 43.57 -24.51
CA GLY D 468 26.79 44.69 -23.64
C GLY D 468 26.46 46.07 -24.18
N MET D 469 25.95 46.17 -25.40
CA MET D 469 25.60 47.48 -25.93
C MET D 469 24.31 48.00 -25.30
N LYS D 470 24.13 49.31 -25.38
CA LYS D 470 22.83 49.97 -25.14
C LYS D 470 22.25 49.63 -23.77
N ASN D 471 22.98 50.03 -22.73
CA ASN D 471 22.52 49.84 -21.36
C ASN D 471 21.17 50.49 -21.14
N GLY D 472 20.29 49.79 -20.42
CA GLY D 472 18.96 50.26 -20.13
C GLY D 472 17.91 49.88 -21.15
N ASP D 473 18.31 49.57 -22.39
CA ASP D 473 17.35 49.14 -23.41
C ASP D 473 16.85 47.74 -23.13
N TRP D 474 15.52 47.56 -23.17
CA TRP D 474 14.96 46.22 -23.08
C TRP D 474 13.93 45.99 -24.19
N ASP D 475 14.15 46.61 -25.34
CA ASP D 475 13.50 46.20 -26.58
C ASP D 475 14.27 45.01 -27.16
N VAL D 476 13.75 44.45 -28.25
CA VAL D 476 14.39 43.29 -28.86
C VAL D 476 15.42 43.75 -29.88
N ASN D 477 16.65 43.21 -29.76
CA ASN D 477 17.75 43.50 -30.69
C ASN D 477 18.07 42.19 -31.42
N PRO D 478 17.50 41.96 -32.60
CA PRO D 478 17.63 40.64 -33.23
C PRO D 478 19.04 40.40 -33.76
N TYR D 479 19.36 39.12 -33.96
CA TYR D 479 20.63 38.72 -34.55
C TYR D 479 20.42 37.52 -35.47
N THR D 480 21.38 37.31 -36.37
CA THR D 480 21.43 36.14 -37.23
C THR D 480 22.69 35.33 -36.92
N PHE D 481 22.78 34.16 -37.55
CA PHE D 481 23.96 33.33 -37.41
C PHE D 481 25.23 34.11 -37.78
N ASP D 482 25.17 34.85 -38.89
CA ASP D 482 26.32 35.63 -39.34
C ASP D 482 26.73 36.68 -38.31
N ASP D 483 25.78 37.21 -37.54
CA ASP D 483 26.14 38.16 -36.49
C ASP D 483 26.96 37.50 -35.39
N ILE D 484 26.60 36.26 -35.02
CA ILE D 484 27.40 35.53 -34.04
C ILE D 484 28.83 35.37 -34.53
N VAL D 485 28.97 34.95 -35.79
CA VAL D 485 30.29 34.74 -36.38
C VAL D 485 31.09 36.04 -36.36
N SER D 486 30.49 37.14 -36.82
CA SER D 486 31.24 38.38 -36.96
C SER D 486 31.71 38.90 -35.60
N THR D 487 30.88 38.74 -34.57
CA THR D 487 31.26 39.21 -33.25
C THR D 487 32.37 38.35 -32.66
N LEU D 488 32.28 37.03 -32.83
CA LEU D 488 33.38 36.14 -32.44
C LEU D 488 34.66 36.49 -33.19
N ASN D 489 34.56 36.69 -34.51
CA ASN D 489 35.74 37.04 -35.30
C ASN D 489 36.35 38.35 -34.82
N GLY D 490 35.52 39.29 -34.36
CA GLY D 490 36.04 40.53 -33.81
C GLY D 490 36.80 40.36 -32.52
N VAL D 491 36.46 39.36 -31.72
CA VAL D 491 37.24 39.08 -30.52
C VAL D 491 38.58 38.47 -30.90
N ALA D 492 38.57 37.49 -31.80
CA ALA D 492 39.78 36.86 -32.30
C ALA D 492 39.49 36.26 -33.66
N ALA D 493 40.29 36.64 -34.66
CA ALA D 493 40.04 36.20 -36.02
C ALA D 493 40.19 34.68 -36.13
N PHE D 494 39.21 34.05 -36.79
CA PHE D 494 39.14 32.60 -36.91
C PHE D 494 37.91 32.29 -37.77
N ASP D 495 37.91 31.11 -38.39
CA ASP D 495 36.76 30.67 -39.20
C ASP D 495 35.70 30.14 -38.25
N TRP D 496 35.00 31.06 -37.59
CA TRP D 496 34.00 30.67 -36.60
C TRP D 496 32.78 30.03 -37.23
N ALA D 497 32.42 30.44 -38.45
CA ALA D 497 31.28 29.82 -39.10
C ALA D 497 31.48 28.32 -39.25
N SER D 498 32.65 27.90 -39.74
CA SER D 498 32.93 26.48 -39.88
C SER D 498 33.00 25.80 -38.52
N PHE D 499 33.56 26.47 -37.53
CA PHE D 499 33.65 25.87 -36.20
C PHE D 499 32.27 25.59 -35.63
N LEU D 500 31.38 26.60 -35.64
CA LEU D 500 30.05 26.41 -35.09
C LEU D 500 29.28 25.35 -35.85
N ARG D 501 29.33 25.40 -37.18
N ARG D 501 29.33 25.39 -37.19
CA ARG D 501 28.61 24.41 -37.99
CA ARG D 501 28.62 24.41 -38.00
C ARG D 501 29.16 23.01 -37.76
C ARG D 501 29.15 23.01 -37.76
N SER D 502 30.48 22.86 -37.66
CA SER D 502 31.06 21.54 -37.47
C SER D 502 30.59 20.90 -36.16
N ARG D 503 30.35 21.72 -35.13
CA ARG D 503 29.90 21.15 -33.86
C ARG D 503 28.39 20.93 -33.85
N MET D 504 27.63 21.91 -34.32
CA MET D 504 26.17 21.82 -34.26
C MET D 504 25.59 20.95 -35.37
N ASP D 505 26.26 20.85 -36.51
CA ASP D 505 25.83 20.00 -37.62
C ASP D 505 26.59 18.69 -37.68
N GLY D 506 27.46 18.42 -36.70
CA GLY D 506 28.32 17.26 -36.73
C GLY D 506 27.83 16.14 -35.82
N HIS D 507 28.58 15.04 -35.86
CA HIS D 507 28.32 13.88 -35.03
C HIS D 507 29.51 13.55 -34.13
N GLY D 508 30.54 14.40 -34.12
CA GLY D 508 31.75 14.14 -33.39
C GLY D 508 31.73 14.70 -31.97
N SER D 509 32.90 14.69 -31.35
CA SER D 509 33.00 15.07 -29.95
C SER D 509 32.69 16.54 -29.73
N LEU D 510 31.97 16.83 -28.65
CA LEU D 510 31.72 18.21 -28.26
C LEU D 510 32.50 18.62 -27.02
N ILE D 511 33.30 17.73 -26.44
CA ILE D 511 33.90 17.97 -25.12
C ILE D 511 35.33 18.47 -25.22
N GLY D 512 35.78 18.90 -26.41
CA GLY D 512 37.15 19.35 -26.58
C GLY D 512 37.52 20.55 -25.72
N GLY D 513 36.54 21.33 -25.27
CA GLY D 513 36.83 22.46 -24.41
C GLY D 513 37.36 22.06 -23.04
N ILE D 514 37.08 20.83 -22.60
CA ILE D 514 37.62 20.34 -21.34
C ILE D 514 39.13 20.23 -21.42
N GLU D 515 39.62 19.45 -22.39
CA GLU D 515 41.06 19.25 -22.53
C GLU D 515 41.78 20.56 -22.84
N ALA D 516 41.23 21.38 -23.73
CA ALA D 516 41.91 22.60 -24.13
C ALA D 516 42.08 23.56 -22.95
N ASN D 517 41.15 23.52 -22.00
CA ASN D 517 41.22 24.40 -20.83
C ASN D 517 41.89 23.73 -19.63
N GLY D 518 42.58 22.60 -19.84
CA GLY D 518 43.52 22.10 -18.86
C GLY D 518 43.08 20.92 -18.03
N TRP D 519 41.94 20.30 -18.34
CA TRP D 519 41.41 19.20 -17.54
C TRP D 519 41.07 18.02 -18.43
N LYS D 520 40.73 16.91 -17.79
CA LYS D 520 40.43 15.66 -18.50
C LYS D 520 39.21 15.00 -17.83
N LEU D 521 38.28 14.52 -18.66
CA LEU D 521 37.13 13.81 -18.15
C LEU D 521 37.53 12.38 -17.78
N VAL D 522 37.30 12.00 -16.52
CA VAL D 522 37.61 10.65 -16.04
C VAL D 522 36.39 10.07 -15.36
N TYR D 523 36.42 8.74 -15.15
CA TYR D 523 35.38 8.01 -14.46
C TYR D 523 36.01 7.12 -13.39
N ASN D 524 35.39 7.05 -12.22
CA ASN D 524 35.87 6.18 -11.15
C ASN D 524 34.70 5.89 -10.21
N ASP D 525 34.97 5.16 -9.13
CA ASP D 525 33.89 4.77 -8.23
C ASP D 525 33.55 5.84 -7.20
N GLU D 526 34.21 6.99 -7.24
CA GLU D 526 33.85 8.09 -6.36
C GLU D 526 32.57 8.74 -6.86
N PRO D 527 31.54 8.88 -6.03
CA PRO D 527 30.28 9.44 -6.51
C PRO D 527 30.46 10.86 -7.03
N ASN D 528 29.73 11.18 -8.10
CA ASN D 528 29.64 12.55 -8.57
C ASN D 528 28.75 13.34 -7.62
N LEU D 529 29.22 14.54 -7.23
CA LEU D 529 28.52 15.31 -6.21
C LEU D 529 27.06 15.57 -6.57
N ALA D 530 26.81 15.87 -7.85
CA ALA D 530 25.43 16.10 -8.29
C ALA D 530 24.62 14.82 -8.23
N THR D 531 25.17 13.73 -8.79
CA THR D 531 24.45 12.46 -8.78
C THR D 531 24.15 12.01 -7.36
N LYS D 532 25.13 12.12 -6.47
CA LYS D 532 24.92 11.71 -5.08
C LYS D 532 23.79 12.50 -4.43
N THR D 533 23.82 13.82 -4.58
CA THR D 533 22.75 14.64 -4.01
C THR D 533 21.41 14.31 -4.65
N ASP D 534 21.41 14.09 -5.97
CA ASP D 534 20.15 13.79 -6.65
C ASP D 534 19.65 12.39 -6.33
N GLU D 535 20.56 11.45 -6.02
CA GLU D 535 20.13 10.10 -5.67
C GLU D 535 19.59 10.02 -4.25
N SER D 536 20.32 10.62 -3.31
CA SER D 536 20.16 10.31 -1.89
C SER D 536 18.82 10.79 -1.33
N ASP D 537 18.59 10.43 -0.07
CA ASP D 537 17.34 10.67 0.66
C ASP D 537 16.23 9.79 0.10
N ASP D 538 16.15 9.64 -1.21
CA ASP D 538 15.24 8.67 -1.80
C ASP D 538 15.93 7.33 -2.08
N LYS D 539 17.25 7.28 -1.95
CA LYS D 539 18.04 6.06 -2.17
C LYS D 539 17.85 5.48 -3.57
N ASP D 540 17.88 6.34 -4.58
CA ASP D 540 17.82 5.85 -5.95
C ASP D 540 19.23 5.42 -6.39
N ALA D 541 19.33 4.87 -7.60
CA ALA D 541 20.59 4.38 -8.12
C ALA D 541 20.75 4.79 -9.57
N SER D 542 21.62 5.77 -9.82
CA SER D 542 21.99 6.17 -11.18
C SER D 542 23.20 5.34 -11.60
N LEU D 543 23.02 4.49 -12.61
CA LEU D 543 24.07 3.57 -13.02
C LEU D 543 24.35 3.69 -14.52
N THR D 544 24.25 4.91 -15.04
CA THR D 544 24.31 5.12 -16.50
C THR D 544 25.59 4.56 -17.09
N TYR D 545 26.73 4.79 -16.42
CA TYR D 545 28.01 4.45 -17.01
C TYR D 545 28.55 3.11 -16.53
N SER D 546 27.77 2.36 -15.75
CA SER D 546 28.13 0.98 -15.43
C SER D 546 27.14 0.02 -16.10
N LEU D 547 25.96 -0.15 -15.50
CA LEU D 547 24.96 -1.05 -16.07
C LEU D 547 24.11 -0.39 -17.16
N GLY D 548 24.27 0.90 -17.40
CA GLY D 548 23.51 1.53 -18.46
C GLY D 548 22.03 1.70 -18.14
N MET D 549 21.70 2.02 -16.90
CA MET D 549 20.32 2.29 -16.52
C MET D 549 20.31 3.08 -15.23
N SER D 550 19.14 3.64 -14.93
CA SER D 550 18.89 4.28 -13.65
C SER D 550 17.69 3.62 -13.01
N LEU D 551 17.69 3.57 -11.69
CA LEU D 551 16.64 2.88 -10.96
C LEU D 551 16.14 3.75 -9.81
N LYS D 552 14.86 3.59 -9.49
CA LYS D 552 14.31 4.10 -8.25
C LYS D 552 14.62 3.13 -7.12
N ALA D 553 14.44 3.62 -5.88
CA ALA D 553 14.67 2.78 -4.71
C ALA D 553 13.80 1.53 -4.74
N SER D 554 12.63 1.62 -5.37
CA SER D 554 11.74 0.48 -5.51
C SER D 554 12.30 -0.62 -6.40
N GLY D 555 13.35 -0.33 -7.18
CA GLY D 555 13.82 -1.25 -8.19
C GLY D 555 13.27 -0.99 -9.58
N ASP D 556 12.27 -0.12 -9.71
CA ASP D 556 11.76 0.23 -11.04
C ASP D 556 12.85 0.94 -11.84
N ILE D 557 13.04 0.48 -13.08
CA ILE D 557 13.98 1.16 -13.97
C ILE D 557 13.35 2.46 -14.46
N SER D 558 14.09 3.57 -14.30
CA SER D 558 13.60 4.88 -14.70
C SER D 558 14.23 5.38 -16.00
N ASP D 559 15.29 4.75 -16.46
CA ASP D 559 15.96 5.14 -17.70
C ASP D 559 16.88 4.02 -18.12
N VAL D 560 17.03 3.85 -19.44
CA VAL D 560 17.92 2.83 -20.00
C VAL D 560 18.76 3.47 -21.11
N LEU D 561 20.07 3.30 -21.03
CA LEU D 561 20.99 3.82 -22.03
C LEU D 561 20.99 2.90 -23.26
N TRP D 562 20.71 3.49 -24.43
CA TRP D 562 20.75 2.76 -25.69
C TRP D 562 22.09 2.05 -25.88
N ASP D 563 22.02 0.77 -26.27
CA ASP D 563 23.16 -0.10 -26.52
C ASP D 563 24.01 -0.39 -25.29
N GLY D 564 23.52 -0.05 -24.09
CA GLY D 564 24.21 -0.38 -22.86
C GLY D 564 23.87 -1.77 -22.38
N PRO D 565 24.47 -2.19 -21.26
CA PRO D 565 24.23 -3.57 -20.79
C PRO D 565 22.76 -3.89 -20.49
N ALA D 566 22.06 -3.00 -19.79
CA ALA D 566 20.65 -3.24 -19.50
C ALA D 566 19.83 -3.32 -20.78
N PHE D 567 20.08 -2.39 -21.71
CA PHE D 567 19.43 -2.42 -23.02
C PHE D 567 19.66 -3.76 -23.72
N ASN D 568 20.87 -4.29 -23.64
CA ASN D 568 21.17 -5.54 -24.35
C ASN D 568 20.56 -6.75 -23.69
N ALA D 569 20.05 -6.62 -22.46
CA ALA D 569 19.25 -7.68 -21.85
C ALA D 569 17.76 -7.52 -22.15
N GLY D 570 17.41 -6.62 -23.07
CA GLY D 570 16.02 -6.39 -23.41
C GLY D 570 15.27 -5.51 -22.42
N LEU D 571 15.96 -4.97 -21.41
CA LEU D 571 15.29 -4.22 -20.36
C LEU D 571 14.81 -2.87 -20.88
N ILE D 572 13.63 -2.45 -20.40
CA ILE D 572 13.11 -1.13 -20.72
C ILE D 572 12.67 -0.46 -19.43
N THR D 573 12.65 0.87 -19.47
CA THR D 573 12.06 1.67 -18.41
C THR D 573 10.67 1.16 -18.05
N GLY D 574 10.42 0.97 -16.76
CA GLY D 574 9.18 0.41 -16.30
C GLY D 574 9.29 -1.04 -15.88
N ASN D 575 10.24 -1.79 -16.45
CA ASN D 575 10.59 -3.07 -15.87
C ASN D 575 11.15 -2.85 -14.46
N THR D 576 11.16 -3.90 -13.66
CA THR D 576 11.58 -3.81 -12.25
C THR D 576 12.70 -4.80 -11.97
N ILE D 577 13.77 -4.33 -11.35
CA ILE D 577 14.80 -5.22 -10.83
C ILE D 577 14.33 -5.71 -9.46
N VAL D 578 13.95 -6.98 -9.37
CA VAL D 578 13.39 -7.53 -8.14
C VAL D 578 14.49 -7.97 -7.18
N ALA D 579 15.53 -8.62 -7.71
CA ALA D 579 16.59 -9.14 -6.86
C ALA D 579 17.91 -9.07 -7.59
N VAL D 580 18.99 -9.07 -6.82
CA VAL D 580 20.36 -9.03 -7.33
C VAL D 580 21.12 -10.17 -6.68
N ASN D 581 21.56 -11.13 -7.50
CA ASN D 581 22.22 -12.34 -7.00
C ASN D 581 21.37 -13.03 -5.94
N GLY D 582 20.04 -13.00 -6.13
CA GLY D 582 19.12 -13.64 -5.23
C GLY D 582 18.65 -12.80 -4.05
N ARG D 583 19.24 -11.63 -3.83
CA ARG D 583 18.89 -10.79 -2.71
C ARG D 583 17.94 -9.67 -3.15
N ALA D 584 16.90 -9.43 -2.34
CA ALA D 584 15.91 -8.40 -2.64
C ALA D 584 16.58 -7.08 -2.97
N PHE D 585 16.07 -6.41 -4.01
CA PHE D 585 16.76 -5.23 -4.51
C PHE D 585 16.81 -4.11 -3.48
N SER D 586 17.95 -3.45 -3.42
CA SER D 586 18.07 -2.10 -2.89
C SER D 586 19.19 -1.43 -3.67
N SER D 587 19.26 -0.10 -3.57
CA SER D 587 20.34 0.61 -4.26
C SER D 587 21.71 0.16 -3.75
N ASP D 588 21.86 0.02 -2.44
CA ASP D 588 23.14 -0.45 -1.90
C ASP D 588 23.44 -1.86 -2.39
N VAL D 589 22.42 -2.72 -2.47
CA VAL D 589 22.64 -4.11 -2.87
C VAL D 589 23.15 -4.17 -4.31
N ILE D 590 22.53 -3.41 -5.22
CA ILE D 590 22.97 -3.50 -6.61
C ILE D 590 24.32 -2.83 -6.79
N LYS D 591 24.58 -1.73 -6.07
CA LYS D 591 25.90 -1.10 -6.16
C LYS D 591 26.98 -2.03 -5.63
N ASP D 592 26.72 -2.69 -4.50
CA ASP D 592 27.68 -3.65 -3.95
C ASP D 592 27.93 -4.79 -4.93
N ALA D 593 26.88 -5.27 -5.61
CA ALA D 593 27.07 -6.35 -6.56
C ALA D 593 27.89 -5.90 -7.76
N ILE D 594 27.70 -4.66 -8.21
CA ILE D 594 28.51 -4.14 -9.30
C ILE D 594 29.98 -4.09 -8.90
N THR D 595 30.26 -3.58 -7.69
CA THR D 595 31.64 -3.54 -7.21
C THR D 595 32.20 -4.94 -7.07
N ALA D 596 31.42 -5.89 -6.56
CA ALA D 596 31.91 -7.25 -6.41
C ALA D 596 32.22 -7.89 -7.75
N ALA D 597 31.57 -7.44 -8.82
CA ALA D 597 31.83 -7.99 -10.15
C ALA D 597 33.01 -7.31 -10.84
N LYS D 598 33.59 -6.27 -10.27
CA LYS D 598 34.69 -5.57 -10.92
C LYS D 598 35.89 -6.47 -11.05
N GLY D 599 36.34 -6.69 -12.29
CA GLY D 599 37.51 -7.49 -12.55
C GLY D 599 37.33 -8.99 -12.53
N THR D 600 36.11 -9.48 -12.33
CA THR D 600 35.86 -10.91 -12.30
C THR D 600 35.23 -11.36 -13.62
N THR D 601 34.92 -12.65 -13.70
CA THR D 601 34.20 -13.21 -14.83
C THR D 601 32.85 -13.79 -14.42
N VAL D 602 32.36 -13.48 -13.21
CA VAL D 602 31.09 -13.98 -12.72
C VAL D 602 30.03 -12.91 -13.01
N PRO D 603 29.06 -13.18 -13.88
CA PRO D 603 28.07 -12.15 -14.23
C PRO D 603 27.18 -11.79 -13.05
N ILE D 604 26.62 -10.59 -13.13
CA ILE D 604 25.64 -10.13 -12.14
C ILE D 604 24.28 -10.70 -12.52
N GLU D 605 23.64 -11.41 -11.59
CA GLU D 605 22.35 -12.05 -11.84
C GLU D 605 21.23 -11.15 -11.36
N LEU D 606 20.40 -10.69 -12.30
CA LEU D 606 19.27 -9.81 -12.00
C LEU D 606 17.97 -10.56 -12.21
N LEU D 607 17.15 -10.63 -11.16
CA LEU D 607 15.78 -11.11 -11.28
C LEU D 607 14.91 -9.92 -11.68
N VAL D 608 14.24 -10.03 -12.83
CA VAL D 608 13.55 -8.91 -13.47
C VAL D 608 12.07 -9.22 -13.59
N LYS D 609 11.23 -8.22 -13.30
CA LYS D 609 9.80 -8.30 -13.57
C LYS D 609 9.50 -7.47 -14.82
N ARG D 610 9.00 -8.13 -15.86
CA ARG D 610 8.57 -7.47 -17.10
C ARG D 610 7.08 -7.69 -17.22
N LEU D 611 6.29 -6.64 -17.01
CA LEU D 611 4.84 -6.75 -16.86
C LEU D 611 4.56 -7.81 -15.79
N ASP D 612 3.88 -8.89 -16.15
CA ASP D 612 3.52 -9.94 -15.19
C ASP D 612 4.43 -11.17 -15.28
N ARG D 613 5.64 -11.01 -15.80
CA ARG D 613 6.56 -12.12 -15.98
C ARG D 613 7.86 -11.85 -15.22
N TYR D 614 8.46 -12.94 -14.73
CA TYR D 614 9.74 -12.88 -14.02
C TYR D 614 10.77 -13.70 -14.78
N ASP D 615 11.96 -13.13 -14.96
CA ASP D 615 13.05 -13.88 -15.55
C ASP D 615 14.36 -13.38 -14.94
N THR D 616 15.40 -14.19 -15.08
CA THR D 616 16.73 -13.85 -14.59
C THR D 616 17.67 -13.61 -15.75
N VAL D 617 18.35 -12.47 -15.73
CA VAL D 617 19.35 -12.15 -16.75
C VAL D 617 20.71 -12.10 -16.09
N ARG D 618 21.73 -12.50 -16.84
CA ARG D 618 23.11 -12.48 -16.40
C ARG D 618 23.84 -11.41 -17.20
N ILE D 619 24.34 -10.39 -16.51
CA ILE D 619 24.99 -9.25 -17.15
C ILE D 619 26.48 -9.37 -16.90
N ASP D 620 27.25 -9.52 -17.98
CA ASP D 620 28.70 -9.67 -17.89
C ASP D 620 29.36 -8.30 -17.93
N TYR D 621 29.11 -7.52 -16.87
CA TYR D 621 29.71 -6.20 -16.72
C TYR D 621 30.67 -6.22 -15.54
N HIS D 622 31.93 -5.83 -15.79
CA HIS D 622 32.97 -5.95 -14.79
C HIS D 622 33.81 -4.69 -14.65
N GLY D 623 33.27 -3.53 -15.02
CA GLY D 623 33.96 -2.27 -14.88
C GLY D 623 33.76 -1.56 -13.55
N GLY D 624 32.87 -2.05 -12.70
CA GLY D 624 32.62 -1.42 -11.43
C GLY D 624 31.80 -0.16 -11.58
N LEU D 625 31.60 0.53 -10.46
CA LEU D 625 30.87 1.79 -10.48
C LEU D 625 31.71 2.86 -11.17
N LEU D 626 31.06 3.65 -12.04
CA LEU D 626 31.77 4.65 -12.84
C LEU D 626 30.96 5.94 -12.86
N TYR D 627 31.51 6.98 -12.24
CA TYR D 627 30.93 8.31 -12.19
C TYR D 627 31.93 9.33 -12.72
N PRO D 628 31.48 10.35 -13.44
CA PRO D 628 32.42 11.27 -14.10
C PRO D 628 32.97 12.34 -13.16
N HIS D 629 34.22 12.69 -13.39
CA HIS D 629 34.90 13.78 -12.70
C HIS D 629 35.88 14.41 -13.68
N LEU D 630 36.37 15.60 -13.34
CA LEU D 630 37.44 16.24 -14.09
C LEU D 630 38.71 16.19 -13.27
N GLU D 631 39.83 15.88 -13.95
CA GLU D 631 41.15 15.87 -13.34
C GLU D 631 42.07 16.77 -14.14
N ARG D 632 43.00 17.42 -13.43
CA ARG D 632 43.93 18.33 -14.07
C ARG D 632 44.85 17.57 -15.02
N ILE D 633 45.18 18.21 -16.14
CA ILE D 633 46.25 17.75 -17.02
C ILE D 633 47.50 18.52 -16.61
N ALA D 634 48.39 17.87 -15.87
CA ALA D 634 49.59 18.55 -15.39
C ALA D 634 50.41 19.05 -16.57
N GLY D 635 51.03 20.22 -16.40
CA GLY D 635 51.76 20.85 -17.47
C GLY D 635 50.94 21.80 -18.31
N LYS D 636 49.56 21.65 -18.32
CA LYS D 636 48.79 22.57 -19.13
C LYS D 636 48.24 23.70 -18.27
N PRO D 637 48.07 24.89 -18.84
CA PRO D 637 47.48 26.00 -18.08
C PRO D 637 46.05 25.66 -17.66
N ASP D 638 45.70 26.02 -16.43
CA ASP D 638 44.37 25.76 -15.89
C ASP D 638 43.48 26.94 -16.25
N ARG D 639 43.01 26.95 -17.50
CA ARG D 639 42.09 28.00 -17.93
C ARG D 639 40.70 27.80 -17.35
N LEU D 640 40.33 26.53 -17.09
CA LEU D 640 38.98 26.25 -16.61
C LEU D 640 38.71 26.96 -15.28
N SER D 641 39.67 26.91 -14.36
CA SER D 641 39.49 27.57 -13.07
C SER D 641 39.40 29.09 -13.24
N GLU D 642 40.15 29.65 -14.20
CA GLU D 642 40.02 31.08 -14.48
C GLU D 642 38.62 31.41 -14.96
N LEU D 643 38.08 30.60 -15.87
CA LEU D 643 36.73 30.81 -16.37
C LEU D 643 35.71 30.81 -15.23
N TYR D 644 35.86 29.89 -14.28
CA TYR D 644 34.91 29.71 -13.20
C TYR D 644 35.21 30.59 -11.99
N LYS D 645 36.22 31.46 -12.07
CA LYS D 645 36.62 32.31 -10.97
C LYS D 645 35.80 33.59 -10.93
N ALA D 646 35.45 34.02 -9.72
CA ALA D 646 34.74 35.29 -9.55
C ALA D 646 35.59 36.44 -10.07
N ARG D 647 34.94 37.37 -10.78
CA ARG D 647 35.61 38.57 -11.27
C ARG D 647 35.41 39.72 -10.30
#